data_2DQB
#
_entry.id   2DQB
#
_cell.length_a   74.1
_cell.length_b   84.2
_cell.length_c   108.0
_cell.angle_alpha   110.2
_cell.angle_beta   109.7
_cell.angle_gamma   94.4
#
_symmetry.space_group_name_H-M   'P 1'
#
loop_
_entity.id
_entity.type
_entity.pdbx_description
1 polymer 'Deoxyguanosinetriphosphate triphosphohydrolase, putative'
2 non-polymer 'MAGNESIUM ION'
3 water water
#
_entity_poly.entity_id   1
_entity_poly.type   'polypeptide(L)'
_entity_poly.pdbx_seq_one_letter_code
;(MSE)RFSREALLELEASRLAPYAQKARDTRGRAHPEPESLYRTPYQKDRDRILHTTAFRRLEYKTQVLPGWAGDYYRTR
LTHTLEVAQVSRSIARALGLNEDLTEAIALSHDLGHPPFGHTGEHVLNAL(MSE)QDHGGFEHNAQALRILTHLEVRYPG
FRGLNLTYEVLEGIATHEAAYSPGFKPLYEGQGTLEAQVVDLSDAIAYAAHDLDDGFRAGLLHPEELKEVELLQALALEE
GLDLLRLPELDRRVLVRQLLGYFITAAIEATHRRVEEAGVQSAEAVRRHPSRLAALGEEAEKALKALKAFL(MSE)ERFY
RHPEVLRERRKAEAVLEGLFAAYTRYPELLPREVQAKIPEEGLERAVCDYIAG(MSE)TDRFALEAYRRLSP
;
_entity_poly.pdbx_strand_id   A,B,C,D,E,F
#
# COMPACT_ATOMS: atom_id res chain seq x y z
N ARG A 2 43.37 40.32 -6.11
CA ARG A 2 43.24 38.91 -6.38
C ARG A 2 44.23 38.21 -5.49
N PHE A 3 43.72 37.44 -4.54
CA PHE A 3 44.57 36.70 -3.61
C PHE A 3 44.93 35.34 -4.16
N SER A 4 46.21 35.16 -4.46
CA SER A 4 46.66 33.91 -5.03
C SER A 4 46.97 32.91 -3.91
N ARG A 5 47.15 31.66 -4.33
CA ARG A 5 47.48 30.60 -3.39
C ARG A 5 48.64 31.11 -2.54
N GLU A 6 49.67 31.60 -3.24
CA GLU A 6 50.88 32.14 -2.63
C GLU A 6 50.58 33.21 -1.58
N ALA A 7 49.71 34.14 -1.91
CA ALA A 7 49.35 35.19 -0.97
C ALA A 7 48.63 34.59 0.23
N LEU A 8 47.72 33.66 -0.02
CA LEU A 8 46.95 33.04 1.07
C LEU A 8 47.91 32.26 1.97
N LEU A 9 48.79 31.47 1.36
CA LEU A 9 49.75 30.71 2.13
C LEU A 9 50.56 31.64 3.01
N GLU A 10 50.96 32.79 2.47
CA GLU A 10 51.73 33.73 3.27
C GLU A 10 50.88 34.30 4.39
N LEU A 11 49.65 34.72 4.06
CA LEU A 11 48.76 35.25 5.08
C LEU A 11 48.51 34.22 6.17
N GLU A 12 48.15 33.01 5.77
CA GLU A 12 47.87 31.93 6.72
C GLU A 12 48.97 31.93 7.78
N ALA A 13 50.22 31.73 7.35
CA ALA A 13 51.34 31.76 8.28
C ALA A 13 51.41 33.20 8.77
N SER A 14 51.85 33.39 10.00
CA SER A 14 51.95 34.71 10.61
C SER A 14 50.59 35.11 11.23
N ARG A 15 49.51 34.51 10.74
CA ARG A 15 48.19 34.78 11.31
C ARG A 15 47.78 33.69 12.29
N LEU A 16 48.13 32.46 11.95
CA LEU A 16 47.83 31.29 12.77
C LEU A 16 48.79 31.16 13.94
N ALA A 17 48.38 30.39 14.95
CA ALA A 17 49.23 30.15 16.12
C ALA A 17 50.38 29.29 15.65
N PRO A 18 51.51 29.33 16.37
CA PRO A 18 52.71 28.55 16.01
C PRO A 18 52.42 27.05 15.85
N TYR A 19 51.69 26.52 16.82
CA TYR A 19 51.33 25.10 16.87
C TYR A 19 50.25 24.69 15.89
N ALA A 20 49.72 25.65 15.13
CA ALA A 20 48.69 25.33 14.15
C ALA A 20 49.37 24.87 12.88
N GLN A 21 48.69 24.02 12.12
CA GLN A 21 49.26 23.50 10.87
C GLN A 21 49.18 24.53 9.73
N LYS A 22 50.33 25.00 9.26
CA LYS A 22 50.33 25.94 8.13
C LYS A 22 50.23 25.13 6.84
N ALA A 23 49.38 25.56 5.90
CA ALA A 23 49.25 24.78 4.67
C ALA A 23 50.57 24.69 3.86
N ARG A 24 51.44 25.68 4.00
CA ARG A 24 52.70 25.67 3.25
C ARG A 24 53.68 24.58 3.73
N ASP A 25 53.45 24.05 4.93
CA ASP A 25 54.30 23.01 5.50
C ASP A 25 53.76 21.62 5.22
N THR A 26 52.86 21.53 4.25
CA THR A 26 52.25 20.26 3.90
C THR A 26 53.24 19.27 3.31
N ARG A 27 52.97 17.98 3.54
CA ARG A 27 53.81 16.92 3.00
C ARG A 27 53.31 16.61 1.62
N GLY A 28 52.24 17.27 1.25
CA GLY A 28 51.71 17.09 -0.08
C GLY A 28 50.77 15.94 -0.30
N ARG A 29 50.56 15.68 -1.58
CA ARG A 29 49.67 14.65 -2.06
C ARG A 29 50.44 13.45 -2.58
N ALA A 30 49.78 12.31 -2.64
CA ALA A 30 50.40 11.09 -3.15
C ALA A 30 50.80 11.30 -4.61
N HIS A 31 49.82 11.53 -5.46
CA HIS A 31 50.06 11.71 -6.88
C HIS A 31 50.34 13.17 -7.19
N PRO A 32 51.18 13.43 -8.19
CA PRO A 32 51.49 14.81 -8.55
C PRO A 32 50.46 15.46 -9.47
N GLU A 33 50.13 16.70 -9.15
CA GLU A 33 49.21 17.48 -9.95
C GLU A 33 49.67 18.93 -9.83
N PRO A 34 49.44 19.74 -10.88
CA PRO A 34 49.87 21.13 -10.82
C PRO A 34 49.24 21.85 -9.62
N GLU A 35 50.02 22.70 -8.97
CA GLU A 35 49.53 23.46 -7.83
C GLU A 35 48.59 24.52 -8.41
N SER A 36 47.44 24.72 -7.78
CA SER A 36 46.49 25.69 -8.28
C SER A 36 46.83 27.13 -7.94
N LEU A 37 46.14 28.04 -8.60
CA LEU A 37 46.31 29.45 -8.33
C LEU A 37 44.99 29.77 -7.65
N TYR A 38 45.04 30.53 -6.55
CA TYR A 38 43.85 30.91 -5.78
C TYR A 38 43.58 30.00 -4.59
N ARG A 39 43.42 28.70 -4.82
CA ARG A 39 43.12 27.79 -3.73
C ARG A 39 44.31 27.26 -2.92
N THR A 40 44.13 27.24 -1.60
CA THR A 40 45.12 26.71 -0.66
C THR A 40 44.95 25.18 -0.67
N PRO A 41 46.03 24.42 -0.39
CA PRO A 41 45.92 22.95 -0.40
C PRO A 41 44.69 22.37 0.33
N TYR A 42 44.42 22.86 1.53
CA TYR A 42 43.28 22.39 2.31
C TYR A 42 41.94 22.85 1.72
N GLN A 43 41.96 24.04 1.13
CA GLN A 43 40.78 24.62 0.51
C GLN A 43 40.39 23.71 -0.62
N LYS A 44 41.39 23.24 -1.36
CA LYS A 44 41.11 22.35 -2.47
C LYS A 44 40.53 21.04 -1.93
N ASP A 45 41.12 20.52 -0.85
CA ASP A 45 40.65 19.28 -0.25
C ASP A 45 39.16 19.44 0.11
N ARG A 46 38.81 20.55 0.77
CA ARG A 46 37.41 20.81 1.13
C ARG A 46 36.51 20.68 -0.08
N ASP A 47 36.90 21.33 -1.18
CA ASP A 47 36.14 21.30 -2.42
C ASP A 47 35.94 19.88 -2.98
N ARG A 48 36.98 19.07 -2.94
CA ARG A 48 36.85 17.71 -3.47
C ARG A 48 35.98 16.85 -2.56
N ILE A 49 36.22 16.95 -1.26
CA ILE A 49 35.42 16.17 -0.32
C ILE A 49 33.94 16.44 -0.56
N LEU A 50 33.56 17.72 -0.69
CA LEU A 50 32.16 18.10 -0.90
C LEU A 50 31.52 17.46 -2.11
N HIS A 51 32.30 17.23 -3.16
CA HIS A 51 31.77 16.64 -4.38
C HIS A 51 31.86 15.11 -4.48
N THR A 52 32.42 14.46 -3.47
CA THR A 52 32.51 13.01 -3.50
C THR A 52 31.10 12.45 -3.42
N THR A 53 30.94 11.20 -3.85
CA THR A 53 29.65 10.54 -3.79
C THR A 53 29.28 10.25 -2.32
N ALA A 54 30.25 9.78 -1.55
CA ALA A 54 30.01 9.48 -0.16
C ALA A 54 29.56 10.73 0.60
N PHE A 55 30.08 11.90 0.27
CA PHE A 55 29.61 13.06 1.01
C PHE A 55 28.14 13.31 0.69
N ARG A 56 27.79 13.09 -0.58
CA ARG A 56 26.43 13.29 -1.06
C ARG A 56 25.45 12.29 -0.41
N ARG A 57 25.85 11.04 -0.24
CA ARG A 57 24.99 10.01 0.37
C ARG A 57 24.67 10.33 1.83
N LEU A 58 25.52 11.16 2.44
CA LEU A 58 25.39 11.60 3.82
C LEU A 58 23.99 12.19 4.03
N GLU A 59 23.44 12.73 2.95
CA GLU A 59 22.12 13.33 3.02
C GLU A 59 21.02 12.26 2.98
N TYR A 60 21.41 11.02 2.72
CA TYR A 60 20.47 9.92 2.63
C TYR A 60 20.79 8.77 3.59
N LYS A 61 21.62 9.06 4.58
CA LYS A 61 22.01 8.15 5.65
C LYS A 61 21.69 8.93 6.93
N THR A 62 21.04 8.31 7.90
CA THR A 62 20.71 9.03 9.12
C THR A 62 21.64 8.78 10.31
N GLN A 63 21.58 9.69 11.28
CA GLN A 63 22.39 9.63 12.50
C GLN A 63 21.45 9.04 13.56
N VAL A 64 21.94 8.04 14.30
CA VAL A 64 21.17 7.38 15.36
C VAL A 64 20.34 6.18 14.87
N LEU A 65 19.17 6.43 14.29
CA LEU A 65 18.34 5.33 13.81
C LEU A 65 18.14 5.38 12.30
N PRO A 66 17.80 4.23 11.67
CA PRO A 66 17.58 4.15 10.23
C PRO A 66 16.58 5.18 9.68
N GLY A 67 16.89 5.68 8.48
CA GLY A 67 16.07 6.68 7.82
C GLY A 67 14.57 6.46 7.76
N TRP A 68 14.15 5.51 6.92
CA TRP A 68 12.74 5.19 6.72
C TRP A 68 11.75 5.68 7.78
N ALA A 69 10.60 6.16 7.31
CA ALA A 69 9.56 6.67 8.18
C ALA A 69 8.20 6.56 7.49
N TYR A 72 12.01 12.29 11.20
CA TYR A 72 12.73 13.53 11.48
C TYR A 72 13.90 13.33 12.44
N TYR A 73 15.00 12.79 11.94
CA TYR A 73 16.20 12.55 12.74
C TYR A 73 17.49 13.08 12.10
N ARG A 74 17.65 14.40 12.09
CA ARG A 74 18.84 15.03 11.54
C ARG A 74 19.30 14.57 10.15
N THR A 75 20.12 13.51 10.14
CA THR A 75 20.73 12.99 8.91
C THR A 75 22.23 13.12 9.14
N ARG A 76 23.02 12.20 8.60
CA ARG A 76 24.46 12.29 8.79
C ARG A 76 24.96 13.63 8.26
N LEU A 77 24.37 14.17 7.21
CA LEU A 77 24.83 15.47 6.69
C LEU A 77 24.62 16.61 7.70
N THR A 78 23.48 16.63 8.38
CA THR A 78 23.20 17.69 9.36
C THR A 78 24.22 17.58 10.47
N HIS A 79 24.50 16.35 10.88
CA HIS A 79 25.48 16.13 11.94
C HIS A 79 26.83 16.74 11.58
N THR A 80 27.34 16.32 10.43
CA THR A 80 28.62 16.77 9.88
C THR A 80 28.71 18.30 9.85
N LEU A 81 27.70 18.93 9.27
CA LEU A 81 27.66 20.38 9.23
C LEU A 81 27.79 20.91 10.65
N GLU A 82 27.12 20.28 11.61
CA GLU A 82 27.23 20.74 12.99
C GLU A 82 28.61 20.50 13.55
N VAL A 83 29.23 19.37 13.20
CA VAL A 83 30.58 19.12 13.70
C VAL A 83 31.52 20.16 13.06
N ALA A 84 31.26 20.48 11.79
CA ALA A 84 32.07 21.49 11.09
C ALA A 84 31.96 22.85 11.79
N GLN A 85 30.76 23.21 12.22
CA GLN A 85 30.52 24.50 12.91
C GLN A 85 31.23 24.60 14.26
N VAL A 86 31.11 23.53 15.04
CA VAL A 86 31.72 23.53 16.36
C VAL A 86 33.25 23.53 16.24
N SER A 87 33.79 22.65 15.40
CA SER A 87 35.22 22.56 15.28
C SER A 87 35.86 23.85 14.74
N ARG A 88 35.27 24.42 13.70
CA ARG A 88 35.78 25.65 13.11
C ARG A 88 35.74 26.77 14.13
N SER A 89 34.68 26.77 14.91
CA SER A 89 34.49 27.78 15.95
C SER A 89 35.60 27.67 16.97
N ILE A 90 35.83 26.46 17.47
CA ILE A 90 36.89 26.21 18.45
C ILE A 90 38.26 26.49 17.83
N ALA A 91 38.49 25.97 16.62
CA ALA A 91 39.77 26.18 15.96
C ALA A 91 40.10 27.66 15.83
N ARG A 92 39.15 28.44 15.34
CA ARG A 92 39.45 29.85 15.17
C ARG A 92 39.83 30.52 16.46
N ALA A 93 39.12 30.20 17.54
CA ALA A 93 39.42 30.78 18.83
C ALA A 93 40.85 30.45 19.26
N LEU A 94 41.33 29.28 18.83
CA LEU A 94 42.69 28.83 19.19
C LEU A 94 43.76 29.15 18.14
N GLY A 95 43.40 29.90 17.11
CA GLY A 95 44.37 30.23 16.09
C GLY A 95 44.84 29.03 15.28
N LEU A 96 43.99 28.00 15.22
CA LEU A 96 44.29 26.78 14.45
C LEU A 96 43.90 26.98 13.00
N ASN A 97 44.35 26.07 12.15
CA ASN A 97 44.03 26.15 10.72
C ASN A 97 42.54 25.77 10.54
N GLU A 98 41.72 26.73 10.13
CA GLU A 98 40.30 26.48 9.94
C GLU A 98 40.00 25.63 8.71
N ASP A 99 40.73 25.81 7.61
CA ASP A 99 40.47 25.00 6.42
C ASP A 99 40.81 23.54 6.65
N LEU A 100 41.84 23.30 7.46
CA LEU A 100 42.23 21.92 7.75
C LEU A 100 41.13 21.35 8.65
N THR A 101 40.80 22.10 9.69
CA THR A 101 39.75 21.65 10.60
C THR A 101 38.48 21.26 9.83
N GLU A 102 38.05 22.16 8.93
CA GLU A 102 36.84 21.95 8.15
C GLU A 102 36.93 20.71 7.28
N ALA A 103 38.00 20.63 6.50
CA ALA A 103 38.23 19.48 5.62
C ALA A 103 38.06 18.17 6.41
N ILE A 104 38.67 18.10 7.60
CA ILE A 104 38.56 16.90 8.40
C ILE A 104 37.13 16.63 8.88
N ALA A 105 36.45 17.65 9.40
CA ALA A 105 35.06 17.51 9.87
C ALA A 105 34.13 17.04 8.75
N LEU A 106 34.37 17.54 7.55
CA LEU A 106 33.55 17.17 6.38
C LEU A 106 33.80 15.74 5.87
N SER A 107 35.00 15.20 6.12
CA SER A 107 35.35 13.87 5.65
C SER A 107 35.39 12.69 6.66
N HIS A 108 35.60 12.99 7.94
CA HIS A 108 35.70 11.93 8.95
C HIS A 108 34.56 10.91 9.00
N ASP A 109 33.33 11.31 8.69
CA ASP A 109 32.22 10.36 8.76
C ASP A 109 31.74 9.79 7.44
N LEU A 110 32.57 9.92 6.40
CA LEU A 110 32.23 9.41 5.08
C LEU A 110 32.18 7.90 4.97
N GLY A 111 32.94 7.22 5.83
CA GLY A 111 33.00 5.77 5.72
C GLY A 111 31.96 4.94 6.46
N HIS A 112 30.98 5.61 7.04
CA HIS A 112 29.95 4.91 7.75
C HIS A 112 29.02 4.21 6.78
N PRO A 113 28.59 3.00 7.12
CA PRO A 113 27.68 2.28 6.24
C PRO A 113 26.27 2.81 6.50
N PRO A 114 25.27 2.30 5.78
CA PRO A 114 23.90 2.79 6.02
C PRO A 114 23.48 2.27 7.40
N PHE A 115 22.49 2.92 8.01
CA PHE A 115 21.97 2.53 9.32
C PHE A 115 22.87 2.89 10.52
N GLY A 116 22.93 4.20 10.78
CA GLY A 116 23.71 4.76 11.87
C GLY A 116 24.32 3.87 12.94
N HIS A 117 25.66 3.83 12.93
CA HIS A 117 26.50 3.05 13.84
C HIS A 117 26.17 1.58 13.99
N THR A 118 24.88 1.26 13.96
CA THR A 118 24.48 -0.13 14.03
C THR A 118 25.15 -0.79 12.82
N GLY A 119 25.18 -0.08 11.69
CA GLY A 119 25.80 -0.61 10.48
C GLY A 119 27.23 -1.10 10.69
N GLU A 120 28.06 -0.23 11.23
CA GLU A 120 29.46 -0.56 11.46
C GLU A 120 29.68 -1.78 12.34
N HIS A 121 28.84 -1.95 13.35
CA HIS A 121 28.95 -3.07 14.28
C HIS A 121 28.63 -4.41 13.63
N VAL A 122 27.58 -4.44 12.82
CA VAL A 122 27.20 -5.68 12.15
C VAL A 122 28.17 -5.99 11.01
N LEU A 123 28.60 -4.97 10.27
CA LEU A 123 29.55 -5.21 9.18
C LEU A 123 30.86 -5.73 9.75
N ASN A 124 31.36 -5.09 10.81
CA ASN A 124 32.61 -5.55 11.38
C ASN A 124 32.49 -7.01 11.84
N ALA A 125 31.34 -7.35 12.40
CA ALA A 125 31.09 -8.72 12.86
C ALA A 125 31.09 -9.68 11.68
N LEU A 126 30.36 -9.33 10.63
CA LEU A 126 30.30 -10.17 9.44
C LEU A 126 31.68 -10.33 8.77
N GLN A 128 34.69 -10.52 10.59
CA GLN A 128 35.64 -10.95 11.60
C GLN A 128 36.85 -11.73 11.04
N ASP A 129 36.60 -12.66 10.11
CA ASP A 129 37.70 -13.45 9.56
C ASP A 129 38.25 -12.90 8.25
N HIS A 130 37.80 -11.72 7.82
CA HIS A 130 38.26 -11.17 6.54
C HIS A 130 38.81 -9.77 6.60
N GLY A 131 39.28 -9.35 7.77
CA GLY A 131 39.85 -8.02 7.87
C GLY A 131 38.95 -7.05 8.63
N GLY A 132 37.74 -7.47 8.96
CA GLY A 132 36.84 -6.60 9.70
C GLY A 132 36.43 -5.35 8.95
N PHE A 133 35.74 -4.45 9.66
CA PHE A 133 35.28 -3.19 9.08
C PHE A 133 35.27 -2.10 10.13
N GLU A 134 35.83 -0.95 9.76
CA GLU A 134 35.92 0.20 10.66
C GLU A 134 35.64 1.47 9.82
N HIS A 135 34.78 2.36 10.33
CA HIS A 135 34.39 3.55 9.58
C HIS A 135 35.44 4.60 9.28
N ASN A 136 36.48 4.67 10.10
CA ASN A 136 37.54 5.63 9.85
C ASN A 136 38.41 5.11 8.71
N ALA A 137 38.71 3.82 8.77
CA ALA A 137 39.49 3.16 7.74
C ALA A 137 38.71 3.19 6.43
N GLN A 138 37.38 2.99 6.52
CA GLN A 138 36.55 3.01 5.33
C GLN A 138 36.55 4.38 4.67
N ALA A 139 36.56 5.43 5.46
CA ALA A 139 36.56 6.79 4.93
C ALA A 139 37.83 6.99 4.13
N LEU A 140 38.94 6.54 4.69
CA LEU A 140 40.24 6.65 4.04
C LEU A 140 40.25 5.85 2.74
N ARG A 141 39.72 4.64 2.83
CA ARG A 141 39.65 3.73 1.67
C ARG A 141 38.87 4.36 0.53
N ILE A 142 37.84 5.11 0.87
CA ILE A 142 37.01 5.80 -0.12
C ILE A 142 37.76 6.95 -0.79
N LEU A 143 38.45 7.73 0.03
CA LEU A 143 39.16 8.90 -0.44
C LEU A 143 40.50 8.61 -1.11
N THR A 144 41.03 7.40 -0.90
CA THR A 144 42.29 7.05 -1.54
C THR A 144 42.10 5.92 -2.54
N HIS A 145 40.95 5.27 -2.54
CA HIS A 145 40.80 4.12 -3.43
C HIS A 145 39.52 3.89 -4.20
N LEU A 146 38.39 3.92 -3.49
CA LEU A 146 37.09 3.64 -4.09
C LEU A 146 36.44 4.74 -4.92
N GLU A 147 36.62 5.99 -4.53
CA GLU A 147 36.03 7.09 -5.29
C GLU A 147 36.96 7.43 -6.46
N VAL A 148 36.46 7.36 -7.67
CA VAL A 148 37.26 7.70 -8.83
C VAL A 148 36.53 8.82 -9.55
N ARG A 149 37.04 10.04 -9.38
CA ARG A 149 36.45 11.25 -9.99
C ARG A 149 37.47 11.99 -10.87
N TYR A 150 38.72 11.55 -10.85
CA TYR A 150 39.77 12.17 -11.65
C TYR A 150 40.52 11.13 -12.45
N PRO A 151 40.58 11.31 -13.78
CA PRO A 151 41.31 10.34 -14.60
C PRO A 151 42.78 10.46 -14.22
N GLY A 152 43.47 9.34 -14.03
CA GLY A 152 44.87 9.43 -13.68
C GLY A 152 45.17 8.79 -12.34
N PHE A 153 44.14 8.62 -11.52
CA PHE A 153 44.31 8.00 -10.21
C PHE A 153 42.98 7.76 -9.52
N ARG A 154 42.96 6.75 -8.66
CA ARG A 154 41.79 6.42 -7.87
C ARG A 154 41.85 7.36 -6.67
N GLY A 155 40.71 7.66 -6.09
CA GLY A 155 40.73 8.55 -4.92
C GLY A 155 40.65 10.03 -5.23
N LEU A 156 40.91 10.83 -4.20
CA LEU A 156 40.84 12.27 -4.28
C LEU A 156 42.21 12.94 -4.21
N ASN A 157 43.26 12.16 -3.97
CA ASN A 157 44.60 12.70 -3.90
C ASN A 157 44.61 13.86 -2.89
N LEU A 158 44.16 13.60 -1.68
CA LEU A 158 44.11 14.67 -0.67
C LEU A 158 45.45 14.81 0.01
N THR A 159 45.62 15.95 0.66
CA THR A 159 46.83 16.26 1.38
C THR A 159 47.06 15.30 2.54
N TYR A 160 48.32 15.08 2.84
CA TYR A 160 48.70 14.19 3.90
C TYR A 160 47.96 14.55 5.19
N GLU A 161 47.96 15.84 5.49
CA GLU A 161 47.33 16.34 6.72
C GLU A 161 45.85 16.02 6.92
N VAL A 162 45.07 15.91 5.84
CA VAL A 162 43.66 15.60 5.97
C VAL A 162 43.49 14.10 6.15
N LEU A 163 44.28 13.31 5.42
CA LEU A 163 44.21 11.87 5.57
C LEU A 163 44.70 11.61 6.98
N GLU A 164 45.80 12.26 7.34
CA GLU A 164 46.36 12.09 8.67
C GLU A 164 45.26 12.35 9.68
N GLY A 165 44.52 13.43 9.47
CA GLY A 165 43.43 13.80 10.36
C GLY A 165 42.40 12.71 10.54
N ILE A 166 41.94 12.13 9.44
CA ILE A 166 40.94 11.08 9.49
C ILE A 166 41.45 9.84 10.28
N ALA A 167 42.71 9.51 10.07
CA ALA A 167 43.35 8.35 10.71
C ALA A 167 43.81 8.53 12.16
N THR A 168 44.12 9.76 12.58
CA THR A 168 44.58 10.00 13.94
C THR A 168 43.52 10.60 14.86
N HIS A 169 42.65 11.45 14.34
CA HIS A 169 41.62 12.04 15.17
C HIS A 169 40.86 10.83 15.72
N GLU A 170 40.35 10.91 16.94
CA GLU A 170 39.63 9.76 17.49
C GLU A 170 40.64 8.63 17.70
N ALA A 171 41.60 8.86 18.59
CA ALA A 171 42.64 7.88 18.89
C ALA A 171 42.07 6.61 19.55
N GLY A 183 47.97 11.10 21.23
CA GLY A 183 49.24 11.81 21.25
C GLY A 183 49.62 12.28 19.86
N GLN A 184 49.04 11.67 18.84
CA GLN A 184 49.33 12.01 17.45
C GLN A 184 48.27 12.89 16.77
N GLY A 185 48.59 13.29 15.54
CA GLY A 185 47.71 14.12 14.75
C GLY A 185 47.93 15.58 15.08
N THR A 186 47.27 16.45 14.34
CA THR A 186 47.36 17.89 14.54
C THR A 186 46.29 18.31 15.54
N LEU A 187 46.49 19.47 16.16
CA LEU A 187 45.48 19.96 17.09
C LEU A 187 44.17 20.10 16.30
N GLU A 188 44.27 20.46 15.02
CA GLU A 188 43.08 20.60 14.20
C GLU A 188 42.25 19.30 14.27
N ALA A 189 42.89 18.19 13.88
CA ALA A 189 42.27 16.87 13.86
C ALA A 189 41.66 16.50 15.21
N GLN A 190 42.43 16.73 16.27
CA GLN A 190 41.98 16.45 17.62
C GLN A 190 40.74 17.27 18.00
N VAL A 191 40.70 18.51 17.52
CA VAL A 191 39.58 19.40 17.79
C VAL A 191 38.36 18.84 17.09
N VAL A 192 38.55 18.24 15.93
CA VAL A 192 37.41 17.67 15.25
C VAL A 192 36.79 16.53 16.08
N ASP A 193 37.60 15.61 16.60
CA ASP A 193 37.01 14.53 17.36
C ASP A 193 36.23 15.04 18.55
N LEU A 194 36.78 16.06 19.20
CA LEU A 194 36.13 16.64 20.36
C LEU A 194 34.78 17.25 19.96
N SER A 195 34.78 17.93 18.82
CA SER A 195 33.58 18.58 18.32
C SER A 195 32.55 17.55 17.98
N ASP A 196 33.01 16.43 17.45
CA ASP A 196 32.11 15.34 17.10
C ASP A 196 31.31 14.94 18.35
N ALA A 197 32.00 14.67 19.46
CA ALA A 197 31.34 14.27 20.71
C ALA A 197 30.37 15.34 21.18
N ILE A 198 30.83 16.59 21.20
CA ILE A 198 29.99 17.72 21.58
C ILE A 198 28.72 17.77 20.72
N ALA A 199 28.91 17.75 19.41
CA ALA A 199 27.78 17.78 18.49
C ALA A 199 26.78 16.64 18.71
N TYR A 200 27.28 15.43 18.86
CA TYR A 200 26.45 14.25 19.05
C TYR A 200 25.50 14.47 20.22
N ALA A 201 26.09 14.86 21.34
CA ALA A 201 25.38 15.09 22.59
C ALA A 201 24.27 16.11 22.47
N ALA A 202 24.63 17.32 22.08
CA ALA A 202 23.66 18.38 21.93
C ALA A 202 22.52 18.03 20.97
N HIS A 203 22.86 17.47 19.82
CA HIS A 203 21.82 17.13 18.85
C HIS A 203 21.01 15.87 19.13
N ASP A 204 21.61 14.87 19.76
CA ASP A 204 20.82 13.69 20.07
C ASP A 204 19.76 14.10 21.11
N LEU A 205 20.19 14.91 22.07
CA LEU A 205 19.33 15.41 23.13
C LEU A 205 18.13 16.08 22.48
N ASP A 206 18.44 17.00 21.57
CA ASP A 206 17.43 17.74 20.83
C ASP A 206 16.49 16.78 20.07
N ASP A 207 17.04 15.87 19.28
CA ASP A 207 16.21 14.94 18.54
C ASP A 207 15.43 14.04 19.49
N GLY A 208 16.06 13.67 20.60
CA GLY A 208 15.39 12.83 21.58
C GLY A 208 14.08 13.46 22.01
N PHE A 209 14.14 14.74 22.34
CA PHE A 209 12.96 15.48 22.79
C PHE A 209 11.96 15.73 21.68
N ARG A 210 12.45 16.24 20.56
CA ARG A 210 11.60 16.53 19.43
C ARG A 210 10.84 15.28 19.02
N ALA A 211 11.46 14.12 19.17
CA ALA A 211 10.84 12.86 18.77
C ALA A 211 9.89 12.29 19.83
N GLY A 212 9.68 13.04 20.90
CA GLY A 212 8.80 12.58 21.94
C GLY A 212 9.36 11.38 22.67
N LEU A 213 10.65 11.09 22.47
CA LEU A 213 11.26 9.94 23.15
C LEU A 213 11.91 10.30 24.46
N LEU A 214 12.30 11.55 24.62
CA LEU A 214 12.88 11.96 25.87
C LEU A 214 11.81 12.83 26.55
N HIS A 215 11.75 12.74 27.87
CA HIS A 215 10.78 13.52 28.60
C HIS A 215 11.45 14.55 29.51
N PRO A 216 10.87 15.76 29.59
CA PRO A 216 11.33 16.91 30.39
C PRO A 216 11.72 16.52 31.82
N GLU A 217 10.91 15.65 32.43
CA GLU A 217 11.15 15.21 33.79
C GLU A 217 12.48 14.46 33.96
N GLU A 218 13.02 13.92 32.87
CA GLU A 218 14.28 13.19 32.91
C GLU A 218 15.53 14.07 32.92
N LEU A 219 15.36 15.35 32.60
CA LEU A 219 16.47 16.29 32.55
C LEU A 219 17.26 16.32 33.86
N LYS A 220 16.58 16.06 34.97
CA LYS A 220 17.20 16.09 36.30
C LYS A 220 18.24 14.98 36.48
N GLU A 221 18.14 13.94 35.67
CA GLU A 221 19.08 12.82 35.75
C GLU A 221 20.53 13.18 35.48
N VAL A 222 20.77 14.23 34.68
CA VAL A 222 22.12 14.67 34.37
C VAL A 222 22.27 16.08 34.93
N GLU A 223 23.25 16.26 35.80
CA GLU A 223 23.46 17.54 36.47
C GLU A 223 23.68 18.79 35.60
N LEU A 224 24.30 18.65 34.44
CA LEU A 224 24.54 19.81 33.58
C LEU A 224 23.22 20.31 33.01
N LEU A 225 22.40 19.37 32.58
CA LEU A 225 21.10 19.66 31.99
C LEU A 225 20.17 20.34 32.98
N GLN A 226 20.00 19.70 34.15
CA GLN A 226 19.15 20.27 35.20
C GLN A 226 19.69 21.66 35.56
N ALA A 227 21.00 21.75 35.74
CA ALA A 227 21.62 23.02 36.07
C ALA A 227 21.23 24.10 35.06
N LEU A 228 21.23 23.76 33.78
CA LEU A 228 20.90 24.70 32.73
C LEU A 228 19.40 24.99 32.66
N ALA A 229 18.57 23.99 32.91
CA ALA A 229 17.13 24.21 32.88
C ALA A 229 16.72 25.10 34.05
N LEU A 230 17.25 24.81 35.22
CA LEU A 230 16.92 25.59 36.40
C LEU A 230 17.43 27.04 36.31
N GLU A 231 18.61 27.23 35.73
CA GLU A 231 19.18 28.57 35.62
C GLU A 231 18.35 29.52 34.72
N GLU A 232 17.85 29.01 33.59
CA GLU A 232 17.06 29.79 32.62
C GLU A 232 15.56 29.80 32.90
N GLY A 233 15.15 29.25 34.03
CA GLY A 233 13.74 29.21 34.34
C GLY A 233 13.00 28.48 33.25
N LEU A 234 13.63 27.43 32.72
CA LEU A 234 13.01 26.64 31.66
C LEU A 234 11.89 25.76 32.19
N ASP A 235 10.72 25.90 31.58
CA ASP A 235 9.56 25.13 31.96
C ASP A 235 9.72 23.63 31.74
N LEU A 236 9.87 22.88 32.84
CA LEU A 236 10.01 21.43 32.74
C LEU A 236 8.64 20.77 32.60
N LEU A 237 8.59 19.45 32.72
CA LEU A 237 7.35 18.69 32.57
C LEU A 237 6.76 18.90 31.18
N ARG A 238 6.98 20.08 30.61
CA ARG A 238 6.49 20.44 29.28
C ARG A 238 7.58 20.85 28.29
N LEU A 239 8.71 21.33 28.79
CA LEU A 239 9.85 21.79 27.98
C LEU A 239 9.49 22.17 26.54
N PRO A 240 8.72 23.25 26.37
CA PRO A 240 8.29 23.72 25.05
C PRO A 240 9.48 24.00 24.12
N GLU A 241 9.23 24.12 22.83
CA GLU A 241 10.32 24.34 21.90
C GLU A 241 11.20 25.52 22.24
N LEU A 242 10.62 26.67 22.56
CA LEU A 242 11.50 27.79 22.89
C LEU A 242 12.51 27.34 23.93
N ASP A 243 12.01 26.67 24.96
CA ASP A 243 12.84 26.18 26.04
C ASP A 243 13.85 25.13 25.59
N ARG A 244 13.45 24.27 24.65
CA ARG A 244 14.33 23.25 24.13
C ARG A 244 15.51 23.92 23.40
N ARG A 245 15.18 24.79 22.46
CA ARG A 245 16.17 25.51 21.69
C ARG A 245 17.12 26.29 22.59
N VAL A 246 16.62 26.78 23.72
CA VAL A 246 17.49 27.52 24.65
C VAL A 246 18.42 26.56 25.42
N LEU A 247 17.93 25.36 25.74
CA LEU A 247 18.74 24.39 26.46
C LEU A 247 19.89 23.91 25.58
N VAL A 248 19.57 23.59 24.33
CA VAL A 248 20.54 23.10 23.36
C VAL A 248 21.66 24.07 23.08
N ARG A 249 21.30 25.33 22.85
CA ARG A 249 22.24 26.38 22.56
C ARG A 249 23.17 26.62 23.74
N GLN A 250 22.59 26.65 24.94
CA GLN A 250 23.37 26.89 26.14
C GLN A 250 24.35 25.75 26.39
N LEU A 251 23.91 24.54 26.06
CA LEU A 251 24.71 23.34 26.23
C LEU A 251 25.89 23.43 25.24
N LEU A 252 25.59 23.74 23.98
CA LEU A 252 26.63 23.86 22.97
C LEU A 252 27.64 24.93 23.38
N GLY A 253 27.13 26.03 23.91
CA GLY A 253 28.02 27.11 24.32
C GLY A 253 28.94 26.64 25.44
N TYR A 254 28.36 25.87 26.36
CA TYR A 254 29.10 25.35 27.50
C TYR A 254 30.34 24.56 27.06
N PHE A 255 30.14 23.50 26.30
CA PHE A 255 31.25 22.67 25.87
C PHE A 255 32.25 23.39 24.95
N ILE A 256 31.75 24.22 24.03
CA ILE A 256 32.65 24.93 23.11
C ILE A 256 33.53 25.87 23.93
N THR A 257 32.92 26.53 24.90
CA THR A 257 33.68 27.46 25.73
C THR A 257 34.72 26.72 26.55
N ALA A 258 34.35 25.58 27.11
CA ALA A 258 35.27 24.79 27.93
C ALA A 258 36.34 24.09 27.08
N ALA A 259 36.04 23.82 25.81
CA ALA A 259 37.03 23.18 24.93
C ALA A 259 38.12 24.19 24.68
N ILE A 260 37.72 25.43 24.41
CA ILE A 260 38.64 26.51 24.11
C ILE A 260 39.58 26.80 25.26
N GLU A 261 38.98 27.08 26.42
CA GLU A 261 39.75 27.39 27.62
C GLU A 261 40.63 26.22 28.10
N ALA A 262 40.12 25.00 28.05
CA ALA A 262 40.94 23.87 28.50
C ALA A 262 42.05 23.49 27.50
N THR A 263 41.74 23.54 26.21
CA THR A 263 42.74 23.20 25.20
C THR A 263 43.86 24.24 25.21
N HIS A 264 43.48 25.52 25.36
CA HIS A 264 44.45 26.61 25.42
C HIS A 264 45.39 26.37 26.58
N ARG A 265 44.80 25.90 27.68
CA ARG A 265 45.53 25.61 28.91
C ARG A 265 46.56 24.51 28.67
N ARG A 266 46.12 23.38 28.14
CA ARG A 266 47.01 22.24 27.88
C ARG A 266 48.12 22.59 26.90
N VAL A 267 47.78 23.35 25.87
CA VAL A 267 48.76 23.75 24.85
C VAL A 267 49.84 24.67 25.40
N GLU A 268 49.45 25.57 26.31
CA GLU A 268 50.41 26.46 26.93
C GLU A 268 51.25 25.68 27.94
N GLU A 269 50.59 24.98 28.86
CA GLU A 269 51.30 24.20 29.86
C GLU A 269 52.25 23.21 29.22
N ALA A 270 51.90 22.72 28.03
CA ALA A 270 52.74 21.77 27.30
C ALA A 270 53.94 22.45 26.67
N GLY A 271 53.75 23.69 26.24
CA GLY A 271 54.83 24.45 25.62
C GLY A 271 55.12 24.17 24.17
N VAL A 272 54.20 23.51 23.46
CA VAL A 272 54.40 23.20 22.07
C VAL A 272 54.27 24.44 21.18
N GLN A 273 55.25 24.64 20.29
CA GLN A 273 55.25 25.78 19.41
C GLN A 273 55.25 25.39 17.92
N SER A 274 54.68 24.23 17.63
CA SER A 274 54.63 23.72 16.26
C SER A 274 53.65 22.57 16.09
N ALA A 275 53.12 22.41 14.88
CA ALA A 275 52.19 21.33 14.60
C ALA A 275 52.93 20.01 14.79
N GLU A 276 54.23 20.03 14.50
CA GLU A 276 55.03 18.83 14.65
C GLU A 276 55.11 18.42 16.11
N ALA A 277 55.14 19.42 16.99
CA ALA A 277 55.21 19.18 18.43
C ALA A 277 53.92 18.55 18.92
N VAL A 278 52.79 19.02 18.39
CA VAL A 278 51.53 18.42 18.78
C VAL A 278 51.57 16.96 18.33
N ARG A 279 51.82 16.75 17.03
CA ARG A 279 51.91 15.41 16.45
C ARG A 279 52.72 14.46 17.30
N ARG A 280 53.81 14.96 17.88
CA ARG A 280 54.71 14.14 18.68
C ARG A 280 54.52 14.18 20.19
N HIS A 281 53.72 15.12 20.69
CA HIS A 281 53.50 15.21 22.14
C HIS A 281 53.04 13.84 22.66
N PRO A 282 53.37 13.52 23.92
CA PRO A 282 52.99 12.22 24.52
C PRO A 282 51.50 12.01 24.79
N SER A 283 50.70 13.06 24.65
CA SER A 283 49.27 12.95 24.89
C SER A 283 48.58 13.98 24.02
N ARG A 284 47.27 13.87 23.87
CA ARG A 284 46.56 14.84 23.06
C ARG A 284 46.22 16.08 23.86
N LEU A 285 46.37 17.24 23.23
CA LEU A 285 46.10 18.51 23.88
C LEU A 285 44.63 18.97 23.91
N ALA A 286 43.87 18.67 22.85
CA ALA A 286 42.46 19.05 22.80
C ALA A 286 41.71 18.48 24.01
N ALA A 287 41.15 19.34 24.83
CA ALA A 287 40.44 18.88 26.04
C ALA A 287 39.27 19.76 26.46
N LEU A 288 38.46 19.22 27.37
CA LEU A 288 37.30 19.93 27.84
C LEU A 288 37.50 20.46 29.24
N GLY A 289 38.51 19.96 29.93
CA GLY A 289 38.71 20.38 31.30
C GLY A 289 37.97 19.35 32.12
N GLU A 290 38.47 19.08 33.32
CA GLU A 290 37.90 18.08 34.21
C GLU A 290 36.37 18.11 34.39
N GLU A 291 35.81 19.27 34.68
CA GLU A 291 34.36 19.34 34.89
C GLU A 291 33.52 19.11 33.62
N ALA A 292 33.98 19.62 32.48
CA ALA A 292 33.24 19.42 31.24
C ALA A 292 33.27 17.97 30.80
N GLU A 293 34.44 17.33 30.90
CA GLU A 293 34.55 15.93 30.51
C GLU A 293 33.59 15.11 31.36
N LYS A 294 33.39 15.53 32.60
CA LYS A 294 32.48 14.81 33.51
C LYS A 294 31.05 14.99 33.03
N ALA A 295 30.67 16.22 32.75
CA ALA A 295 29.31 16.49 32.28
C ALA A 295 29.00 15.71 31.01
N LEU A 296 29.84 15.88 30.00
CA LEU A 296 29.66 15.18 28.73
C LEU A 296 29.54 13.66 28.92
N LYS A 297 30.39 13.11 29.77
CA LYS A 297 30.37 11.67 30.01
C LYS A 297 29.01 11.31 30.62
N ALA A 298 28.54 12.16 31.52
CA ALA A 298 27.23 11.94 32.14
C ALA A 298 26.16 12.02 31.08
N LEU A 299 26.27 13.05 30.23
CA LEU A 299 25.28 13.23 29.17
C LEU A 299 25.29 12.05 28.19
N LYS A 300 26.48 11.53 27.92
CA LYS A 300 26.62 10.39 27.01
C LYS A 300 25.89 9.14 27.54
N ALA A 301 26.16 8.82 28.80
CA ALA A 301 25.53 7.65 29.42
C ALA A 301 24.01 7.82 29.41
N PHE A 302 23.55 9.03 29.74
CA PHE A 302 22.12 9.33 29.77
C PHE A 302 21.44 9.10 28.42
N LEU A 303 22.03 9.67 27.37
CA LEU A 303 21.46 9.52 26.03
C LEU A 303 21.43 8.06 25.59
N GLU A 305 21.19 5.42 27.49
CA GLU A 305 20.15 4.69 28.20
C GLU A 305 18.75 5.10 27.77
N ARG A 306 18.45 6.38 27.90
CA ARG A 306 17.14 6.89 27.57
C ARG A 306 16.74 7.13 26.12
N PHE A 307 17.71 7.25 25.21
CA PHE A 307 17.40 7.46 23.79
C PHE A 307 17.76 6.28 22.89
N TYR A 308 19.04 5.95 22.77
CA TYR A 308 19.46 4.84 21.91
C TYR A 308 18.83 3.50 22.28
N ARG A 309 18.70 3.26 23.58
CA ARG A 309 18.10 2.02 24.08
C ARG A 309 16.58 2.13 24.20
N HIS A 310 16.00 3.27 23.83
CA HIS A 310 14.55 3.39 23.91
C HIS A 310 13.97 2.29 23.01
N PRO A 311 12.87 1.66 23.45
CA PRO A 311 12.29 0.60 22.63
C PRO A 311 11.94 0.96 21.18
N GLU A 312 11.46 2.16 20.92
CA GLU A 312 11.14 2.48 19.54
C GLU A 312 12.42 2.57 18.72
N VAL A 313 13.50 3.06 19.31
CA VAL A 313 14.75 3.14 18.58
C VAL A 313 15.30 1.74 18.31
N LEU A 314 15.30 0.89 19.33
CA LEU A 314 15.78 -0.47 19.18
C LEU A 314 15.00 -1.31 18.19
N ARG A 315 13.71 -1.08 18.06
CA ARG A 315 13.00 -1.93 17.11
C ARG A 315 13.46 -1.57 15.69
N GLU A 316 13.90 -0.33 15.49
CA GLU A 316 14.37 0.04 14.16
C GLU A 316 15.79 -0.52 13.99
N ARG A 317 16.59 -0.46 15.05
CA ARG A 317 17.94 -0.98 14.96
C ARG A 317 17.97 -2.48 14.63
N ARG A 318 17.02 -3.23 15.18
CA ARG A 318 16.91 -4.66 14.91
C ARG A 318 16.69 -4.83 13.42
N LYS A 319 15.81 -4.01 12.86
CA LYS A 319 15.52 -4.08 11.43
C LYS A 319 16.74 -3.75 10.54
N ALA A 320 17.49 -2.72 10.90
CA ALA A 320 18.66 -2.34 10.12
C ALA A 320 19.67 -3.48 10.05
N GLU A 321 19.83 -4.22 11.16
CA GLU A 321 20.78 -5.34 11.18
C GLU A 321 20.34 -6.46 10.25
N ALA A 322 19.06 -6.80 10.31
CA ALA A 322 18.52 -7.87 9.48
C ALA A 322 18.70 -7.54 7.99
N VAL A 323 18.65 -6.25 7.65
CA VAL A 323 18.81 -5.80 6.27
C VAL A 323 20.25 -6.00 5.78
N LEU A 324 21.18 -5.52 6.60
CA LEU A 324 22.58 -5.65 6.31
C LEU A 324 23.03 -7.10 6.32
N GLU A 325 22.42 -7.89 7.20
CA GLU A 325 22.75 -9.31 7.33
C GLU A 325 22.20 -10.08 6.12
N GLY A 326 21.03 -9.68 5.66
CA GLY A 326 20.43 -10.33 4.51
C GLY A 326 21.14 -9.94 3.23
N LEU A 327 21.69 -8.74 3.20
CA LEU A 327 22.41 -8.28 2.03
C LEU A 327 23.72 -9.04 1.96
N PHE A 328 24.45 -9.01 3.07
CA PHE A 328 25.73 -9.68 3.15
C PHE A 328 25.70 -11.16 2.83
N ALA A 329 24.75 -11.88 3.41
CA ALA A 329 24.62 -13.32 3.19
C ALA A 329 24.28 -13.65 1.74
N ALA A 330 23.36 -12.88 1.16
CA ALA A 330 22.95 -13.13 -0.21
C ALA A 330 24.10 -12.89 -1.18
N TYR A 331 24.78 -11.77 -1.03
CA TYR A 331 25.84 -11.47 -1.97
C TYR A 331 27.07 -12.33 -1.80
N THR A 332 27.35 -12.74 -0.57
CA THR A 332 28.50 -13.57 -0.31
C THR A 332 28.27 -15.04 -0.72
N ARG A 333 27.02 -15.48 -0.72
CA ARG A 333 26.67 -16.85 -1.09
C ARG A 333 26.37 -16.95 -2.57
N TYR A 334 25.81 -15.87 -3.11
CA TYR A 334 25.46 -15.82 -4.52
C TYR A 334 26.02 -14.56 -5.16
N PRO A 335 27.34 -14.53 -5.36
CA PRO A 335 28.02 -13.38 -5.97
C PRO A 335 27.43 -13.01 -7.32
N GLU A 336 26.74 -13.97 -7.94
CA GLU A 336 26.13 -13.75 -9.23
C GLU A 336 24.94 -12.79 -9.12
N LEU A 337 24.54 -12.49 -7.90
CA LEU A 337 23.42 -11.57 -7.68
C LEU A 337 23.97 -10.16 -7.68
N LEU A 338 25.28 -10.04 -7.48
CA LEU A 338 25.92 -8.71 -7.45
C LEU A 338 25.93 -8.04 -8.81
N PRO A 339 25.94 -6.70 -8.82
CA PRO A 339 25.97 -5.99 -10.11
C PRO A 339 27.29 -6.44 -10.76
N ARG A 340 27.32 -6.57 -12.08
CA ARG A 340 28.54 -6.99 -12.79
C ARG A 340 29.76 -6.10 -12.45
N GLU A 341 29.51 -4.81 -12.30
CA GLU A 341 30.57 -3.87 -11.93
C GLU A 341 31.22 -4.25 -10.60
N VAL A 342 30.43 -4.83 -9.68
CA VAL A 342 30.98 -5.23 -8.40
C VAL A 342 31.62 -6.61 -8.53
N GLN A 343 31.04 -7.47 -9.34
CA GLN A 343 31.64 -8.78 -9.50
C GLN A 343 33.04 -8.62 -10.12
N ALA A 344 33.20 -7.57 -10.91
CA ALA A 344 34.46 -7.29 -11.59
C ALA A 344 35.61 -6.99 -10.62
N LYS A 345 35.26 -6.46 -9.44
CA LYS A 345 36.23 -6.08 -8.42
C LYS A 345 36.65 -7.21 -7.47
N ILE A 346 35.92 -8.33 -7.49
CA ILE A 346 36.22 -9.47 -6.62
C ILE A 346 37.65 -10.00 -6.77
N PRO A 347 38.11 -10.24 -8.02
CA PRO A 347 39.48 -10.74 -8.15
C PRO A 347 40.51 -9.82 -7.50
N GLU A 348 40.35 -8.51 -7.67
CA GLU A 348 41.31 -7.59 -7.10
C GLU A 348 41.13 -7.30 -5.62
N GLU A 349 39.91 -7.46 -5.11
CA GLU A 349 39.63 -7.17 -3.71
C GLU A 349 39.31 -8.44 -2.90
N GLY A 350 38.68 -9.39 -3.55
CA GLY A 350 38.30 -10.61 -2.88
C GLY A 350 36.79 -10.47 -2.74
N LEU A 351 36.10 -11.59 -2.52
CA LEU A 351 34.65 -11.62 -2.38
C LEU A 351 34.12 -10.72 -1.27
N GLU A 352 34.48 -11.06 -0.03
CA GLU A 352 34.05 -10.33 1.15
C GLU A 352 34.25 -8.79 1.14
N ARG A 353 35.42 -8.32 0.70
CA ARG A 353 35.68 -6.89 0.64
C ARG A 353 34.79 -6.27 -0.41
N ALA A 354 34.76 -6.89 -1.58
CA ALA A 354 33.92 -6.39 -2.65
C ALA A 354 32.48 -6.24 -2.13
N VAL A 355 31.95 -7.27 -1.46
CA VAL A 355 30.58 -7.19 -0.93
C VAL A 355 30.49 -6.10 0.15
N CYS A 356 31.46 -6.09 1.05
CA CYS A 356 31.46 -5.11 2.12
C CYS A 356 31.52 -3.66 1.63
N ASP A 357 32.36 -3.37 0.62
CA ASP A 357 32.47 -2.00 0.08
C ASP A 357 31.14 -1.58 -0.53
N TYR A 358 30.55 -2.49 -1.28
CA TYR A 358 29.27 -2.26 -1.95
C TYR A 358 28.13 -1.95 -0.95
N ILE A 359 27.96 -2.81 0.04
CA ILE A 359 26.91 -2.58 1.04
C ILE A 359 27.17 -1.27 1.79
N ALA A 360 28.41 -1.06 2.23
CA ALA A 360 28.78 0.14 2.97
C ALA A 360 28.60 1.44 2.19
N GLY A 361 28.66 1.37 0.86
CA GLY A 361 28.46 2.60 0.08
C GLY A 361 26.99 2.88 -0.21
N THR A 363 22.85 3.78 0.42
CA THR A 363 22.11 4.74 1.22
C THR A 363 21.09 3.87 1.98
N ASP A 364 20.57 4.36 3.11
CA ASP A 364 19.60 3.58 3.88
C ASP A 364 18.44 3.10 3.01
N ARG A 365 17.89 4.03 2.23
CA ARG A 365 16.75 3.77 1.34
C ARG A 365 17.03 2.69 0.29
N PHE A 366 18.22 2.73 -0.28
CA PHE A 366 18.60 1.74 -1.29
C PHE A 366 18.89 0.38 -0.65
N ALA A 367 19.53 0.36 0.51
CA ALA A 367 19.84 -0.90 1.17
C ALA A 367 18.53 -1.65 1.47
N LEU A 368 17.57 -0.94 2.06
CA LEU A 368 16.27 -1.54 2.38
C LEU A 368 15.63 -2.08 1.11
N GLU A 369 15.64 -1.29 0.04
CA GLU A 369 15.05 -1.75 -1.20
C GLU A 369 15.77 -2.97 -1.76
N ALA A 370 17.10 -2.92 -1.82
CA ALA A 370 17.85 -4.06 -2.32
C ALA A 370 17.45 -5.28 -1.50
N TYR A 371 17.40 -5.12 -0.19
CA TYR A 371 17.02 -6.20 0.69
C TYR A 371 15.65 -6.76 0.29
N ARG A 372 14.68 -5.87 0.12
CA ARG A 372 13.33 -6.31 -0.24
C ARG A 372 13.22 -7.02 -1.59
N ARG A 373 14.01 -6.57 -2.57
CA ARG A 373 13.97 -7.18 -3.90
C ARG A 373 14.53 -8.60 -3.86
N LEU A 374 15.29 -8.92 -2.83
CA LEU A 374 15.88 -10.25 -2.71
C LEU A 374 14.89 -11.33 -2.27
N SER A 375 13.73 -10.92 -1.77
CA SER A 375 12.72 -11.87 -1.31
C SER A 375 11.41 -11.77 -2.06
N PRO A 376 10.70 -12.90 -2.22
CA PRO A 376 9.41 -13.00 -2.93
C PRO A 376 8.45 -11.85 -2.60
N ARG B 2 -20.17 -27.14 -48.97
CA ARG B 2 -20.01 -27.51 -47.56
C ARG B 2 -18.97 -28.61 -47.55
N PHE B 3 -17.77 -28.29 -47.10
CA PHE B 3 -16.71 -29.27 -47.05
C PHE B 3 -16.83 -30.10 -45.77
N SER B 4 -17.19 -31.37 -45.94
CA SER B 4 -17.35 -32.30 -44.83
C SER B 4 -16.01 -32.83 -44.33
N ARG B 5 -16.04 -33.53 -43.20
CA ARG B 5 -14.83 -34.10 -42.65
C ARG B 5 -14.18 -35.02 -43.70
N GLU B 6 -15.01 -35.82 -44.36
CA GLU B 6 -14.54 -36.75 -45.40
C GLU B 6 -13.91 -35.98 -46.57
N ALA B 7 -14.54 -34.89 -46.98
CA ALA B 7 -14.01 -34.09 -48.06
C ALA B 7 -12.66 -33.52 -47.63
N LEU B 8 -12.62 -32.85 -46.49
CA LEU B 8 -11.35 -32.29 -46.01
C LEU B 8 -10.25 -33.34 -46.01
N LEU B 9 -10.58 -34.53 -45.53
CA LEU B 9 -9.60 -35.60 -45.47
C LEU B 9 -9.03 -35.97 -46.83
N GLU B 10 -9.87 -36.03 -47.86
CA GLU B 10 -9.40 -36.34 -49.22
C GLU B 10 -8.51 -35.25 -49.80
N LEU B 11 -8.90 -33.98 -49.66
CA LEU B 11 -8.07 -32.90 -50.19
C LEU B 11 -6.68 -33.01 -49.56
N GLU B 12 -6.67 -33.00 -48.23
CA GLU B 12 -5.45 -33.11 -47.45
C GLU B 12 -4.64 -34.21 -48.13
N ALA B 13 -5.28 -35.35 -48.29
CA ALA B 13 -4.68 -36.53 -48.90
C ALA B 13 -3.82 -36.27 -50.14
N SER B 14 -4.36 -35.57 -51.14
CA SER B 14 -3.58 -35.34 -52.35
C SER B 14 -2.77 -34.06 -52.38
N ARG B 15 -2.99 -33.21 -51.38
CA ARG B 15 -2.28 -31.93 -51.32
C ARG B 15 -0.96 -31.96 -50.56
N LEU B 16 -0.87 -32.74 -49.49
CA LEU B 16 0.37 -32.78 -48.71
C LEU B 16 1.46 -33.66 -49.34
N ALA B 17 2.67 -33.55 -48.84
CA ALA B 17 3.74 -34.39 -49.37
C ALA B 17 3.44 -35.82 -48.90
N PRO B 18 3.97 -36.82 -49.59
CA PRO B 18 3.68 -38.18 -49.14
C PRO B 18 4.17 -38.50 -47.73
N TYR B 19 5.31 -37.92 -47.36
CA TYR B 19 5.91 -38.13 -46.05
C TYR B 19 5.26 -37.29 -44.95
N ALA B 20 4.13 -36.67 -45.26
CA ALA B 20 3.41 -35.87 -44.30
C ALA B 20 2.32 -36.74 -43.67
N GLN B 21 1.91 -36.39 -42.47
CA GLN B 21 0.87 -37.15 -41.80
C GLN B 21 -0.50 -36.77 -42.35
N LYS B 22 -1.27 -37.77 -42.75
CA LYS B 22 -2.61 -37.49 -43.22
C LYS B 22 -3.58 -37.86 -42.10
N ALA B 23 -4.45 -36.92 -41.73
CA ALA B 23 -5.41 -37.19 -40.68
C ALA B 23 -6.22 -38.48 -40.95
N ARG B 24 -6.31 -38.86 -42.22
CA ARG B 24 -7.05 -40.04 -42.61
C ARG B 24 -6.39 -41.35 -42.15
N ASP B 25 -5.11 -41.28 -41.81
CA ASP B 25 -4.36 -42.45 -41.35
C ASP B 25 -4.20 -42.49 -39.82
N THR B 26 -4.84 -41.54 -39.13
CA THR B 26 -4.75 -41.47 -37.68
C THR B 26 -4.96 -42.83 -36.99
N ARG B 27 -4.28 -43.03 -35.87
CA ARG B 27 -4.46 -44.27 -35.11
C ARG B 27 -5.67 -44.06 -34.21
N GLY B 28 -6.26 -42.86 -34.28
CA GLY B 28 -7.45 -42.57 -33.49
C GLY B 28 -7.28 -42.15 -32.03
N ARG B 29 -8.42 -42.07 -31.33
CA ARG B 29 -8.48 -41.66 -29.94
C ARG B 29 -8.71 -42.85 -29.01
N ALA B 30 -8.22 -42.74 -27.78
CA ALA B 30 -8.35 -43.79 -26.78
C ALA B 30 -9.81 -44.17 -26.52
N HIS B 31 -10.69 -43.18 -26.40
CA HIS B 31 -12.10 -43.42 -26.12
C HIS B 31 -13.04 -43.24 -27.31
N PRO B 32 -14.05 -44.12 -27.41
CA PRO B 32 -15.04 -44.06 -28.50
C PRO B 32 -15.70 -42.69 -28.52
N GLU B 33 -15.77 -42.11 -29.71
CA GLU B 33 -16.34 -40.79 -29.88
C GLU B 33 -16.84 -40.67 -31.32
N PRO B 34 -18.09 -40.22 -31.52
CA PRO B 34 -18.57 -40.12 -32.88
C PRO B 34 -17.86 -38.97 -33.60
N GLU B 35 -17.53 -39.16 -34.88
CA GLU B 35 -16.86 -38.12 -35.65
C GLU B 35 -17.80 -36.92 -35.67
N SER B 36 -17.28 -35.72 -35.47
CA SER B 36 -18.13 -34.54 -35.45
C SER B 36 -17.85 -33.47 -36.49
N LEU B 37 -18.70 -32.44 -36.48
CA LEU B 37 -18.64 -31.28 -37.36
C LEU B 37 -18.13 -31.54 -38.77
N TYR B 38 -17.45 -30.53 -39.29
CA TYR B 38 -16.86 -30.55 -40.62
C TYR B 38 -15.38 -30.42 -40.33
N ARG B 39 -14.97 -31.06 -39.24
CA ARG B 39 -13.58 -30.99 -38.81
C ARG B 39 -12.81 -32.27 -38.96
N THR B 40 -11.50 -32.11 -39.20
CA THR B 40 -10.60 -33.25 -39.31
C THR B 40 -10.16 -33.54 -37.87
N PRO B 41 -9.72 -34.77 -37.59
CA PRO B 41 -9.28 -35.07 -36.22
C PRO B 41 -8.35 -34.04 -35.59
N TYR B 42 -7.40 -33.50 -36.35
CA TYR B 42 -6.46 -32.55 -35.78
C TYR B 42 -7.08 -31.18 -35.53
N GLN B 43 -8.01 -30.78 -36.40
CA GLN B 43 -8.71 -29.51 -36.31
C GLN B 43 -9.45 -29.52 -34.96
N LYS B 44 -10.06 -30.66 -34.68
CA LYS B 44 -10.80 -30.88 -33.45
C LYS B 44 -9.86 -30.76 -32.26
N ASP B 45 -8.71 -31.43 -32.37
CA ASP B 45 -7.70 -31.40 -31.33
C ASP B 45 -7.30 -29.96 -31.05
N ARG B 46 -7.06 -29.22 -32.11
CA ARG B 46 -6.69 -27.82 -32.00
C ARG B 46 -7.77 -27.13 -31.17
N ASP B 47 -9.02 -27.34 -31.56
CA ASP B 47 -10.12 -26.71 -30.86
C ASP B 47 -10.14 -27.11 -29.39
N ARG B 48 -9.93 -28.38 -29.08
CA ARG B 48 -9.94 -28.83 -27.70
C ARG B 48 -8.82 -28.24 -26.85
N ILE B 49 -7.61 -28.23 -27.39
CA ILE B 49 -6.46 -27.68 -26.69
C ILE B 49 -6.63 -26.20 -26.29
N LEU B 50 -7.20 -25.40 -27.19
CA LEU B 50 -7.40 -23.97 -26.94
C LEU B 50 -8.35 -23.68 -25.77
N HIS B 51 -9.36 -24.52 -25.61
CA HIS B 51 -10.33 -24.31 -24.55
C HIS B 51 -9.99 -24.94 -23.22
N THR B 52 -8.80 -25.54 -23.11
CA THR B 52 -8.41 -26.14 -21.86
C THR B 52 -7.96 -25.02 -20.92
N THR B 53 -8.00 -25.32 -19.64
CA THR B 53 -7.60 -24.36 -18.64
C THR B 53 -6.10 -24.10 -18.70
N ALA B 54 -5.34 -25.15 -18.97
CA ALA B 54 -3.90 -25.03 -19.07
C ALA B 54 -3.56 -24.03 -20.19
N PHE B 55 -4.21 -24.14 -21.34
CA PHE B 55 -3.91 -23.20 -22.41
C PHE B 55 -4.18 -21.76 -21.98
N ARG B 56 -5.32 -21.54 -21.33
CA ARG B 56 -5.69 -20.21 -20.84
C ARG B 56 -4.67 -19.66 -19.86
N ARG B 57 -4.05 -20.53 -19.07
CA ARG B 57 -3.07 -20.04 -18.12
C ARG B 57 -1.76 -19.62 -18.75
N LEU B 58 -1.52 -20.00 -20.01
CA LEU B 58 -0.29 -19.59 -20.70
C LEU B 58 -0.20 -18.08 -20.72
N GLU B 59 -1.33 -17.42 -20.87
CA GLU B 59 -1.39 -15.95 -20.88
C GLU B 59 -1.02 -15.36 -19.51
N TYR B 60 -1.06 -16.18 -18.47
CA TYR B 60 -0.72 -15.70 -17.14
C TYR B 60 0.54 -16.38 -16.54
N LYS B 61 1.37 -16.94 -17.42
CA LYS B 61 2.64 -17.57 -17.03
C LYS B 61 3.72 -17.01 -17.96
N THR B 62 4.71 -16.38 -17.36
CA THR B 62 5.74 -15.82 -18.21
C THR B 62 6.80 -16.79 -18.71
N GLN B 63 7.29 -16.50 -19.92
CA GLN B 63 8.34 -17.29 -20.53
C GLN B 63 9.62 -16.63 -19.99
N VAL B 64 10.47 -17.45 -19.39
CA VAL B 64 11.75 -16.99 -18.84
C VAL B 64 11.65 -16.39 -17.43
N LEU B 65 11.07 -15.20 -17.31
CA LEU B 65 10.94 -14.55 -16.01
C LEU B 65 9.67 -14.91 -15.24
N PRO B 66 9.72 -14.75 -13.91
CA PRO B 66 8.58 -15.04 -13.04
C PRO B 66 7.55 -13.91 -13.10
N TYR B 73 8.82 -8.67 -20.74
CA TYR B 73 8.95 -10.13 -20.72
C TYR B 73 7.70 -10.79 -21.25
N ARG B 74 7.88 -11.64 -22.27
CA ARG B 74 6.76 -12.31 -22.91
C ARG B 74 6.17 -13.49 -22.14
N THR B 75 4.86 -13.63 -22.26
CA THR B 75 4.14 -14.70 -21.59
C THR B 75 4.36 -15.94 -22.40
N ARG B 76 3.96 -17.07 -21.84
CA ARG B 76 4.09 -18.34 -22.54
C ARG B 76 3.08 -18.36 -23.65
N LEU B 77 2.00 -17.58 -23.49
CA LEU B 77 1.01 -17.57 -24.56
C LEU B 77 1.65 -16.92 -25.80
N THR B 78 2.35 -15.81 -25.60
CA THR B 78 3.01 -15.09 -26.72
C THR B 78 4.09 -15.95 -27.35
N HIS B 79 4.88 -16.62 -26.54
CA HIS B 79 5.90 -17.50 -27.05
C HIS B 79 5.23 -18.62 -27.83
N THR B 80 4.12 -19.13 -27.29
CA THR B 80 3.43 -20.21 -27.95
C THR B 80 2.84 -19.85 -29.31
N LEU B 81 2.30 -18.64 -29.41
CA LEU B 81 1.73 -18.25 -30.69
C LEU B 81 2.85 -18.07 -31.70
N GLU B 82 4.00 -17.54 -31.28
CA GLU B 82 5.13 -17.37 -32.19
C GLU B 82 5.59 -18.74 -32.66
N VAL B 83 5.69 -19.68 -31.72
CA VAL B 83 6.10 -21.03 -32.08
C VAL B 83 5.13 -21.65 -33.08
N ALA B 84 3.87 -21.33 -32.89
CA ALA B 84 2.86 -21.86 -33.77
C ALA B 84 3.02 -21.29 -35.18
N GLN B 85 3.32 -19.99 -35.26
CA GLN B 85 3.48 -19.30 -36.53
C GLN B 85 4.74 -19.75 -37.27
N VAL B 86 5.86 -19.85 -36.56
CA VAL B 86 7.10 -20.29 -37.17
C VAL B 86 7.01 -21.74 -37.63
N SER B 87 6.24 -22.56 -36.92
CA SER B 87 6.12 -23.97 -37.30
C SER B 87 5.10 -24.20 -38.40
N ARG B 88 4.00 -23.46 -38.40
CA ARG B 88 3.02 -23.64 -39.46
C ARG B 88 3.72 -23.18 -40.74
N SER B 89 4.54 -22.15 -40.61
CA SER B 89 5.26 -21.58 -41.73
C SER B 89 6.20 -22.62 -42.35
N ILE B 90 7.06 -23.23 -41.53
CA ILE B 90 7.98 -24.26 -42.02
C ILE B 90 7.21 -25.44 -42.59
N ALA B 91 6.15 -25.90 -41.90
CA ALA B 91 5.37 -27.04 -42.36
C ALA B 91 4.73 -26.85 -43.73
N ARG B 92 4.21 -25.66 -43.99
CA ARG B 92 3.60 -25.43 -45.28
C ARG B 92 4.67 -25.50 -46.36
N ALA B 93 5.81 -24.85 -46.13
CA ALA B 93 6.90 -24.88 -47.10
C ALA B 93 7.50 -26.28 -47.31
N LEU B 94 7.01 -27.26 -46.56
CA LEU B 94 7.53 -28.62 -46.72
C LEU B 94 6.38 -29.52 -47.06
N GLY B 95 5.19 -28.95 -47.13
CA GLY B 95 4.01 -29.74 -47.46
C GLY B 95 3.59 -30.68 -46.35
N LEU B 96 3.97 -30.38 -45.11
CA LEU B 96 3.61 -31.21 -43.97
C LEU B 96 2.20 -30.84 -43.49
N ASN B 97 1.62 -31.65 -42.61
CA ASN B 97 0.29 -31.36 -42.08
C ASN B 97 0.32 -30.17 -41.11
N GLU B 98 -0.23 -29.05 -41.57
CA GLU B 98 -0.23 -27.80 -40.82
C GLU B 98 -1.11 -27.84 -39.57
N ASP B 99 -2.16 -28.66 -39.59
CA ASP B 99 -3.05 -28.79 -38.44
C ASP B 99 -2.34 -29.56 -37.32
N LEU B 100 -1.69 -30.67 -37.66
CA LEU B 100 -0.99 -31.45 -36.64
C LEU B 100 0.08 -30.58 -36.03
N THR B 101 0.80 -29.88 -36.90
CA THR B 101 1.88 -28.98 -36.50
C THR B 101 1.40 -27.92 -35.53
N GLU B 102 0.28 -27.28 -35.86
CA GLU B 102 -0.26 -26.23 -35.01
C GLU B 102 -0.71 -26.85 -33.68
N ALA B 103 -1.47 -27.93 -33.77
CA ALA B 103 -1.99 -28.63 -32.58
C ALA B 103 -0.85 -28.93 -31.61
N ILE B 104 0.30 -29.34 -32.14
CA ILE B 104 1.43 -29.66 -31.31
C ILE B 104 2.10 -28.41 -30.73
N ALA B 105 2.20 -27.34 -31.52
CA ALA B 105 2.82 -26.11 -31.03
C ALA B 105 1.97 -25.48 -29.92
N LEU B 106 0.66 -25.63 -30.06
CA LEU B 106 -0.26 -25.09 -29.10
C LEU B 106 -0.27 -25.90 -27.77
N SER B 107 -0.18 -27.23 -27.88
CA SER B 107 -0.23 -28.15 -26.73
C SER B 107 1.10 -28.41 -25.99
N HIS B 108 2.19 -28.63 -26.74
CA HIS B 108 3.50 -28.86 -26.12
C HIS B 108 3.58 -27.63 -25.24
N ASP B 109 4.33 -27.66 -24.15
CA ASP B 109 4.39 -26.48 -23.27
C ASP B 109 3.23 -26.22 -22.30
N LEU B 110 2.14 -26.93 -22.45
CA LEU B 110 1.01 -26.76 -21.52
C LEU B 110 1.42 -27.22 -20.11
N GLY B 111 2.45 -28.07 -20.04
CA GLY B 111 2.90 -28.64 -18.78
C GLY B 111 3.96 -27.94 -17.94
N HIS B 112 4.22 -26.67 -18.19
CA HIS B 112 5.19 -25.95 -17.42
C HIS B 112 4.56 -25.37 -16.13
N PRO B 113 5.34 -25.32 -15.05
CA PRO B 113 4.86 -24.78 -13.76
C PRO B 113 5.02 -23.26 -13.84
N PRO B 114 4.63 -22.54 -12.79
CA PRO B 114 4.83 -21.09 -12.91
C PRO B 114 6.31 -20.78 -12.74
N PHE B 115 6.68 -19.54 -13.03
CA PHE B 115 8.06 -19.08 -12.89
C PHE B 115 9.06 -19.59 -13.93
N GLY B 116 8.69 -19.41 -15.19
CA GLY B 116 9.55 -19.82 -16.30
C GLY B 116 10.18 -21.20 -16.28
N HIS B 117 11.49 -21.23 -16.53
CA HIS B 117 12.29 -22.46 -16.59
C HIS B 117 12.49 -23.06 -15.20
N THR B 118 13.22 -22.32 -14.39
CA THR B 118 13.53 -22.73 -13.03
C THR B 118 12.42 -23.55 -12.37
N GLY B 119 11.16 -23.31 -12.75
CA GLY B 119 10.06 -24.05 -12.16
C GLY B 119 10.16 -25.55 -12.35
N GLU B 120 10.48 -25.98 -13.56
CA GLU B 120 10.58 -27.38 -13.87
C GLU B 120 11.70 -28.04 -13.10
N HIS B 121 12.85 -27.38 -13.06
CA HIS B 121 14.03 -27.88 -12.36
C HIS B 121 13.74 -28.03 -10.88
N VAL B 122 13.16 -27.00 -10.28
CA VAL B 122 12.82 -27.02 -8.87
C VAL B 122 11.85 -28.14 -8.52
N LEU B 123 10.78 -28.29 -9.29
CA LEU B 123 9.83 -29.34 -9.02
C LEU B 123 10.39 -30.74 -9.21
N ASN B 124 11.19 -30.95 -10.26
CA ASN B 124 11.75 -32.28 -10.49
C ASN B 124 12.60 -32.68 -9.30
N ALA B 125 13.38 -31.73 -8.82
CA ALA B 125 14.23 -31.97 -7.67
C ALA B 125 13.36 -32.29 -6.46
N LEU B 126 12.41 -31.40 -6.13
CA LEU B 126 11.55 -31.64 -4.98
C LEU B 126 10.89 -33.02 -5.12
N GLN B 128 12.50 -35.71 -6.72
CA GLN B 128 13.52 -36.72 -7.05
C GLN B 128 13.05 -38.12 -6.71
N ASP B 129 12.59 -38.29 -5.48
CA ASP B 129 12.03 -39.55 -5.04
C ASP B 129 10.60 -39.11 -5.29
N HIS B 130 9.71 -40.00 -5.68
CA HIS B 130 8.30 -39.66 -5.97
C HIS B 130 7.96 -39.55 -7.46
N GLY B 131 8.87 -39.99 -8.33
CA GLY B 131 8.59 -39.98 -9.75
C GLY B 131 9.02 -38.77 -10.55
N GLY B 132 9.54 -37.74 -9.87
CA GLY B 132 10.00 -36.57 -10.57
C GLY B 132 8.93 -35.76 -11.30
N PHE B 133 9.40 -34.72 -11.98
CA PHE B 133 8.57 -33.81 -12.74
C PHE B 133 9.25 -33.43 -14.07
N GLU B 134 8.54 -33.65 -15.17
CA GLU B 134 9.07 -33.30 -16.48
C GLU B 134 7.93 -32.64 -17.29
N HIS B 135 8.17 -31.43 -17.81
CA HIS B 135 7.14 -30.66 -18.52
C HIS B 135 6.39 -31.33 -19.67
N ASN B 136 7.06 -32.13 -20.50
CA ASN B 136 6.34 -32.79 -21.59
C ASN B 136 5.44 -33.88 -21.00
N ALA B 137 5.93 -34.59 -20.01
CA ALA B 137 5.15 -35.65 -19.34
C ALA B 137 3.92 -34.98 -18.71
N GLN B 138 4.16 -33.85 -18.06
CA GLN B 138 3.10 -33.11 -17.43
C GLN B 138 2.04 -32.73 -18.46
N ALA B 139 2.49 -32.23 -19.62
CA ALA B 139 1.58 -31.84 -20.68
C ALA B 139 0.68 -33.02 -21.02
N LEU B 140 1.27 -34.20 -21.20
CA LEU B 140 0.49 -35.38 -21.51
C LEU B 140 -0.47 -35.65 -20.34
N ARG B 141 0.04 -35.55 -19.11
CA ARG B 141 -0.78 -35.81 -17.91
C ARG B 141 -1.99 -34.89 -17.93
N ILE B 142 -1.74 -33.63 -18.24
CA ILE B 142 -2.80 -32.64 -18.31
C ILE B 142 -3.83 -33.06 -19.35
N LEU B 143 -3.36 -33.25 -20.58
CA LEU B 143 -4.23 -33.61 -21.70
C LEU B 143 -4.92 -34.96 -21.63
N THR B 144 -4.45 -35.86 -20.78
CA THR B 144 -5.04 -37.18 -20.74
C THR B 144 -5.67 -37.56 -19.42
N HIS B 145 -5.29 -36.86 -18.36
CA HIS B 145 -5.77 -37.23 -17.05
C HIS B 145 -6.30 -36.09 -16.18
N LEU B 146 -5.59 -34.97 -16.15
CA LEU B 146 -5.96 -33.84 -15.30
C LEU B 146 -7.13 -32.94 -15.71
N GLU B 147 -7.24 -32.59 -16.99
CA GLU B 147 -8.36 -31.73 -17.40
C GLU B 147 -9.58 -32.61 -17.55
N VAL B 148 -10.70 -32.13 -17.00
CA VAL B 148 -11.96 -32.83 -17.09
C VAL B 148 -12.92 -31.80 -17.67
N ARG B 149 -13.29 -31.99 -18.93
CA ARG B 149 -14.19 -31.06 -19.60
C ARG B 149 -15.23 -31.85 -20.38
N TYR B 150 -15.06 -33.16 -20.38
CA TYR B 150 -15.99 -34.03 -21.09
C TYR B 150 -16.62 -35.05 -20.16
N PRO B 151 -17.94 -35.14 -20.18
CA PRO B 151 -18.63 -36.11 -19.33
C PRO B 151 -18.49 -37.43 -20.07
N GLY B 152 -17.79 -38.38 -19.49
CA GLY B 152 -17.60 -39.66 -20.15
C GLY B 152 -16.17 -40.12 -19.94
N PHE B 153 -15.24 -39.18 -19.93
CA PHE B 153 -13.83 -39.46 -19.71
C PHE B 153 -13.12 -38.26 -19.10
N ARG B 154 -11.90 -38.49 -18.61
CA ARG B 154 -11.11 -37.42 -18.03
C ARG B 154 -10.50 -36.54 -19.10
N GLY B 155 -11.31 -35.63 -19.66
CA GLY B 155 -10.83 -34.75 -20.71
C GLY B 155 -9.99 -35.54 -21.68
N LEU B 156 -9.28 -34.88 -22.58
CA LEU B 156 -8.41 -35.58 -23.53
C LEU B 156 -9.10 -36.10 -24.79
N ASN B 157 -8.82 -37.38 -25.03
CA ASN B 157 -9.27 -38.13 -26.16
C ASN B 157 -8.76 -37.45 -27.41
N LEU B 158 -7.51 -36.98 -27.34
CA LEU B 158 -6.85 -36.35 -28.47
C LEU B 158 -6.35 -37.46 -29.37
N THR B 159 -6.13 -37.14 -30.63
CA THR B 159 -5.64 -38.13 -31.58
C THR B 159 -4.26 -38.65 -31.18
N TYR B 160 -3.96 -39.87 -31.61
CA TYR B 160 -2.67 -40.47 -31.29
C TYR B 160 -1.53 -39.56 -31.70
N GLU B 161 -1.62 -39.00 -32.90
CA GLU B 161 -0.54 -38.17 -33.42
C GLU B 161 -0.20 -36.88 -32.66
N VAL B 162 -1.19 -36.22 -32.07
CA VAL B 162 -0.87 -35.01 -31.33
C VAL B 162 -0.16 -35.42 -30.03
N LEU B 163 -0.72 -36.40 -29.34
CA LEU B 163 -0.13 -36.90 -28.11
C LEU B 163 1.29 -37.34 -28.47
N GLU B 164 1.41 -38.15 -29.52
CA GLU B 164 2.70 -38.64 -29.99
C GLU B 164 3.71 -37.52 -30.20
N GLY B 165 3.25 -36.42 -30.77
CA GLY B 165 4.15 -35.31 -31.03
C GLY B 165 4.73 -34.69 -29.77
N ILE B 166 3.88 -34.56 -28.76
CA ILE B 166 4.31 -33.92 -27.50
C ILE B 166 5.46 -34.64 -26.80
N THR B 168 7.62 -36.91 -27.78
CA THR B 168 8.46 -37.22 -28.94
C THR B 168 9.16 -36.01 -29.58
N HIS B 169 8.42 -34.94 -29.88
CA HIS B 169 9.04 -33.76 -30.50
C HIS B 169 10.05 -33.40 -29.42
N GLU B 170 11.18 -32.83 -29.81
CA GLU B 170 12.22 -32.42 -28.87
C GLU B 170 13.38 -33.40 -28.86
N GLU B 182 7.20 -45.67 -29.37
CA GLU B 182 7.55 -44.27 -29.60
C GLU B 182 7.97 -43.99 -31.05
N GLY B 183 9.28 -43.96 -31.30
CA GLY B 183 9.76 -43.67 -32.63
C GLY B 183 10.29 -42.24 -32.72
N GLN B 184 10.63 -41.82 -33.94
CA GLN B 184 11.18 -40.48 -34.18
C GLN B 184 10.08 -39.40 -34.20
N GLY B 185 8.83 -39.83 -34.15
CA GLY B 185 7.71 -38.91 -34.17
C GLY B 185 7.49 -38.44 -35.60
N THR B 186 6.46 -37.61 -35.83
CA THR B 186 6.21 -37.14 -37.18
C THR B 186 7.15 -35.97 -37.46
N LEU B 187 7.38 -35.67 -38.74
CA LEU B 187 8.25 -34.56 -39.09
C LEU B 187 7.54 -33.30 -38.58
N GLU B 188 6.22 -33.33 -38.61
CA GLU B 188 5.45 -32.20 -38.11
C GLU B 188 5.88 -31.93 -36.66
N ALA B 189 6.04 -32.99 -35.86
CA ALA B 189 6.46 -32.84 -34.47
C ALA B 189 7.86 -32.27 -34.37
N GLN B 190 8.79 -32.84 -35.12
CA GLN B 190 10.16 -32.38 -35.10
C GLN B 190 10.23 -30.91 -35.50
N VAL B 191 9.36 -30.47 -36.41
CA VAL B 191 9.44 -29.07 -36.80
C VAL B 191 9.03 -28.13 -35.65
N VAL B 192 8.04 -28.54 -34.85
CA VAL B 192 7.62 -27.71 -33.72
C VAL B 192 8.82 -27.48 -32.78
N ASP B 193 9.57 -28.52 -32.44
CA ASP B 193 10.72 -28.34 -31.55
C ASP B 193 11.80 -27.42 -32.15
N LEU B 194 12.01 -27.50 -33.46
CA LEU B 194 13.00 -26.62 -34.07
C LEU B 194 12.47 -25.20 -34.06
N SER B 195 11.17 -25.04 -34.31
CA SER B 195 10.56 -23.69 -34.32
C SER B 195 10.58 -23.06 -32.92
N ASP B 196 10.42 -23.89 -31.89
CA ASP B 196 10.44 -23.41 -30.51
C ASP B 196 11.81 -22.80 -30.20
N ALA B 197 12.87 -23.46 -30.68
CA ALA B 197 14.26 -23.00 -30.47
C ALA B 197 14.54 -21.71 -31.26
N ILE B 198 14.02 -21.65 -32.48
CA ILE B 198 14.17 -20.44 -33.30
C ILE B 198 13.44 -19.30 -32.57
N ALA B 199 12.21 -19.57 -32.15
CA ALA B 199 11.40 -18.57 -31.44
C ALA B 199 12.11 -18.08 -30.18
N TYR B 200 12.65 -19.01 -29.42
CA TYR B 200 13.36 -18.69 -28.19
C TYR B 200 14.50 -17.68 -28.38
N ALA B 201 15.42 -18.00 -29.27
CA ALA B 201 16.57 -17.13 -29.51
C ALA B 201 16.17 -15.76 -30.03
N ALA B 202 15.19 -15.73 -30.93
CA ALA B 202 14.74 -14.46 -31.51
C ALA B 202 14.07 -13.56 -30.51
N HIS B 203 13.19 -14.14 -29.69
CA HIS B 203 12.48 -13.32 -28.72
C HIS B 203 13.17 -13.09 -27.39
N ASP B 204 14.18 -13.92 -27.06
CA ASP B 204 14.94 -13.68 -25.84
C ASP B 204 15.77 -12.44 -26.13
N LEU B 205 16.21 -12.31 -27.38
CA LEU B 205 17.04 -11.18 -27.76
C LEU B 205 16.21 -9.89 -27.71
N ASP B 206 15.04 -9.91 -28.34
CA ASP B 206 14.17 -8.74 -28.36
C ASP B 206 13.77 -8.36 -26.93
N ASP B 207 13.36 -9.34 -26.13
CA ASP B 207 12.97 -9.02 -24.77
C ASP B 207 14.16 -8.49 -23.98
N GLY B 208 15.31 -9.15 -24.11
CA GLY B 208 16.50 -8.71 -23.40
C GLY B 208 16.82 -7.24 -23.61
N PHE B 209 16.64 -6.77 -24.84
CA PHE B 209 16.91 -5.37 -25.15
C PHE B 209 15.88 -4.46 -24.52
N ARG B 210 14.61 -4.65 -24.87
CA ARG B 210 13.54 -3.82 -24.32
C ARG B 210 13.77 -3.65 -22.82
N ALA B 211 13.90 -4.78 -22.13
CA ALA B 211 14.11 -4.79 -20.67
C ALA B 211 15.45 -4.20 -20.22
N GLY B 212 16.19 -3.63 -21.14
CA GLY B 212 17.48 -3.02 -20.82
C GLY B 212 18.56 -3.92 -20.24
N LEU B 213 18.44 -5.23 -20.40
CA LEU B 213 19.45 -6.16 -19.86
C LEU B 213 20.56 -6.39 -20.88
N LEU B 214 20.20 -6.34 -22.16
CA LEU B 214 21.11 -6.54 -23.27
C LEU B 214 21.50 -5.19 -23.85
N HIS B 215 22.79 -4.97 -24.08
CA HIS B 215 23.27 -3.71 -24.63
C HIS B 215 23.69 -3.78 -26.09
N PRO B 216 23.33 -2.76 -26.88
CA PRO B 216 23.64 -2.65 -28.30
C PRO B 216 25.12 -2.33 -28.46
N GLU B 217 25.93 -3.39 -28.52
CA GLU B 217 27.38 -3.28 -28.64
C GLU B 217 27.83 -4.69 -28.32
N GLU B 218 27.02 -5.35 -27.49
CA GLU B 218 27.27 -6.74 -27.12
C GLU B 218 26.91 -7.58 -28.33
N LEU B 219 26.22 -6.97 -29.30
CA LEU B 219 25.82 -7.66 -30.53
C LEU B 219 27.02 -8.19 -31.29
N LYS B 220 28.08 -7.39 -31.36
CA LYS B 220 29.30 -7.77 -32.07
C LYS B 220 29.84 -9.08 -31.53
N GLU B 221 29.33 -9.48 -30.38
CA GLU B 221 29.71 -10.71 -29.69
C GLU B 221 29.20 -11.95 -30.40
N VAL B 222 28.28 -11.76 -31.34
CA VAL B 222 27.70 -12.88 -32.10
C VAL B 222 27.77 -12.52 -33.57
N GLU B 223 28.67 -13.18 -34.29
CA GLU B 223 28.86 -12.90 -35.71
C GLU B 223 27.57 -12.76 -36.51
N LEU B 224 26.63 -13.66 -36.36
CA LEU B 224 25.39 -13.55 -37.11
C LEU B 224 24.68 -12.23 -36.81
N LEU B 225 24.58 -11.89 -35.53
CA LEU B 225 23.91 -10.66 -35.12
C LEU B 225 24.61 -9.47 -35.73
N GLN B 226 25.94 -9.43 -35.54
CA GLN B 226 26.74 -8.32 -36.05
C GLN B 226 26.67 -8.22 -37.57
N ALA B 227 26.70 -9.37 -38.25
CA ALA B 227 26.61 -9.39 -39.70
C ALA B 227 25.41 -8.55 -40.09
N LEU B 228 24.22 -9.03 -39.67
CA LEU B 228 22.96 -8.35 -39.90
C LEU B 228 23.17 -7.06 -39.14
N ALA B 229 22.43 -6.02 -39.44
CA ALA B 229 22.59 -4.76 -38.72
C ALA B 229 23.71 -3.93 -39.35
N LEU B 230 24.88 -4.55 -39.50
CA LEU B 230 25.98 -3.86 -40.14
C LEU B 230 25.61 -3.83 -41.62
N GLU B 231 25.09 -4.96 -42.10
CA GLU B 231 24.73 -5.09 -43.51
C GLU B 231 23.30 -4.72 -43.91
N GLU B 232 22.72 -3.73 -43.22
CA GLU B 232 21.34 -3.29 -43.51
C GLU B 232 21.40 -1.81 -43.25
N GLU B 241 14.71 1.42 -31.97
CA GLU B 241 13.61 0.46 -31.93
C GLU B 241 13.41 -0.15 -33.32
N LEU B 242 13.31 0.73 -34.32
CA LEU B 242 13.12 0.30 -35.70
C LEU B 242 14.30 -0.62 -36.09
N ASP B 243 15.49 -0.31 -35.58
CA ASP B 243 16.67 -1.12 -35.87
C ASP B 243 16.46 -2.51 -35.28
N ARG B 244 16.07 -2.56 -34.00
CA ARG B 244 15.85 -3.84 -33.32
C ARG B 244 14.79 -4.69 -34.04
N ARG B 245 13.72 -4.04 -34.48
CA ARG B 245 12.66 -4.76 -35.13
C ARG B 245 13.16 -5.34 -36.43
N VAL B 246 14.00 -4.58 -37.13
CA VAL B 246 14.58 -5.04 -38.37
C VAL B 246 15.45 -6.28 -38.05
N LEU B 247 16.37 -6.09 -37.12
CA LEU B 247 17.28 -7.16 -36.72
C LEU B 247 16.50 -8.43 -36.34
N VAL B 248 15.51 -8.29 -35.46
CA VAL B 248 14.72 -9.44 -35.01
C VAL B 248 14.04 -10.12 -36.16
N ARG B 249 13.33 -9.35 -36.97
CA ARG B 249 12.64 -9.90 -38.10
C ARG B 249 13.62 -10.61 -39.03
N GLN B 250 14.77 -9.99 -39.27
CA GLN B 250 15.79 -10.59 -40.15
C GLN B 250 16.36 -11.90 -39.55
N LEU B 251 16.44 -11.95 -38.22
CA LEU B 251 16.93 -13.17 -37.57
C LEU B 251 15.94 -14.30 -37.82
N LEU B 252 14.66 -14.03 -37.66
CA LEU B 252 13.63 -15.06 -37.86
C LEU B 252 13.63 -15.57 -39.29
N GLY B 253 13.76 -14.66 -40.24
CA GLY B 253 13.79 -15.06 -41.64
C GLY B 253 14.97 -15.98 -41.83
N TYR B 254 16.14 -15.53 -41.38
CA TYR B 254 17.36 -16.32 -41.51
C TYR B 254 17.17 -17.77 -41.11
N PHE B 255 16.60 -18.02 -39.91
CA PHE B 255 16.39 -19.37 -39.41
C PHE B 255 15.29 -20.15 -40.07
N ILE B 256 14.16 -19.51 -40.30
CA ILE B 256 13.07 -20.20 -40.97
C ILE B 256 13.51 -20.64 -42.39
N THR B 257 14.18 -19.74 -43.09
CA THR B 257 14.66 -20.09 -44.43
C THR B 257 15.65 -21.26 -44.32
N ALA B 258 16.69 -21.11 -43.50
CA ALA B 258 17.68 -22.17 -43.33
C ALA B 258 16.99 -23.48 -42.99
N ALA B 259 16.00 -23.40 -42.09
CA ALA B 259 15.26 -24.59 -41.66
C ALA B 259 14.53 -25.29 -42.79
N ILE B 260 13.85 -24.50 -43.63
CA ILE B 260 13.11 -25.08 -44.75
C ILE B 260 14.06 -25.79 -45.72
N GLU B 261 15.19 -25.15 -45.99
CA GLU B 261 16.17 -25.69 -46.92
C GLU B 261 16.79 -27.00 -46.46
N ALA B 262 17.44 -26.93 -45.31
CA ALA B 262 18.11 -28.09 -44.73
C ALA B 262 17.16 -29.24 -44.47
N THR B 263 15.95 -28.96 -43.99
CA THR B 263 15.04 -30.06 -43.71
C THR B 263 14.62 -30.75 -45.00
N HIS B 264 14.47 -29.98 -46.06
CA HIS B 264 14.11 -30.54 -47.35
C HIS B 264 15.25 -31.48 -47.84
N ARG B 265 16.50 -31.08 -47.65
CA ARG B 265 17.63 -31.92 -48.07
C ARG B 265 17.58 -33.28 -47.34
N ARG B 266 17.57 -33.21 -46.00
CA ARG B 266 17.48 -34.38 -45.13
C ARG B 266 16.38 -35.31 -45.58
N VAL B 267 15.23 -34.73 -45.86
CA VAL B 267 14.08 -35.50 -46.30
C VAL B 267 14.36 -36.16 -47.65
N GLU B 268 15.03 -35.45 -48.56
CA GLU B 268 15.36 -36.02 -49.87
C GLU B 268 16.39 -37.12 -49.72
N GLU B 269 17.43 -36.88 -48.92
CA GLU B 269 18.44 -37.90 -48.69
C GLU B 269 17.73 -39.17 -48.22
N ALA B 270 16.99 -39.08 -47.11
CA ALA B 270 16.24 -40.23 -46.63
C ALA B 270 15.27 -40.59 -47.74
N GLY B 271 14.74 -41.80 -47.76
CA GLY B 271 13.81 -42.10 -48.83
C GLY B 271 12.39 -42.02 -48.35
N VAL B 272 12.19 -41.37 -47.19
CA VAL B 272 10.87 -41.29 -46.62
C VAL B 272 9.81 -40.90 -47.64
N GLN B 273 8.82 -41.77 -47.76
CA GLN B 273 7.72 -41.58 -48.68
C GLN B 273 6.39 -41.74 -47.89
N SER B 274 6.46 -41.56 -46.57
CA SER B 274 5.28 -41.66 -45.71
C SER B 274 5.62 -41.30 -44.27
N ALA B 275 4.61 -40.82 -43.56
CA ALA B 275 4.76 -40.43 -42.17
C ALA B 275 5.32 -41.59 -41.34
N GLU B 276 4.85 -42.80 -41.59
CA GLU B 276 5.35 -43.91 -40.81
C GLU B 276 6.86 -44.06 -41.03
N ALA B 277 7.33 -43.72 -42.23
CA ALA B 277 8.76 -43.81 -42.55
C ALA B 277 9.60 -42.84 -41.74
N VAL B 278 9.06 -41.64 -41.51
CA VAL B 278 9.78 -40.65 -40.72
C VAL B 278 9.92 -41.21 -39.29
N ARG B 279 8.82 -41.78 -38.80
CA ARG B 279 8.77 -42.36 -37.45
C ARG B 279 9.87 -43.40 -37.23
N ARG B 280 9.92 -44.37 -38.13
CA ARG B 280 10.89 -45.44 -38.03
C ARG B 280 12.29 -45.13 -38.53
N HIS B 281 12.52 -43.93 -39.07
CA HIS B 281 13.85 -43.56 -39.60
C HIS B 281 14.85 -43.52 -38.44
N PRO B 282 16.10 -43.91 -38.69
CA PRO B 282 17.16 -43.94 -37.68
C PRO B 282 17.72 -42.60 -37.22
N SER B 283 17.21 -41.51 -37.79
CA SER B 283 17.68 -40.19 -37.43
C SER B 283 16.53 -39.21 -37.59
N ARG B 284 16.67 -38.03 -37.00
CA ARG B 284 15.61 -37.03 -37.16
C ARG B 284 15.98 -36.22 -38.39
N LEU B 285 14.96 -35.74 -39.10
CA LEU B 285 15.16 -34.98 -40.32
C LEU B 285 15.13 -33.45 -40.16
N ALA B 286 14.22 -32.92 -39.35
CA ALA B 286 14.16 -31.46 -39.16
C ALA B 286 15.55 -30.95 -38.80
N ALA B 287 16.02 -29.94 -39.52
CA ALA B 287 17.34 -29.41 -39.28
C ALA B 287 17.53 -27.99 -39.78
N LEU B 288 18.55 -27.32 -39.27
CA LEU B 288 18.88 -25.97 -39.65
C LEU B 288 20.12 -25.89 -40.57
N GLY B 289 20.85 -26.99 -40.75
CA GLY B 289 22.03 -26.92 -41.60
C GLY B 289 23.22 -26.43 -40.80
N GLU B 290 24.43 -26.75 -41.26
CA GLU B 290 25.64 -26.38 -40.54
C GLU B 290 25.85 -24.93 -40.20
N GLU B 291 25.59 -24.05 -41.15
CA GLU B 291 25.81 -22.63 -40.90
C GLU B 291 24.84 -22.08 -39.85
N ALA B 292 23.57 -22.36 -40.02
CA ALA B 292 22.54 -21.85 -39.11
C ALA B 292 22.61 -22.52 -37.73
N GLU B 293 22.84 -23.82 -37.70
CA GLU B 293 22.92 -24.57 -36.45
C GLU B 293 24.04 -24.01 -35.59
N LYS B 294 25.14 -23.64 -36.22
CA LYS B 294 26.27 -23.08 -35.49
C LYS B 294 25.93 -21.69 -34.97
N ALA B 295 25.25 -20.91 -35.80
CA ALA B 295 24.87 -19.55 -35.39
C ALA B 295 23.90 -19.62 -34.20
N LEU B 296 22.88 -20.48 -34.31
CA LEU B 296 21.92 -20.63 -33.22
C LEU B 296 22.70 -20.98 -31.94
N LYS B 297 23.61 -21.95 -32.04
CA LYS B 297 24.42 -22.36 -30.89
C LYS B 297 25.11 -21.15 -30.29
N ALA B 298 25.74 -20.33 -31.15
CA ALA B 298 26.42 -19.14 -30.70
C ALA B 298 25.46 -18.14 -30.06
N LEU B 299 24.31 -17.92 -30.70
CA LEU B 299 23.32 -16.98 -30.16
C LEU B 299 22.81 -17.46 -28.79
N LYS B 300 22.68 -18.77 -28.63
CA LYS B 300 22.22 -19.36 -27.38
C LYS B 300 23.25 -19.17 -26.28
N ALA B 301 24.51 -19.45 -26.59
CA ALA B 301 25.56 -19.30 -25.59
C ALA B 301 25.59 -17.85 -25.11
N PHE B 302 25.50 -16.92 -26.04
CA PHE B 302 25.49 -15.50 -25.72
C PHE B 302 24.29 -15.12 -24.80
N LEU B 303 23.10 -15.55 -25.15
CA LEU B 303 21.91 -15.22 -24.33
C LEU B 303 22.02 -15.87 -22.94
N GLU B 305 24.77 -16.45 -21.21
CA GLU B 305 25.67 -15.62 -20.42
C GLU B 305 25.14 -14.23 -20.13
N ARG B 306 24.69 -13.54 -21.17
CA ARG B 306 24.24 -12.18 -21.03
C ARG B 306 22.81 -11.96 -20.54
N PHE B 307 21.88 -12.81 -20.91
CA PHE B 307 20.49 -12.65 -20.48
C PHE B 307 20.17 -13.49 -19.23
N TYR B 308 20.23 -14.82 -19.37
CA TYR B 308 19.93 -15.72 -18.27
C TYR B 308 20.80 -15.62 -17.03
N ARG B 309 22.02 -15.12 -17.17
CA ARG B 309 22.84 -14.98 -15.99
C ARG B 309 23.10 -13.53 -15.65
N HIS B 310 22.18 -12.67 -16.05
CA HIS B 310 22.32 -11.27 -15.72
C HIS B 310 21.92 -11.21 -14.25
N PRO B 311 22.66 -10.44 -13.46
CA PRO B 311 22.33 -10.33 -12.04
C PRO B 311 20.83 -10.21 -11.76
N GLU B 312 20.12 -9.42 -12.57
CA GLU B 312 18.70 -9.19 -12.36
C GLU B 312 17.77 -10.35 -12.66
N VAL B 313 18.14 -11.16 -13.64
CA VAL B 313 17.31 -12.28 -14.00
C VAL B 313 17.52 -13.35 -12.93
N LEU B 314 18.75 -13.45 -12.47
CA LEU B 314 19.10 -14.42 -11.46
C LEU B 314 18.40 -14.14 -10.13
N ARG B 315 18.26 -12.86 -9.79
CA ARG B 315 17.61 -12.47 -8.55
C ARG B 315 16.17 -12.98 -8.57
N GLU B 316 15.46 -12.68 -9.66
CA GLU B 316 14.09 -13.12 -9.81
C GLU B 316 14.04 -14.66 -9.88
N ARG B 317 15.11 -15.30 -10.36
CA ARG B 317 15.12 -16.75 -10.41
C ARG B 317 15.03 -17.26 -8.98
N ARG B 318 15.99 -16.79 -8.19
CA ARG B 318 16.12 -17.12 -6.77
C ARG B 318 14.80 -17.03 -6.02
N LYS B 319 14.05 -15.98 -6.30
CA LYS B 319 12.76 -15.79 -5.66
C LYS B 319 11.79 -16.87 -6.11
N ALA B 320 11.76 -17.16 -7.40
CA ALA B 320 10.84 -18.17 -7.89
C ALA B 320 11.14 -19.50 -7.20
N GLU B 321 12.41 -19.83 -7.07
CA GLU B 321 12.77 -21.09 -6.43
C GLU B 321 12.25 -21.10 -4.98
N ALA B 322 12.32 -19.95 -4.30
CA ALA B 322 11.84 -19.87 -2.92
C ALA B 322 10.31 -20.00 -2.80
N VAL B 323 9.58 -19.59 -3.84
CA VAL B 323 8.13 -19.68 -3.82
C VAL B 323 7.66 -21.11 -4.05
N LEU B 324 8.22 -21.78 -5.05
CA LEU B 324 7.81 -23.14 -5.31
C LEU B 324 8.18 -24.09 -4.17
N GLU B 325 9.38 -23.92 -3.62
CA GLU B 325 9.81 -24.76 -2.51
C GLU B 325 8.93 -24.49 -1.29
N GLY B 326 8.63 -23.22 -1.04
CA GLY B 326 7.79 -22.83 0.07
C GLY B 326 6.42 -23.48 0.02
N LEU B 327 5.76 -23.42 -1.14
CA LEU B 327 4.45 -24.00 -1.34
C LEU B 327 4.46 -25.51 -1.28
N PHE B 328 5.49 -26.13 -1.83
CA PHE B 328 5.58 -27.59 -1.84
C PHE B 328 5.75 -28.08 -0.42
N ALA B 329 6.62 -27.40 0.32
CA ALA B 329 6.93 -27.77 1.68
C ALA B 329 5.71 -27.61 2.59
N ALA B 330 4.94 -26.55 2.33
CA ALA B 330 3.76 -26.24 3.11
C ALA B 330 2.62 -27.24 2.92
N TYR B 331 2.24 -27.48 1.67
CA TYR B 331 1.15 -28.39 1.41
C TYR B 331 1.51 -29.85 1.69
N THR B 332 2.80 -30.19 1.59
CA THR B 332 3.24 -31.57 1.86
C THR B 332 3.20 -31.91 3.34
N ARG B 333 3.65 -30.96 4.16
CA ARG B 333 3.65 -31.13 5.59
C ARG B 333 2.24 -30.94 6.17
N TYR B 334 1.45 -30.09 5.53
CA TYR B 334 0.09 -29.79 5.98
C TYR B 334 -0.93 -29.83 4.84
N PRO B 335 -1.28 -31.02 4.35
CA PRO B 335 -2.23 -31.13 3.25
C PRO B 335 -3.62 -30.59 3.56
N GLU B 336 -3.95 -30.50 4.85
CA GLU B 336 -5.26 -29.98 5.28
C GLU B 336 -5.31 -28.50 4.90
N LEU B 337 -4.18 -27.98 4.47
CA LEU B 337 -4.06 -26.59 4.07
C LEU B 337 -4.56 -26.48 2.63
N LEU B 338 -4.52 -27.60 1.92
CA LEU B 338 -4.93 -27.66 0.52
C LEU B 338 -6.44 -27.56 0.34
N PRO B 339 -6.89 -27.08 -0.82
CA PRO B 339 -8.33 -26.98 -1.06
C PRO B 339 -8.87 -28.43 -0.96
N ARG B 340 -10.12 -28.59 -0.52
CA ARG B 340 -10.71 -29.93 -0.40
C ARG B 340 -10.68 -30.71 -1.72
N GLU B 341 -10.85 -29.99 -2.83
CA GLU B 341 -10.81 -30.59 -4.17
C GLU B 341 -9.45 -31.25 -4.41
N VAL B 342 -8.39 -30.65 -3.91
CA VAL B 342 -7.08 -31.24 -4.12
C VAL B 342 -6.88 -32.40 -3.14
N GLN B 343 -7.20 -32.17 -1.86
CA GLN B 343 -7.07 -33.23 -0.85
C GLN B 343 -7.76 -34.51 -1.35
N ALA B 344 -8.85 -34.34 -2.07
CA ALA B 344 -9.60 -35.49 -2.58
C ALA B 344 -8.86 -36.33 -3.63
N LYS B 345 -7.85 -35.75 -4.27
CA LYS B 345 -7.08 -36.47 -5.30
C LYS B 345 -5.91 -37.22 -4.69
N ILE B 346 -5.57 -36.88 -3.44
CA ILE B 346 -4.46 -37.52 -2.73
C ILE B 346 -4.53 -39.03 -2.65
N PRO B 347 -5.72 -39.60 -2.42
CA PRO B 347 -5.80 -41.06 -2.35
C PRO B 347 -5.50 -41.74 -3.68
N GLU B 348 -5.80 -41.08 -4.79
CA GLU B 348 -5.53 -41.71 -6.07
C GLU B 348 -4.15 -41.43 -6.62
N GLU B 349 -3.67 -40.21 -6.44
CA GLU B 349 -2.37 -39.82 -6.97
C GLU B 349 -1.21 -39.79 -5.98
N GLY B 350 -1.51 -39.91 -4.71
CA GLY B 350 -0.45 -39.82 -3.72
C GLY B 350 -0.39 -38.37 -3.27
N LEU B 351 0.31 -38.10 -2.18
CA LEU B 351 0.40 -36.75 -1.65
C LEU B 351 1.32 -35.87 -2.48
N GLU B 352 2.51 -36.38 -2.77
CA GLU B 352 3.50 -35.63 -3.54
C GLU B 352 3.02 -35.28 -4.95
N ARG B 353 2.39 -36.24 -5.62
CA ARG B 353 1.90 -36.02 -6.97
C ARG B 353 0.70 -35.08 -6.96
N ALA B 354 -0.25 -35.28 -6.04
CA ALA B 354 -1.41 -34.39 -5.95
C ALA B 354 -0.96 -32.95 -5.73
N VAL B 355 0.04 -32.76 -4.87
CA VAL B 355 0.56 -31.45 -4.59
C VAL B 355 1.31 -30.90 -5.79
N CYS B 356 2.13 -31.74 -6.40
CA CYS B 356 2.92 -31.34 -7.56
C CYS B 356 1.97 -30.86 -8.66
N ASP B 357 0.93 -31.66 -8.95
CA ASP B 357 -0.04 -31.31 -9.99
C ASP B 357 -0.66 -29.97 -9.70
N TYR B 358 -0.98 -29.73 -8.43
CA TYR B 358 -1.63 -28.49 -8.01
C TYR B 358 -0.74 -27.26 -8.19
N ILE B 359 0.51 -27.40 -7.78
CA ILE B 359 1.46 -26.33 -7.92
C ILE B 359 1.74 -26.09 -9.40
N ALA B 360 2.12 -27.14 -10.13
CA ALA B 360 2.43 -27.01 -11.57
C ALA B 360 1.31 -26.33 -12.35
N GLY B 361 0.07 -26.48 -11.87
CA GLY B 361 -1.06 -25.92 -12.55
C GLY B 361 -1.44 -24.49 -12.25
N THR B 363 -1.02 -20.19 -12.05
CA THR B 363 -0.54 -19.07 -12.84
C THR B 363 0.55 -18.46 -11.93
N ASP B 364 1.36 -17.57 -12.49
CA ASP B 364 2.43 -16.92 -11.72
C ASP B 364 1.88 -16.12 -10.55
N ARG B 365 0.83 -15.35 -10.82
CA ARG B 365 0.21 -14.50 -9.81
C ARG B 365 -0.39 -15.35 -8.67
N PHE B 366 -1.15 -16.37 -9.03
CA PHE B 366 -1.75 -17.22 -8.02
C PHE B 366 -0.69 -17.83 -7.09
N ALA B 367 0.36 -18.42 -7.65
CA ALA B 367 1.42 -19.04 -6.84
C ALA B 367 2.03 -18.07 -5.84
N LEU B 368 2.34 -16.87 -6.30
CA LEU B 368 2.91 -15.86 -5.42
C LEU B 368 1.95 -15.52 -4.28
N GLU B 369 0.69 -15.23 -4.60
CA GLU B 369 -0.30 -14.91 -3.58
C GLU B 369 -0.44 -16.05 -2.57
N ALA B 370 -0.68 -17.25 -3.09
CA ALA B 370 -0.82 -18.44 -2.27
C ALA B 370 0.38 -18.53 -1.34
N TYR B 371 1.56 -18.26 -1.89
CA TYR B 371 2.77 -18.32 -1.10
C TYR B 371 2.74 -17.29 0.03
N ARG B 372 2.33 -16.07 -0.29
CA ARG B 372 2.30 -15.02 0.70
C ARG B 372 1.25 -15.26 1.76
N ARG B 373 0.10 -15.82 1.38
CA ARG B 373 -0.94 -16.04 2.36
C ARG B 373 -0.65 -17.19 3.32
N LEU B 374 0.55 -17.78 3.20
CA LEU B 374 0.96 -18.86 4.10
C LEU B 374 1.68 -18.24 5.30
N SER B 375 2.00 -16.95 5.19
CA SER B 375 2.68 -16.24 6.27
C SER B 375 1.91 -15.00 6.69
N PRO B 376 2.11 -14.53 7.94
CA PRO B 376 1.43 -13.35 8.46
C PRO B 376 1.64 -12.16 7.54
N ARG C 2 -36.93 5.66 45.70
CA ARG C 2 -35.48 5.59 45.65
C ARG C 2 -35.03 4.27 46.26
N PHE C 3 -34.99 3.23 45.45
CA PHE C 3 -34.57 1.92 45.96
C PHE C 3 -33.09 1.92 46.31
N SER C 4 -32.82 2.08 47.60
CA SER C 4 -31.45 2.08 48.09
C SER C 4 -30.91 0.67 47.94
N ARG C 5 -29.62 0.53 48.19
CA ARG C 5 -28.91 -0.75 48.12
C ARG C 5 -29.61 -1.80 49.00
N GLU C 6 -29.75 -1.48 50.28
CA GLU C 6 -30.41 -2.39 51.23
C GLU C 6 -31.77 -2.86 50.75
N ALA C 7 -32.46 -1.96 50.05
CA ALA C 7 -33.79 -2.27 49.55
C ALA C 7 -33.77 -3.33 48.48
N LEU C 8 -32.72 -3.31 47.65
CA LEU C 8 -32.58 -4.28 46.57
C LEU C 8 -32.23 -5.65 47.11
N LEU C 9 -31.30 -5.70 48.06
CA LEU C 9 -30.92 -7.00 48.62
C LEU C 9 -32.17 -7.71 49.12
N GLU C 10 -33.01 -6.99 49.87
CA GLU C 10 -34.25 -7.58 50.39
C GLU C 10 -35.14 -8.00 49.24
N LEU C 11 -35.38 -7.08 48.33
CA LEU C 11 -36.23 -7.40 47.20
C LEU C 11 -35.70 -8.65 46.48
N GLU C 12 -34.38 -8.72 46.30
CA GLU C 12 -33.81 -9.87 45.64
C GLU C 12 -34.06 -11.09 46.54
N ALA C 13 -33.85 -10.91 47.84
CA ALA C 13 -34.01 -11.97 48.83
C ALA C 13 -35.29 -12.79 48.81
N SER C 14 -36.43 -12.16 48.52
CA SER C 14 -37.69 -12.90 48.49
C SER C 14 -38.20 -13.21 47.08
N ARG C 15 -37.61 -12.57 46.08
CA ARG C 15 -38.05 -12.80 44.70
C ARG C 15 -37.29 -13.91 43.97
N LEU C 16 -36.04 -14.16 44.35
CA LEU C 16 -35.26 -15.22 43.68
C LEU C 16 -35.53 -16.64 44.21
N ALA C 17 -35.23 -17.63 43.40
CA ALA C 17 -35.40 -19.02 43.79
C ALA C 17 -34.56 -19.29 45.03
N PRO C 18 -34.94 -20.29 45.84
CA PRO C 18 -34.19 -20.61 47.06
C PRO C 18 -32.75 -21.04 46.78
N TYR C 19 -32.55 -21.74 45.67
CA TYR C 19 -31.23 -22.23 45.30
C TYR C 19 -30.37 -21.16 44.61
N ALA C 20 -30.94 -19.98 44.36
CA ALA C 20 -30.25 -18.87 43.71
C ALA C 20 -29.33 -18.14 44.68
N GLN C 21 -28.23 -17.59 44.15
CA GLN C 21 -27.32 -16.85 45.00
C GLN C 21 -27.91 -15.47 45.30
N LYS C 22 -27.92 -15.07 46.58
CA LYS C 22 -28.41 -13.75 46.97
C LYS C 22 -27.19 -12.88 47.23
N ALA C 23 -27.20 -11.65 46.68
CA ALA C 23 -26.10 -10.72 46.85
C ALA C 23 -25.92 -10.44 48.35
N ARG C 24 -27.01 -10.60 49.08
CA ARG C 24 -27.07 -10.43 50.54
C ARG C 24 -26.07 -11.35 51.26
N ASP C 25 -25.99 -12.59 50.83
CA ASP C 25 -25.12 -13.59 51.43
C ASP C 25 -23.72 -13.65 50.83
N THR C 26 -23.28 -12.56 50.19
CA THR C 26 -21.98 -12.56 49.54
C THR C 26 -20.82 -12.68 50.52
N ARG C 27 -19.81 -13.47 50.14
CA ARG C 27 -18.65 -13.56 51.00
C ARG C 27 -17.84 -12.27 50.85
N GLY C 28 -18.35 -11.34 50.05
CA GLY C 28 -17.63 -10.07 49.91
C GLY C 28 -16.41 -9.98 48.99
N ARG C 29 -15.72 -8.86 49.12
CA ARG C 29 -14.54 -8.50 48.35
C ARG C 29 -13.26 -8.69 49.16
N ALA C 30 -12.12 -8.69 48.49
CA ALA C 30 -10.84 -8.88 49.16
C ALA C 30 -10.36 -7.60 49.84
N HIS C 31 -10.62 -6.46 49.22
CA HIS C 31 -10.18 -5.21 49.81
C HIS C 31 -11.40 -4.46 50.33
N PRO C 32 -11.24 -3.75 51.45
CA PRO C 32 -12.30 -2.96 52.10
C PRO C 32 -12.74 -1.77 51.28
N GLU C 33 -14.04 -1.61 51.13
CA GLU C 33 -14.62 -0.51 50.35
C GLU C 33 -15.92 -0.07 50.97
N PRO C 34 -16.26 1.22 50.81
CA PRO C 34 -17.53 1.69 51.38
C PRO C 34 -18.68 1.18 50.51
N GLU C 35 -19.74 0.67 51.12
CA GLU C 35 -20.89 0.17 50.38
C GLU C 35 -21.41 1.15 49.34
N SER C 36 -22.32 0.68 48.51
CA SER C 36 -22.94 1.52 47.48
C SER C 36 -24.25 2.09 47.98
N LEU C 37 -24.49 3.37 47.70
CA LEU C 37 -25.72 4.03 48.12
C LEU C 37 -26.83 3.28 47.39
N TYR C 38 -26.69 3.20 46.06
CA TYR C 38 -27.63 2.50 45.21
C TYR C 38 -26.77 1.44 44.59
N ARG C 39 -27.39 0.39 44.05
CA ARG C 39 -26.61 -0.66 43.41
C ARG C 39 -26.20 -1.80 44.34
N THR C 40 -26.52 -3.01 43.94
CA THR C 40 -26.17 -4.19 44.70
C THR C 40 -24.71 -4.53 44.40
N PRO C 41 -24.10 -5.41 45.20
CA PRO C 41 -22.71 -5.79 44.97
C PRO C 41 -22.45 -6.31 43.55
N TYR C 42 -23.34 -7.18 43.03
CA TYR C 42 -23.16 -7.72 41.69
C TYR C 42 -23.39 -6.68 40.58
N GLN C 43 -24.31 -5.75 40.79
CA GLN C 43 -24.57 -4.69 39.82
C GLN C 43 -23.25 -3.96 39.67
N LYS C 44 -22.61 -3.76 40.82
CA LYS C 44 -21.34 -3.04 40.89
C LYS C 44 -20.30 -3.79 40.06
N ASP C 45 -20.13 -5.09 40.35
CA ASP C 45 -19.17 -5.90 39.61
C ASP C 45 -19.45 -5.78 38.12
N ARG C 46 -20.72 -5.79 37.75
CA ARG C 46 -21.10 -5.66 36.35
C ARG C 46 -20.57 -4.33 35.78
N ASP C 47 -20.75 -3.24 36.54
CA ASP C 47 -20.28 -1.92 36.09
C ASP C 47 -18.75 -1.92 35.90
N ARG C 48 -18.02 -2.37 36.91
CA ARG C 48 -16.58 -2.40 36.85
C ARG C 48 -16.04 -3.22 35.68
N ILE C 49 -16.58 -4.42 35.49
CA ILE C 49 -16.17 -5.30 34.41
C ILE C 49 -16.33 -4.57 33.08
N LEU C 50 -17.49 -3.96 32.90
CA LEU C 50 -17.84 -3.22 31.70
C LEU C 50 -16.82 -2.15 31.32
N HIS C 51 -16.14 -1.60 32.31
CA HIS C 51 -15.16 -0.55 32.04
C HIS C 51 -13.68 -0.92 31.92
N THR C 52 -13.33 -2.20 32.09
CA THR C 52 -11.93 -2.59 31.95
C THR C 52 -11.43 -2.48 30.50
N THR C 53 -10.11 -2.48 30.34
CA THR C 53 -9.47 -2.40 29.04
C THR C 53 -9.77 -3.72 28.34
N ALA C 54 -9.68 -4.82 29.10
CA ALA C 54 -9.91 -6.14 28.53
C ALA C 54 -11.30 -6.28 27.93
N PHE C 55 -12.30 -5.72 28.60
CA PHE C 55 -13.64 -5.84 28.05
C PHE C 55 -13.67 -4.99 26.79
N ARG C 56 -13.04 -3.82 26.84
CA ARG C 56 -13.01 -2.96 25.67
C ARG C 56 -12.31 -3.70 24.54
N ARG C 57 -11.35 -4.56 24.87
CA ARG C 57 -10.62 -5.24 23.81
C ARG C 57 -11.34 -6.37 23.12
N LEU C 58 -12.43 -6.84 23.72
CA LEU C 58 -13.23 -7.90 23.12
C LEU C 58 -13.81 -7.38 21.80
N GLU C 59 -13.95 -6.05 21.69
CA GLU C 59 -14.50 -5.47 20.47
C GLU C 59 -13.46 -5.50 19.33
N TYR C 60 -12.20 -5.76 19.68
CA TYR C 60 -11.15 -5.82 18.67
C TYR C 60 -10.42 -7.15 18.66
N LYS C 61 -11.13 -8.22 19.02
CA LYS C 61 -10.58 -9.58 19.02
C LYS C 61 -11.69 -10.43 18.46
N THR C 62 -11.43 -11.21 17.42
CA THR C 62 -12.50 -12.04 16.88
C THR C 62 -12.69 -13.34 17.65
N GLN C 63 -13.90 -13.89 17.53
CA GLN C 63 -14.25 -15.16 18.15
C GLN C 63 -13.95 -16.15 17.02
N VAL C 64 -13.23 -17.22 17.33
CA VAL C 64 -12.89 -18.23 16.32
C VAL C 64 -11.59 -17.92 15.56
N LEU C 65 -11.66 -17.14 14.49
CA LEU C 65 -10.46 -16.83 13.72
C LEU C 65 -10.05 -15.36 13.83
N PRO C 66 -8.86 -15.02 13.31
CA PRO C 66 -8.39 -13.63 13.37
C PRO C 66 -9.27 -12.62 12.64
N GLY C 67 -9.19 -11.36 13.08
CA GLY C 67 -9.99 -10.28 12.51
C GLY C 67 -10.25 -10.40 11.02
N TRP C 68 -9.30 -9.92 10.23
CA TRP C 68 -9.37 -9.95 8.78
C TRP C 68 -9.97 -11.27 8.23
N ALA C 69 -10.73 -11.18 7.14
CA ALA C 69 -11.35 -12.35 6.53
C ALA C 69 -10.52 -12.86 5.37
N TYR C 73 -17.15 -12.52 10.48
CA TYR C 73 -16.81 -13.26 11.69
C TYR C 73 -17.08 -12.40 12.91
N ARG C 74 -17.96 -12.90 13.77
CA ARG C 74 -18.34 -12.17 14.97
C ARG C 74 -17.15 -11.93 15.87
N THR C 75 -17.18 -10.80 16.56
CA THR C 75 -16.11 -10.48 17.48
C THR C 75 -16.40 -11.14 18.83
N ARG C 76 -15.47 -11.04 19.76
CA ARG C 76 -15.65 -11.61 21.09
C ARG C 76 -16.70 -10.77 21.83
N LEU C 77 -16.74 -9.48 21.54
CA LEU C 77 -17.74 -8.66 22.18
C LEU C 77 -19.10 -9.17 21.76
N THR C 78 -19.33 -9.35 20.45
CA THR C 78 -20.61 -9.83 19.98
C THR C 78 -20.92 -11.22 20.56
N HIS C 79 -19.92 -12.09 20.66
CA HIS C 79 -20.15 -13.39 21.25
C HIS C 79 -20.58 -13.20 22.72
N THR C 80 -19.87 -12.35 23.44
CA THR C 80 -20.15 -12.11 24.85
C THR C 80 -21.55 -11.60 25.08
N LEU C 81 -22.02 -10.68 24.23
CA LEU C 81 -23.35 -10.13 24.37
C LEU C 81 -24.38 -11.25 24.18
N GLU C 82 -24.09 -12.19 23.30
CA GLU C 82 -25.01 -13.28 23.10
C GLU C 82 -25.01 -14.20 24.31
N VAL C 83 -23.83 -14.48 24.87
CA VAL C 83 -23.74 -15.35 26.04
C VAL C 83 -24.52 -14.66 27.17
N ALA C 84 -24.29 -13.37 27.32
CA ALA C 84 -24.97 -12.61 28.35
C ALA C 84 -26.48 -12.71 28.19
N GLN C 85 -26.97 -12.63 26.96
CA GLN C 85 -28.40 -12.70 26.70
C GLN C 85 -29.00 -14.09 26.87
N VAL C 86 -28.31 -15.11 26.40
CA VAL C 86 -28.80 -16.48 26.52
C VAL C 86 -28.81 -16.94 27.99
N SER C 87 -27.79 -16.51 28.75
CA SER C 87 -27.71 -16.91 30.13
C SER C 87 -28.62 -16.08 31.05
N ARG C 88 -28.83 -14.80 30.72
CA ARG C 88 -29.72 -13.98 31.54
C ARG C 88 -31.11 -14.56 31.39
N SER C 89 -31.41 -15.02 30.19
CA SER C 89 -32.70 -15.60 29.85
C SER C 89 -32.96 -16.96 30.55
N ILE C 90 -31.94 -17.81 30.63
CA ILE C 90 -32.10 -19.10 31.30
C ILE C 90 -32.18 -18.82 32.79
N ALA C 91 -31.41 -17.83 33.23
CA ALA C 91 -31.37 -17.46 34.62
C ALA C 91 -32.75 -16.97 35.11
N ARG C 92 -33.30 -15.98 34.42
CA ARG C 92 -34.61 -15.46 34.80
C ARG C 92 -35.64 -16.57 34.87
N ALA C 93 -35.65 -17.45 33.88
CA ALA C 93 -36.62 -18.54 33.87
C ALA C 93 -36.48 -19.47 35.08
N LEU C 94 -35.28 -19.53 35.67
CA LEU C 94 -35.06 -20.41 36.81
C LEU C 94 -35.03 -19.68 38.15
N GLY C 95 -35.29 -18.37 38.13
CA GLY C 95 -35.28 -17.60 39.36
C GLY C 95 -33.91 -17.38 39.92
N LEU C 96 -32.90 -17.50 39.06
CA LEU C 96 -31.54 -17.30 39.51
C LEU C 96 -31.19 -15.81 39.50
N ASN C 97 -30.07 -15.46 40.14
CA ASN C 97 -29.60 -14.08 40.18
C ASN C 97 -29.09 -13.67 38.77
N GLU C 98 -29.79 -12.74 38.15
CA GLU C 98 -29.45 -12.27 36.81
C GLU C 98 -28.21 -11.39 36.79
N ASP C 99 -28.04 -10.53 37.80
CA ASP C 99 -26.87 -9.68 37.82
C ASP C 99 -25.62 -10.55 38.00
N LEU C 100 -25.69 -11.57 38.86
CA LEU C 100 -24.51 -12.41 39.03
C LEU C 100 -24.24 -13.10 37.69
N THR C 101 -25.29 -13.66 37.09
CA THR C 101 -25.17 -14.35 35.80
C THR C 101 -24.56 -13.43 34.73
N GLU C 102 -25.12 -12.22 34.57
CA GLU C 102 -24.62 -11.30 33.59
C GLU C 102 -23.17 -10.91 33.85
N ALA C 103 -22.84 -10.65 35.10
CA ALA C 103 -21.48 -10.24 35.44
C ALA C 103 -20.45 -11.31 35.07
N ILE C 104 -20.83 -12.56 35.25
CA ILE C 104 -19.94 -13.67 34.91
C ILE C 104 -19.84 -13.80 33.37
N ALA C 105 -20.98 -13.73 32.70
CA ALA C 105 -21.02 -13.85 31.27
C ALA C 105 -20.18 -12.75 30.62
N LEU C 106 -20.16 -11.57 31.24
CA LEU C 106 -19.40 -10.43 30.74
C LEU C 106 -17.90 -10.52 30.96
N SER C 107 -17.48 -11.35 31.93
CA SER C 107 -16.08 -11.44 32.28
C SER C 107 -15.35 -12.77 32.03
N HIS C 108 -16.09 -13.84 31.83
CA HIS C 108 -15.44 -15.12 31.67
C HIS C 108 -14.50 -15.24 30.48
N ASP C 109 -14.71 -14.45 29.43
CA ASP C 109 -13.86 -14.54 28.25
C ASP C 109 -12.82 -13.43 28.15
N LEU C 110 -12.65 -12.66 29.22
CA LEU C 110 -11.68 -11.57 29.19
C LEU C 110 -10.21 -11.98 29.04
N GLY C 111 -9.89 -13.23 29.36
CA GLY C 111 -8.50 -13.68 29.27
C GLY C 111 -8.02 -14.35 27.98
N HIS C 112 -8.81 -14.34 26.93
CA HIS C 112 -8.32 -14.97 25.73
C HIS C 112 -7.26 -14.07 25.06
N PRO C 113 -6.22 -14.68 24.48
CA PRO C 113 -5.15 -13.92 23.81
C PRO C 113 -5.67 -13.57 22.42
N PRO C 114 -4.92 -12.75 21.65
CA PRO C 114 -5.32 -12.36 20.30
C PRO C 114 -5.76 -13.54 19.45
N PHE C 115 -6.62 -13.25 18.48
CA PHE C 115 -7.18 -14.23 17.55
C PHE C 115 -8.30 -14.98 18.24
N GLY C 116 -8.27 -16.31 18.19
CA GLY C 116 -9.33 -17.06 18.83
C GLY C 116 -8.84 -18.27 19.59
N HIS C 117 -9.43 -19.43 19.26
CA HIS C 117 -9.09 -20.71 19.88
C HIS C 117 -7.59 -20.93 19.96
N THR C 118 -6.95 -20.96 18.79
CA THR C 118 -5.52 -21.18 18.67
C THR C 118 -4.67 -20.38 19.67
N GLY C 119 -5.06 -19.13 19.93
CA GLY C 119 -4.29 -18.30 20.84
C GLY C 119 -3.84 -18.93 22.15
N GLU C 120 -4.79 -19.52 22.87
CA GLU C 120 -4.52 -20.12 24.17
C GLU C 120 -3.61 -21.34 24.10
N HIS C 121 -3.88 -22.23 23.14
CA HIS C 121 -3.10 -23.44 22.90
C HIS C 121 -1.63 -23.04 22.67
N VAL C 122 -1.40 -22.21 21.64
CA VAL C 122 -0.06 -21.73 21.29
C VAL C 122 0.64 -21.08 22.47
N LEU C 123 -0.06 -20.22 23.18
CA LEU C 123 0.57 -19.53 24.30
C LEU C 123 0.84 -20.51 25.44
N ASN C 124 -0.04 -21.49 25.61
CA ASN C 124 0.16 -22.45 26.67
C ASN C 124 1.43 -23.23 26.38
N ALA C 125 1.57 -23.65 25.12
CA ALA C 125 2.76 -24.39 24.69
C ALA C 125 4.01 -23.55 24.93
N LEU C 126 4.06 -22.35 24.34
CA LEU C 126 5.23 -21.50 24.52
C LEU C 126 5.54 -21.29 25.98
N GLN C 128 4.85 -23.80 28.46
CA GLN C 128 4.95 -25.08 29.15
C GLN C 128 5.91 -25.10 30.34
N ASP C 129 7.15 -24.68 30.12
CA ASP C 129 8.11 -24.70 31.21
C ASP C 129 8.05 -23.49 32.13
N HIS C 130 7.14 -22.55 31.88
CA HIS C 130 7.06 -21.39 32.75
C HIS C 130 5.72 -21.22 33.44
N GLY C 131 4.95 -22.30 33.53
CA GLY C 131 3.67 -22.21 34.22
C GLY C 131 2.44 -22.29 33.34
N GLY C 132 2.63 -22.31 32.04
CA GLY C 132 1.50 -22.40 31.14
C GLY C 132 0.56 -21.19 31.08
N PHE C 133 -0.45 -21.32 30.24
CA PHE C 133 -1.42 -20.28 30.03
C PHE C 133 -2.77 -20.89 29.84
N GLU C 134 -3.73 -20.48 30.67
CA GLU C 134 -5.10 -20.98 30.60
C GLU C 134 -6.00 -19.74 30.68
N HIS C 135 -6.95 -19.62 29.75
CA HIS C 135 -7.80 -18.42 29.67
C HIS C 135 -8.64 -17.99 30.89
N ASN C 136 -9.25 -18.95 31.58
CA ASN C 136 -10.05 -18.61 32.76
C ASN C 136 -9.11 -18.04 33.80
N ALA C 137 -7.98 -18.72 34.00
CA ALA C 137 -6.96 -18.26 34.94
C ALA C 137 -6.48 -16.87 34.58
N GLN C 138 -6.31 -16.59 33.29
CA GLN C 138 -5.87 -15.27 32.85
C GLN C 138 -6.95 -14.24 33.18
N ALA C 139 -8.22 -14.59 32.97
CA ALA C 139 -9.33 -13.70 33.27
C ALA C 139 -9.24 -13.27 34.75
N LEU C 140 -9.04 -14.25 35.63
CA LEU C 140 -8.91 -13.92 37.06
C LEU C 140 -7.67 -13.06 37.30
N ARG C 141 -6.59 -13.34 36.55
CA ARG C 141 -5.36 -12.56 36.72
C ARG C 141 -5.62 -11.09 36.34
N ILE C 142 -6.32 -10.88 35.23
CA ILE C 142 -6.69 -9.55 34.75
C ILE C 142 -7.53 -8.82 35.80
N LEU C 143 -8.59 -9.47 36.25
CA LEU C 143 -9.52 -8.91 37.22
C LEU C 143 -9.01 -8.67 38.64
N THR C 144 -8.01 -9.44 39.06
CA THR C 144 -7.50 -9.26 40.41
C THR C 144 -6.10 -8.66 40.48
N HIS C 145 -5.38 -8.60 39.35
CA HIS C 145 -4.02 -8.11 39.41
C HIS C 145 -3.49 -7.23 38.25
N LEU C 146 -3.78 -7.63 37.02
CA LEU C 146 -3.29 -6.90 35.86
C LEU C 146 -3.80 -5.48 35.70
N GLU C 147 -5.11 -5.32 35.56
CA GLU C 147 -5.67 -3.97 35.44
C GLU C 147 -5.62 -3.19 36.74
N VAL C 148 -5.21 -1.94 36.64
CA VAL C 148 -5.13 -1.07 37.79
C VAL C 148 -5.95 0.16 37.46
N ARG C 149 -7.16 0.21 38.03
CA ARG C 149 -8.08 1.32 37.76
C ARG C 149 -8.57 2.04 39.02
N TYR C 150 -8.13 1.59 40.18
CA TYR C 150 -8.55 2.20 41.44
C TYR C 150 -7.32 2.35 42.31
N PRO C 151 -7.20 3.48 43.01
CA PRO C 151 -6.02 3.62 43.86
C PRO C 151 -6.28 2.77 45.11
N GLY C 152 -5.23 2.25 45.73
CA GLY C 152 -5.45 1.44 46.91
C GLY C 152 -5.32 -0.05 46.68
N PHE C 153 -5.51 -0.49 45.44
CA PHE C 153 -5.38 -1.91 45.16
C PHE C 153 -5.35 -2.20 43.67
N ARG C 154 -4.76 -3.35 43.33
CA ARG C 154 -4.72 -3.80 41.96
C ARG C 154 -6.02 -4.56 41.74
N GLY C 155 -6.37 -4.77 40.48
CA GLY C 155 -7.58 -5.49 40.16
C GLY C 155 -8.82 -4.62 40.30
N LEU C 156 -9.98 -5.25 40.16
CA LEU C 156 -11.27 -4.59 40.26
C LEU C 156 -11.93 -4.86 41.61
N ASN C 157 -11.26 -5.63 42.45
CA ASN C 157 -11.77 -6.00 43.78
C ASN C 157 -13.22 -6.51 43.75
N LEU C 158 -13.51 -7.41 42.83
CA LEU C 158 -14.85 -7.96 42.67
C LEU C 158 -15.29 -8.91 43.79
N THR C 159 -16.59 -9.18 43.83
CA THR C 159 -17.21 -10.08 44.82
C THR C 159 -16.72 -11.52 44.68
N TYR C 160 -16.67 -12.24 45.79
CA TYR C 160 -16.22 -13.63 45.76
C TYR C 160 -16.92 -14.46 44.68
N GLU C 161 -18.22 -14.21 44.53
CA GLU C 161 -19.08 -14.94 43.60
C GLU C 161 -18.81 -14.77 42.09
N VAL C 162 -18.41 -13.58 41.67
CA VAL C 162 -18.13 -13.37 40.25
C VAL C 162 -16.85 -14.11 39.93
N LEU C 163 -15.84 -13.90 40.78
CA LEU C 163 -14.54 -14.54 40.66
C LEU C 163 -14.74 -16.06 40.65
N GLU C 164 -15.40 -16.56 41.69
CA GLU C 164 -15.70 -17.99 41.81
C GLU C 164 -16.38 -18.45 40.54
N GLY C 165 -17.28 -17.60 40.05
CA GLY C 165 -17.99 -17.96 38.84
C GLY C 165 -16.99 -18.17 37.68
N ILE C 166 -15.97 -17.34 37.58
CA ILE C 166 -14.96 -17.49 36.51
C ILE C 166 -14.10 -18.76 36.71
N ALA C 167 -13.58 -18.94 37.93
CA ALA C 167 -12.76 -20.10 38.28
C ALA C 167 -13.55 -21.39 38.13
N THR C 168 -14.85 -21.29 38.34
CA THR C 168 -15.76 -22.41 38.24
C THR C 168 -16.56 -22.14 36.97
N HIS C 169 -17.26 -23.13 36.45
CA HIS C 169 -18.03 -22.97 35.21
C HIS C 169 -16.99 -23.46 34.24
N GLU C 170 -17.39 -24.32 33.31
CA GLU C 170 -16.39 -24.84 32.40
C GLU C 170 -15.73 -25.84 33.36
N ALA C 171 -16.35 -27.01 33.47
CA ALA C 171 -15.91 -28.09 34.35
C ALA C 171 -14.41 -28.38 34.29
N LEU C 180 -8.44 -23.51 43.38
CA LEU C 180 -8.39 -22.22 44.07
C LEU C 180 -9.72 -21.97 44.79
N TYR C 181 -10.81 -22.07 44.03
CA TYR C 181 -12.15 -21.88 44.56
C TYR C 181 -12.75 -23.29 44.59
N GLU C 182 -13.13 -23.77 45.78
CA GLU C 182 -13.70 -25.12 45.87
C GLU C 182 -15.19 -25.18 45.59
N GLY C 183 -15.63 -26.31 45.03
CA GLY C 183 -17.04 -26.51 44.73
C GLY C 183 -17.46 -26.39 43.28
N GLN C 184 -18.71 -26.69 43.00
CA GLN C 184 -19.24 -26.58 41.64
C GLN C 184 -19.60 -25.14 41.28
N GLY C 185 -19.33 -24.19 42.16
CA GLY C 185 -19.74 -22.83 41.86
C GLY C 185 -21.27 -22.72 41.90
N THR C 186 -21.78 -21.50 41.73
CA THR C 186 -23.22 -21.28 41.76
C THR C 186 -23.88 -21.84 40.51
N LEU C 187 -25.20 -21.97 40.54
CA LEU C 187 -25.91 -22.44 39.38
C LEU C 187 -25.80 -21.35 38.30
N GLU C 188 -25.68 -20.10 38.74
CA GLU C 188 -25.54 -18.98 37.80
C GLU C 188 -24.31 -19.18 36.95
N ALA C 189 -23.20 -19.53 37.61
CA ALA C 189 -21.92 -19.78 36.97
C ALA C 189 -22.08 -20.89 35.95
N GLN C 190 -22.73 -21.97 36.39
CA GLN C 190 -22.98 -23.14 35.55
C GLN C 190 -23.87 -22.81 34.36
N VAL C 191 -24.82 -21.92 34.55
CA VAL C 191 -25.70 -21.55 33.45
C VAL C 191 -24.90 -20.81 32.36
N VAL C 192 -24.01 -19.92 32.78
CA VAL C 192 -23.18 -19.16 31.83
C VAL C 192 -22.36 -20.09 30.92
N ASP C 193 -21.72 -21.10 31.49
CA ASP C 193 -20.93 -22.00 30.66
C ASP C 193 -21.82 -22.71 29.67
N LEU C 194 -22.97 -23.17 30.13
CA LEU C 194 -23.90 -23.86 29.24
C LEU C 194 -24.38 -22.93 28.11
N SER C 195 -24.53 -21.65 28.42
CA SER C 195 -24.99 -20.67 27.45
C SER C 195 -23.89 -20.35 26.43
N ASP C 196 -22.65 -20.41 26.88
CA ASP C 196 -21.49 -20.17 26.03
C ASP C 196 -21.52 -21.20 24.90
N ALA C 197 -21.70 -22.45 25.30
CA ALA C 197 -21.75 -23.57 24.36
C ALA C 197 -22.92 -23.46 23.37
N ILE C 198 -24.05 -22.97 23.85
CA ILE C 198 -25.20 -22.80 23.00
C ILE C 198 -24.93 -21.66 22.00
N ALA C 199 -24.36 -20.57 22.49
CA ALA C 199 -24.08 -19.43 21.63
C ALA C 199 -23.08 -19.82 20.54
N TYR C 200 -22.04 -20.55 20.96
CA TYR C 200 -20.98 -20.99 20.08
C TYR C 200 -21.55 -21.73 18.88
N ALA C 201 -22.34 -22.76 19.16
CA ALA C 201 -22.94 -23.58 18.11
C ALA C 201 -23.85 -22.79 17.18
N ALA C 202 -24.72 -21.98 17.77
CA ALA C 202 -25.66 -21.23 16.98
C ALA C 202 -24.94 -20.23 16.07
N HIS C 203 -24.05 -19.44 16.64
CA HIS C 203 -23.33 -18.43 15.88
C HIS C 203 -22.19 -18.91 14.97
N ASP C 204 -21.50 -20.00 15.36
CA ASP C 204 -20.45 -20.56 14.50
C ASP C 204 -21.14 -21.00 13.23
N LEU C 205 -22.37 -21.52 13.39
CA LEU C 205 -23.17 -21.98 12.26
C LEU C 205 -23.57 -20.82 11.36
N ASP C 206 -24.07 -19.76 11.99
CA ASP C 206 -24.46 -18.55 11.27
C ASP C 206 -23.26 -17.96 10.50
N ASP C 207 -22.15 -17.72 11.20
CA ASP C 207 -20.97 -17.16 10.56
C ASP C 207 -20.34 -18.16 9.56
N GLY C 208 -20.53 -19.45 9.80
CA GLY C 208 -20.00 -20.43 8.88
C GLY C 208 -20.68 -20.25 7.54
N PHE C 209 -21.99 -20.00 7.59
CA PHE C 209 -22.76 -19.80 6.39
C PHE C 209 -22.54 -18.47 5.72
N ARG C 210 -22.53 -17.40 6.49
CA ARG C 210 -22.29 -16.07 5.94
C ARG C 210 -20.96 -16.07 5.19
N ALA C 211 -19.94 -16.62 5.83
CA ALA C 211 -18.60 -16.67 5.26
C ALA C 211 -18.50 -17.53 4.00
N GLY C 212 -19.49 -18.39 3.77
CA GLY C 212 -19.43 -19.24 2.60
C GLY C 212 -18.67 -20.54 2.82
N LEU C 213 -18.10 -20.72 4.01
CA LEU C 213 -17.34 -21.92 4.33
C LEU C 213 -18.22 -23.16 4.47
N LEU C 214 -19.48 -22.96 4.81
CA LEU C 214 -20.43 -24.05 4.97
C LEU C 214 -21.52 -23.95 3.92
N HIS C 215 -21.98 -25.09 3.42
CA HIS C 215 -23.04 -25.10 2.41
C HIS C 215 -24.27 -25.86 2.85
N PRO C 216 -25.46 -25.31 2.53
CA PRO C 216 -26.76 -25.90 2.88
C PRO C 216 -26.89 -27.41 2.71
N GLU C 217 -26.35 -27.95 1.63
CA GLU C 217 -26.42 -29.38 1.41
C GLU C 217 -25.91 -30.15 2.63
N GLU C 218 -24.97 -29.55 3.36
CA GLU C 218 -24.39 -30.20 4.54
C GLU C 218 -25.31 -30.18 5.76
N LEU C 219 -26.24 -29.24 5.77
CA LEU C 219 -27.22 -29.10 6.85
C LEU C 219 -27.83 -30.44 7.24
N LYS C 220 -27.90 -31.37 6.28
CA LYS C 220 -28.45 -32.70 6.53
C LYS C 220 -27.50 -33.65 7.25
N GLU C 221 -26.32 -33.15 7.60
CA GLU C 221 -25.34 -33.96 8.32
C GLU C 221 -25.68 -33.98 9.81
N VAL C 222 -26.51 -33.04 10.23
CA VAL C 222 -26.92 -32.94 11.63
C VAL C 222 -28.42 -33.05 11.68
N GLU C 223 -28.90 -34.13 12.27
CA GLU C 223 -30.33 -34.41 12.38
C GLU C 223 -31.16 -33.22 12.88
N LEU C 224 -30.67 -32.50 13.86
CA LEU C 224 -31.41 -31.34 14.37
C LEU C 224 -31.53 -30.24 13.30
N LEU C 225 -30.45 -29.96 12.58
CA LEU C 225 -30.51 -28.92 11.57
C LEU C 225 -31.50 -29.26 10.47
N GLN C 226 -31.38 -30.45 9.87
CA GLN C 226 -32.31 -30.83 8.82
C GLN C 226 -33.72 -30.82 9.40
N ALA C 227 -33.86 -31.39 10.60
CA ALA C 227 -35.16 -31.43 11.27
C ALA C 227 -35.79 -30.06 11.26
N LEU C 228 -35.12 -29.08 11.86
CA LEU C 228 -35.65 -27.73 11.94
C LEU C 228 -35.89 -27.15 10.56
N ALA C 229 -34.95 -27.38 9.67
CA ALA C 229 -35.03 -26.87 8.31
C ALA C 229 -36.26 -27.41 7.58
N LEU C 230 -36.41 -28.73 7.61
CA LEU C 230 -37.53 -29.37 6.94
C LEU C 230 -38.88 -28.91 7.47
N GLU C 231 -39.06 -28.89 8.79
CA GLU C 231 -40.36 -28.50 9.35
C GLU C 231 -40.76 -27.05 9.08
N GLU C 232 -39.80 -26.15 8.94
CA GLU C 232 -40.12 -24.75 8.68
C GLU C 232 -40.30 -24.52 7.19
N GLY C 233 -39.71 -25.40 6.38
CA GLY C 233 -39.81 -25.26 4.94
C GLY C 233 -38.77 -24.30 4.42
N LEU C 234 -37.53 -24.49 4.85
CA LEU C 234 -36.45 -23.62 4.43
C LEU C 234 -35.76 -24.21 3.22
N ASP C 235 -35.12 -23.36 2.42
CA ASP C 235 -34.44 -23.83 1.23
C ASP C 235 -33.19 -24.62 1.60
N LEU C 236 -33.34 -25.93 1.78
CA LEU C 236 -32.23 -26.79 2.15
C LEU C 236 -31.21 -26.89 1.01
N ARG C 238 -30.96 -22.53 -1.94
CA ARG C 238 -30.06 -22.94 -0.86
C ARG C 238 -29.91 -21.88 0.25
N LEU C 239 -30.55 -22.16 1.38
CA LEU C 239 -30.56 -21.34 2.59
C LEU C 239 -30.40 -19.81 2.45
N PRO C 240 -31.42 -19.14 1.91
CA PRO C 240 -31.38 -17.67 1.74
C PRO C 240 -31.16 -16.99 3.08
N GLU C 241 -31.02 -15.65 3.06
CA GLU C 241 -30.79 -14.89 4.28
C GLU C 241 -31.87 -15.13 5.33
N LEU C 242 -33.10 -14.81 4.99
CA LEU C 242 -34.23 -14.97 5.89
C LEU C 242 -34.37 -16.41 6.37
N ASP C 243 -34.07 -17.38 5.52
CA ASP C 243 -34.18 -18.77 5.94
C ASP C 243 -33.13 -19.06 6.99
N ARG C 244 -31.99 -18.37 6.89
CA ARG C 244 -30.92 -18.57 7.86
C ARG C 244 -31.24 -17.94 9.22
N ARG C 245 -31.86 -16.76 9.22
CA ARG C 245 -32.21 -16.09 10.46
C ARG C 245 -33.13 -17.02 11.20
N VAL C 246 -34.08 -17.60 10.47
CA VAL C 246 -35.05 -18.52 11.05
C VAL C 246 -34.41 -19.78 11.63
N LEU C 247 -33.46 -20.39 10.91
CA LEU C 247 -32.80 -21.59 11.40
C LEU C 247 -32.06 -21.28 12.71
N VAL C 248 -31.23 -20.25 12.68
CA VAL C 248 -30.45 -19.84 13.84
C VAL C 248 -31.34 -19.55 15.05
N ARG C 249 -32.41 -18.80 14.81
CA ARG C 249 -33.36 -18.44 15.88
C ARG C 249 -33.95 -19.72 16.47
N GLN C 250 -34.54 -20.54 15.62
CA GLN C 250 -35.15 -21.80 16.05
C GLN C 250 -34.13 -22.61 16.82
N LEU C 251 -32.88 -22.52 16.39
CA LEU C 251 -31.81 -23.27 17.01
C LEU C 251 -31.60 -22.81 18.45
N LEU C 252 -31.43 -21.51 18.64
CA LEU C 252 -31.25 -20.96 19.98
C LEU C 252 -32.45 -21.29 20.89
N GLY C 253 -33.65 -21.10 20.35
CA GLY C 253 -34.86 -21.35 21.12
C GLY C 253 -34.92 -22.79 21.61
N TYR C 254 -34.52 -23.72 20.75
CA TYR C 254 -34.55 -25.13 21.09
C TYR C 254 -33.61 -25.46 22.24
N PHE C 255 -32.40 -24.93 22.21
CA PHE C 255 -31.46 -25.21 23.26
C PHE C 255 -31.76 -24.45 24.55
N ILE C 256 -32.31 -23.25 24.42
CA ILE C 256 -32.63 -22.46 25.61
C ILE C 256 -33.77 -23.12 26.40
N THR C 257 -34.74 -23.65 25.68
CA THR C 257 -35.88 -24.34 26.28
C THR C 257 -35.45 -25.64 26.96
N ALA C 258 -34.67 -26.45 26.24
CA ALA C 258 -34.15 -27.71 26.81
C ALA C 258 -33.38 -27.39 28.07
N ALA C 259 -32.60 -26.31 28.02
CA ALA C 259 -31.81 -25.88 29.16
C ALA C 259 -32.66 -25.54 30.41
N ILE C 260 -33.76 -24.82 30.23
CA ILE C 260 -34.60 -24.44 31.36
C ILE C 260 -35.32 -25.66 31.95
N GLU C 261 -35.92 -26.47 31.09
CA GLU C 261 -36.62 -27.67 31.53
C GLU C 261 -35.71 -28.71 32.20
N ALA C 262 -34.60 -29.06 31.54
CA ALA C 262 -33.69 -30.07 32.06
C ALA C 262 -32.99 -29.63 33.34
N THR C 263 -32.60 -28.36 33.40
CA THR C 263 -31.93 -27.87 34.60
C THR C 263 -32.93 -27.81 35.74
N HIS C 264 -34.16 -27.46 35.39
CA HIS C 264 -35.23 -27.41 36.37
C HIS C 264 -35.42 -28.81 36.95
N ARG C 265 -35.44 -29.80 36.06
CA ARG C 265 -35.61 -31.18 36.50
C ARG C 265 -34.49 -31.66 37.41
N ARG C 266 -33.24 -31.31 37.10
CA ARG C 266 -32.15 -31.76 37.96
C ARG C 266 -32.01 -30.97 39.26
N VAL C 267 -32.50 -29.73 39.29
CA VAL C 267 -32.41 -28.97 40.52
C VAL C 267 -33.48 -29.50 41.48
N GLU C 268 -34.61 -29.93 40.92
CA GLU C 268 -35.76 -30.46 41.66
C GLU C 268 -35.49 -31.84 42.23
N GLU C 269 -34.88 -32.71 41.42
CA GLU C 269 -34.56 -34.05 41.84
C GLU C 269 -33.33 -34.06 42.76
N ALA C 270 -32.57 -32.95 42.74
CA ALA C 270 -31.38 -32.81 43.57
C ALA C 270 -31.78 -32.36 44.97
N GLY C 271 -32.84 -31.55 45.03
CA GLY C 271 -33.34 -31.06 46.30
C GLY C 271 -32.64 -29.87 46.91
N VAL C 272 -31.69 -29.29 46.18
CA VAL C 272 -30.94 -28.15 46.69
C VAL C 272 -31.88 -27.01 47.07
N GLN C 273 -31.58 -26.33 48.18
CA GLN C 273 -32.42 -25.25 48.67
C GLN C 273 -31.69 -23.91 48.89
N SER C 274 -30.39 -23.90 48.58
CA SER C 274 -29.57 -22.69 48.70
C SER C 274 -28.43 -22.75 47.68
N ALA C 275 -27.75 -21.62 47.50
CA ALA C 275 -26.61 -21.55 46.58
C ALA C 275 -25.48 -22.38 47.18
N GLU C 276 -25.35 -22.35 48.51
CA GLU C 276 -24.30 -23.14 49.14
C GLU C 276 -24.48 -24.64 48.82
N ALA C 277 -25.71 -25.08 48.68
CA ALA C 277 -25.99 -26.49 48.37
C ALA C 277 -25.70 -26.80 46.90
N VAL C 278 -25.88 -25.84 46.02
CA VAL C 278 -25.55 -26.08 44.61
C VAL C 278 -24.02 -26.26 44.59
N ARG C 279 -23.33 -25.41 45.34
CA ARG C 279 -21.86 -25.46 45.42
C ARG C 279 -21.32 -26.80 45.90
N ARG C 280 -21.92 -27.33 46.96
CA ARG C 280 -21.46 -28.58 47.56
C ARG C 280 -21.98 -29.84 46.94
N HIS C 281 -22.95 -29.72 46.03
CA HIS C 281 -23.53 -30.88 45.36
C HIS C 281 -22.40 -31.65 44.63
N PRO C 282 -22.49 -32.97 44.54
CA PRO C 282 -21.40 -33.68 43.87
C PRO C 282 -21.50 -33.73 42.37
N SER C 283 -22.29 -32.83 41.81
CA SER C 283 -22.46 -32.76 40.37
C SER C 283 -23.10 -31.43 39.98
N ARG C 284 -22.92 -31.04 38.72
CA ARG C 284 -23.48 -29.80 38.18
C ARG C 284 -24.97 -29.98 37.90
N LEU C 285 -25.73 -28.90 38.01
CA LEU C 285 -27.17 -28.96 37.80
C LEU C 285 -27.64 -28.33 36.47
N ALA C 286 -26.84 -27.43 35.90
CA ALA C 286 -27.19 -26.82 34.60
C ALA C 286 -27.11 -27.90 33.54
N ALA C 287 -28.16 -28.07 32.73
CA ALA C 287 -28.13 -29.11 31.72
C ALA C 287 -29.10 -28.91 30.58
N LEU C 288 -28.97 -29.76 29.58
CA LEU C 288 -29.81 -29.69 28.37
C LEU C 288 -30.72 -30.90 28.23
N GLY C 289 -30.35 -32.01 28.87
CA GLY C 289 -31.16 -33.19 28.75
C GLY C 289 -30.53 -34.10 27.71
N GLU C 290 -30.72 -35.40 27.89
CA GLU C 290 -30.14 -36.39 27.01
C GLU C 290 -30.27 -36.06 25.52
N GLU C 291 -31.48 -35.70 25.11
CA GLU C 291 -31.75 -35.40 23.71
C GLU C 291 -30.99 -34.17 23.20
N ALA C 292 -31.11 -33.06 23.90
CA ALA C 292 -30.45 -31.85 23.46
C ALA C 292 -28.94 -31.99 23.53
N GLU C 293 -28.46 -32.59 24.63
CA GLU C 293 -27.02 -32.74 24.81
C GLU C 293 -26.43 -33.56 23.66
N LYS C 294 -27.20 -34.54 23.18
CA LYS C 294 -26.72 -35.37 22.08
C LYS C 294 -26.76 -34.60 20.78
N ALA C 295 -27.72 -33.69 20.69
CA ALA C 295 -27.86 -32.87 19.50
C ALA C 295 -26.71 -31.88 19.42
N LEU C 296 -26.34 -31.33 20.57
CA LEU C 296 -25.25 -30.38 20.68
C LEU C 296 -23.91 -31.06 20.37
N LYS C 297 -23.71 -32.28 20.87
CA LYS C 297 -22.48 -33.01 20.62
C LYS C 297 -22.33 -33.12 19.09
N ALA C 298 -23.45 -33.47 18.47
CA ALA C 298 -23.52 -33.65 17.03
C ALA C 298 -23.20 -32.34 16.28
N LEU C 299 -23.92 -31.27 16.58
CA LEU C 299 -23.67 -29.99 15.90
C LEU C 299 -22.21 -29.59 16.12
N LYS C 300 -21.69 -29.93 17.29
CA LYS C 300 -20.31 -29.63 17.65
C LYS C 300 -19.34 -30.33 16.71
N ALA C 301 -19.45 -31.65 16.67
CA ALA C 301 -18.59 -32.49 15.84
C ALA C 301 -18.65 -32.02 14.38
N PHE C 302 -19.81 -31.52 13.98
CA PHE C 302 -20.02 -31.04 12.62
C PHE C 302 -19.22 -29.75 12.35
N LEU C 303 -19.38 -28.76 13.21
CA LEU C 303 -18.67 -27.51 12.99
C LEU C 303 -17.16 -27.67 12.98
N GLU C 305 -15.48 -30.17 11.88
CA GLU C 305 -15.02 -30.79 10.64
C GLU C 305 -15.21 -29.90 9.43
N ARG C 306 -16.43 -29.43 9.21
CA ARG C 306 -16.71 -28.58 8.06
C ARG C 306 -16.31 -27.12 8.22
N PHE C 307 -16.24 -26.63 9.45
CA PHE C 307 -15.87 -25.24 9.66
C PHE C 307 -14.45 -25.03 10.17
N TYR C 308 -14.16 -25.52 11.37
CA TYR C 308 -12.84 -25.36 11.99
C TYR C 308 -11.68 -25.99 11.23
N ARG C 309 -11.94 -27.11 10.56
CA ARG C 309 -10.90 -27.78 9.80
C ARG C 309 -11.06 -27.55 8.30
N HIS C 310 -11.61 -26.39 7.97
CA HIS C 310 -11.79 -26.02 6.59
C HIS C 310 -10.44 -25.48 6.19
N PRO C 311 -10.02 -25.71 4.94
CA PRO C 311 -8.73 -25.21 4.48
C PRO C 311 -8.49 -23.73 4.77
N GLU C 312 -9.44 -22.88 4.41
CA GLU C 312 -9.27 -21.45 4.66
C GLU C 312 -8.99 -21.20 6.13
N VAL C 313 -9.81 -21.82 6.98
CA VAL C 313 -9.69 -21.67 8.41
C VAL C 313 -8.35 -22.14 8.94
N LEU C 314 -7.92 -23.35 8.56
CA LEU C 314 -6.64 -23.84 9.04
C LEU C 314 -5.48 -22.95 8.55
N ARG C 315 -5.65 -22.31 7.40
CA ARG C 315 -4.61 -21.44 6.88
C ARG C 315 -4.46 -20.22 7.79
N GLU C 316 -5.59 -19.63 8.18
CA GLU C 316 -5.54 -18.46 9.05
C GLU C 316 -4.99 -18.83 10.44
N ARG C 317 -5.25 -20.06 10.87
CA ARG C 317 -4.77 -20.54 12.16
C ARG C 317 -3.23 -20.60 12.09
N ARG C 318 -2.72 -21.29 11.07
CA ARG C 318 -1.27 -21.42 10.85
C ARG C 318 -0.63 -20.05 11.09
N LYS C 319 -1.18 -19.03 10.45
CA LYS C 319 -0.64 -17.69 10.58
C LYS C 319 -0.69 -17.11 11.99
N ALA C 320 -1.76 -17.39 12.71
CA ALA C 320 -1.89 -16.87 14.07
C ALA C 320 -0.80 -17.44 14.94
N GLU C 321 -0.59 -18.75 14.83
CA GLU C 321 0.44 -19.39 15.61
C GLU C 321 1.75 -18.66 15.40
N ALA C 322 2.10 -18.44 14.13
CA ALA C 322 3.34 -17.77 13.75
C ALA C 322 3.48 -16.39 14.37
N VAL C 323 2.39 -15.63 14.40
CA VAL C 323 2.45 -14.32 15.02
C VAL C 323 2.74 -14.43 16.50
N LEU C 324 2.02 -15.30 17.18
CA LEU C 324 2.20 -15.48 18.62
C LEU C 324 3.58 -16.01 18.99
N GLU C 325 4.05 -17.02 18.26
CA GLU C 325 5.37 -17.56 18.54
C GLU C 325 6.42 -16.50 18.24
N GLY C 326 6.25 -15.83 17.11
CA GLY C 326 7.17 -14.79 16.70
C GLY C 326 7.33 -13.71 17.75
N LEU C 327 6.20 -13.14 18.20
CA LEU C 327 6.28 -12.10 19.22
C LEU C 327 6.86 -12.68 20.50
N PHE C 328 6.38 -13.86 20.91
CA PHE C 328 6.91 -14.48 22.13
C PHE C 328 8.42 -14.61 22.00
N ALA C 329 8.83 -15.18 20.87
CA ALA C 329 10.24 -15.40 20.55
C ALA C 329 11.06 -14.14 20.71
N ALA C 330 10.65 -13.10 19.99
CA ALA C 330 11.34 -11.82 20.01
C ALA C 330 11.41 -11.11 21.38
N TYR C 331 10.29 -11.07 22.10
CA TYR C 331 10.28 -10.36 23.38
C TYR C 331 11.07 -11.02 24.47
N THR C 332 11.13 -12.34 24.46
CA THR C 332 11.90 -13.03 25.49
C THR C 332 13.40 -12.97 25.15
N ARG C 333 13.75 -13.11 23.88
CA ARG C 333 15.16 -13.02 23.45
C ARG C 333 15.61 -11.57 23.69
N TYR C 334 14.71 -10.66 23.31
CA TYR C 334 14.99 -9.23 23.42
C TYR C 334 13.93 -8.41 24.16
N PRO C 335 13.89 -8.53 25.50
CA PRO C 335 12.89 -7.76 26.25
C PRO C 335 13.11 -6.27 26.06
N GLU C 336 14.35 -5.91 25.70
CA GLU C 336 14.71 -4.51 25.47
C GLU C 336 13.77 -3.88 24.44
N LEU C 337 13.07 -4.73 23.70
CA LEU C 337 12.11 -4.28 22.67
C LEU C 337 10.71 -3.99 23.19
N LEU C 338 10.48 -4.34 24.46
CA LEU C 338 9.18 -4.12 25.09
C LEU C 338 9.02 -2.71 25.55
N PRO C 339 7.76 -2.24 25.64
CA PRO C 339 7.51 -0.87 26.10
C PRO C 339 8.15 -0.81 27.49
N ARG C 340 8.61 0.35 27.91
CA ARG C 340 9.25 0.53 29.21
C ARG C 340 8.32 0.05 30.34
N GLU C 341 7.02 0.29 30.15
CA GLU C 341 6.00 -0.08 31.14
C GLU C 341 5.99 -1.57 31.39
N VAL C 342 6.13 -2.36 30.33
CA VAL C 342 6.12 -3.80 30.48
C VAL C 342 7.45 -4.31 31.00
N GLN C 343 8.55 -3.67 30.61
CA GLN C 343 9.87 -4.12 31.08
C GLN C 343 9.90 -3.97 32.59
N ALA C 344 9.20 -2.96 33.09
CA ALA C 344 9.19 -2.69 34.52
C ALA C 344 8.52 -3.80 35.36
N LYS C 345 7.72 -4.65 34.73
CA LYS C 345 7.02 -5.74 35.43
C LYS C 345 7.82 -7.03 35.46
N ILE C 346 8.92 -7.08 34.71
CA ILE C 346 9.70 -8.31 34.66
C ILE C 346 10.25 -8.69 36.03
N PRO C 347 10.74 -7.70 36.78
CA PRO C 347 11.29 -7.99 38.11
C PRO C 347 10.25 -8.69 38.98
N GLU C 348 9.05 -8.11 39.00
CA GLU C 348 7.94 -8.64 39.81
C GLU C 348 7.27 -9.90 39.25
N GLU C 349 7.14 -10.00 37.94
CA GLU C 349 6.47 -11.17 37.37
C GLU C 349 7.37 -12.21 36.70
N GLY C 350 8.59 -11.83 36.37
CA GLY C 350 9.46 -12.75 35.66
C GLY C 350 9.24 -12.47 34.18
N LEU C 351 10.30 -12.59 33.39
CA LEU C 351 10.28 -12.32 31.96
C LEU C 351 9.15 -12.95 31.17
N GLU C 352 9.15 -14.28 31.13
CA GLU C 352 8.17 -15.04 30.39
C GLU C 352 6.71 -14.72 30.68
N ARG C 353 6.35 -14.61 31.96
CA ARG C 353 4.97 -14.31 32.33
C ARG C 353 4.63 -12.88 31.90
N ALA C 354 5.53 -11.95 32.12
CA ALA C 354 5.31 -10.55 31.75
C ALA C 354 5.09 -10.49 30.24
N VAL C 355 5.91 -11.20 29.47
CA VAL C 355 5.76 -11.19 28.03
C VAL C 355 4.41 -11.83 27.68
N CYS C 356 4.08 -12.90 28.41
CA CYS C 356 2.82 -13.59 28.20
C CYS C 356 1.65 -12.64 28.44
N ASP C 357 1.62 -11.97 29.60
CA ASP C 357 0.54 -11.02 29.92
C ASP C 357 0.37 -9.98 28.80
N TYR C 358 1.48 -9.38 28.37
CA TYR C 358 1.48 -8.34 27.34
C TYR C 358 0.87 -8.85 26.03
N ILE C 359 1.33 -10.01 25.58
CA ILE C 359 0.80 -10.57 24.36
C ILE C 359 -0.70 -10.91 24.49
N ALA C 360 -1.04 -11.77 25.44
CA ALA C 360 -2.45 -12.15 25.64
C ALA C 360 -3.33 -10.93 25.78
N GLY C 361 -2.78 -9.83 26.26
CA GLY C 361 -3.57 -8.63 26.40
C GLY C 361 -3.78 -7.80 25.12
N THR C 363 -4.91 -6.69 21.13
CA THR C 363 -6.05 -6.85 20.24
C THR C 363 -5.45 -7.60 19.06
N ASP C 364 -6.26 -8.13 18.15
CA ASP C 364 -5.70 -8.85 17.01
C ASP C 364 -4.88 -7.95 16.08
N ARG C 365 -5.42 -6.80 15.73
CA ARG C 365 -4.71 -5.90 14.83
C ARG C 365 -3.38 -5.44 15.41
N PHE C 366 -3.35 -5.04 16.67
CA PHE C 366 -2.09 -4.58 17.25
C PHE C 366 -1.05 -5.71 17.24
N ALA C 367 -1.48 -6.94 17.52
CA ALA C 367 -0.55 -8.06 17.52
C ALA C 367 0.04 -8.23 16.12
N LEU C 368 -0.81 -8.10 15.10
CA LEU C 368 -0.34 -8.25 13.72
C LEU C 368 0.69 -7.20 13.40
N GLU C 369 0.42 -5.95 13.78
CA GLU C 369 1.35 -4.85 13.52
C GLU C 369 2.69 -5.02 14.24
N ALA C 370 2.67 -5.40 15.51
CA ALA C 370 3.91 -5.53 16.23
C ALA C 370 4.81 -6.63 15.63
N TYR C 371 4.20 -7.69 15.15
CA TYR C 371 4.92 -8.81 14.55
C TYR C 371 5.54 -8.34 13.23
N ARG C 372 4.80 -7.51 12.49
CA ARG C 372 5.29 -7.00 11.23
C ARG C 372 6.41 -6.02 11.47
N ARG C 373 6.27 -5.20 12.50
CA ARG C 373 7.27 -4.21 12.83
C ARG C 373 8.60 -4.83 13.29
N LEU C 374 8.63 -6.15 13.44
CA LEU C 374 9.85 -6.84 13.86
C LEU C 374 10.77 -7.19 12.68
N SER C 375 10.26 -7.04 11.47
CA SER C 375 11.03 -7.33 10.27
C SER C 375 11.08 -6.15 9.30
N PRO C 376 12.19 -6.01 8.56
CA PRO C 376 12.36 -4.91 7.59
C PRO C 376 11.24 -4.98 6.55
N ARG D 2 44.30 32.39 22.63
CA ARG D 2 42.85 32.47 22.69
C ARG D 2 42.47 33.75 22.01
N PHE D 3 41.82 33.65 20.87
CA PHE D 3 41.43 34.84 20.13
C PHE D 3 40.04 35.32 20.45
N SER D 4 39.96 36.37 21.27
CA SER D 4 38.68 36.94 21.66
C SER D 4 38.09 37.57 20.41
N ARG D 5 36.83 37.97 20.49
CA ARG D 5 36.19 38.59 19.34
C ARG D 5 36.88 39.90 18.98
N GLU D 6 37.31 40.67 19.99
CA GLU D 6 37.96 41.93 19.73
C GLU D 6 39.23 41.73 18.89
N ALA D 7 39.92 40.63 19.12
CA ALA D 7 41.15 40.30 18.39
C ALA D 7 40.79 39.87 16.98
N LEU D 8 39.78 39.02 16.88
CA LEU D 8 39.33 38.57 15.57
C LEU D 8 38.93 39.75 14.70
N LEU D 9 38.17 40.69 15.27
CA LEU D 9 37.73 41.85 14.47
C LEU D 9 38.92 42.62 13.97
N GLU D 10 39.87 42.91 14.87
CA GLU D 10 41.05 43.66 14.49
C GLU D 10 41.83 42.91 13.42
N LEU D 11 42.02 41.61 13.63
CA LEU D 11 42.74 40.79 12.66
C LEU D 11 42.03 40.81 11.30
N GLU D 12 40.71 40.61 11.32
CA GLU D 12 39.91 40.60 10.11
C GLU D 12 40.22 41.84 9.25
N ALA D 13 40.40 42.99 9.91
CA ALA D 13 40.73 44.22 9.22
C ALA D 13 42.21 44.14 8.89
N SER D 14 42.68 44.99 7.97
CA SER D 14 44.08 44.98 7.55
C SER D 14 44.34 43.75 6.70
N ARG D 15 43.62 42.68 7.01
CA ARG D 15 43.72 41.42 6.28
C ARG D 15 42.83 41.42 5.03
N LEU D 16 41.59 41.86 5.19
CA LEU D 16 40.62 41.88 4.09
C LEU D 16 40.90 43.04 3.14
N ALA D 17 40.34 42.97 1.94
CA ALA D 17 40.51 44.03 0.96
C ALA D 17 39.83 45.27 1.52
N PRO D 18 40.21 46.47 1.05
CA PRO D 18 39.62 47.72 1.54
C PRO D 18 38.12 47.80 1.26
N TYR D 19 37.70 47.25 0.12
CA TYR D 19 36.29 47.29 -0.25
C TYR D 19 35.45 46.20 0.40
N ALA D 20 36.11 45.37 1.22
CA ALA D 20 35.44 44.29 1.90
C ALA D 20 34.77 44.83 3.15
N GLN D 21 33.68 44.20 3.55
CA GLN D 21 32.97 44.63 4.74
C GLN D 21 33.63 44.05 5.98
N LYS D 22 34.06 44.93 6.87
CA LYS D 22 34.64 44.49 8.13
C LYS D 22 33.49 44.43 9.14
N ALA D 23 33.45 43.37 9.95
CA ALA D 23 32.40 43.22 10.95
C ALA D 23 32.47 44.29 12.03
N ARG D 24 33.65 44.84 12.25
CA ARG D 24 33.76 45.87 13.25
C ARG D 24 33.03 47.12 12.79
N ASP D 25 32.69 47.20 11.51
CA ASP D 25 31.96 48.35 11.00
C ASP D 25 30.46 48.08 10.88
N THR D 26 30.01 46.96 11.44
CA THR D 26 28.60 46.60 11.36
C THR D 26 27.66 47.69 11.85
N ARG D 27 26.47 47.80 11.26
CA ARG D 27 25.52 48.80 11.69
C ARG D 27 24.79 48.26 12.92
N GLY D 28 25.07 47.01 13.27
CA GLY D 28 24.47 46.45 14.46
C GLY D 28 23.21 45.63 14.29
N ARG D 29 22.66 45.24 15.41
CA ARG D 29 21.45 44.43 15.44
C ARG D 29 20.26 45.24 15.96
N ALA D 30 19.06 44.90 15.51
CA ALA D 30 17.84 45.57 15.90
C ALA D 30 17.67 45.61 17.41
N HIS D 31 17.94 44.48 18.05
CA HIS D 31 17.78 44.41 19.49
C HIS D 31 19.11 44.28 20.20
N PRO D 32 19.19 44.82 21.43
CA PRO D 32 20.42 44.74 22.20
C PRO D 32 20.63 43.36 22.82
N GLU D 33 21.89 42.98 22.94
CA GLU D 33 22.29 41.73 23.52
C GLU D 33 23.79 41.86 23.76
N PRO D 34 24.33 41.22 24.81
CA PRO D 34 25.77 41.37 25.01
C PRO D 34 26.57 40.87 23.82
N GLU D 35 27.86 41.19 23.80
CA GLU D 35 28.72 40.76 22.71
C GLU D 35 29.21 39.35 23.01
N SER D 36 29.69 38.66 21.98
CA SER D 36 30.21 37.31 22.16
C SER D 36 31.62 37.37 22.76
N LEU D 37 32.09 36.23 23.26
CA LEU D 37 33.42 36.18 23.84
C LEU D 37 34.45 35.99 22.74
N TYR D 38 34.21 34.99 21.89
CA TYR D 38 35.12 34.66 20.81
C TYR D 38 34.63 34.92 19.39
N ARG D 39 33.34 34.72 19.16
CA ARG D 39 32.76 34.90 17.84
C ARG D 39 32.59 36.33 17.38
N THR D 40 32.80 36.55 16.08
CA THR D 40 32.60 37.87 15.50
C THR D 40 31.10 37.93 15.13
N PRO D 41 30.57 39.13 14.85
CA PRO D 41 29.17 39.30 14.48
C PRO D 41 28.64 38.35 13.39
N TYR D 42 29.35 38.25 12.27
CA TYR D 42 28.92 37.35 11.18
C TYR D 42 29.03 35.85 11.53
N GLN D 43 30.04 35.55 12.35
CA GLN D 43 30.27 34.20 12.79
C GLN D 43 29.01 33.77 13.56
N LYS D 44 28.54 34.66 14.42
CA LYS D 44 27.36 34.39 15.20
C LYS D 44 26.16 34.25 14.27
N ASP D 45 26.08 35.13 13.27
CA ASP D 45 24.97 35.07 12.33
C ASP D 45 25.03 33.68 11.65
N ARG D 46 26.20 33.28 11.17
CA ARG D 46 26.30 31.97 10.54
C ARG D 46 25.75 30.91 11.48
N ASP D 47 26.14 30.98 12.75
CA ASP D 47 25.70 30.04 13.77
C ASP D 47 24.19 30.00 13.93
N ARG D 48 23.58 31.17 14.07
CA ARG D 48 22.14 31.25 14.27
C ARG D 48 21.39 30.68 13.10
N ILE D 49 21.80 31.06 11.89
CA ILE D 49 21.14 30.61 10.69
C ILE D 49 21.13 29.07 10.60
N LEU D 50 22.27 28.50 10.95
CA LEU D 50 22.47 27.07 10.89
C LEU D 50 21.48 26.31 11.75
N HIS D 51 21.09 26.90 12.89
CA HIS D 51 20.16 26.28 13.81
C HIS D 51 18.69 26.72 13.66
N THR D 52 18.30 27.22 12.50
CA THR D 52 16.91 27.62 12.36
C THR D 52 16.15 26.42 11.84
N THR D 53 14.84 26.46 12.00
CA THR D 53 14.01 25.39 11.51
C THR D 53 14.01 25.46 9.97
N ALA D 54 14.03 26.67 9.43
CA ALA D 54 14.03 26.86 7.97
C ALA D 54 15.28 26.24 7.34
N PHE D 55 16.44 26.41 7.98
CA PHE D 55 17.65 25.82 7.44
C PHE D 55 17.49 24.31 7.43
N ARG D 56 16.97 23.74 8.54
CA ARG D 56 16.78 22.28 8.62
C ARG D 56 15.85 21.80 7.53
N ARG D 57 14.80 22.55 7.25
CA ARG D 57 13.87 22.15 6.20
C ARG D 57 14.51 22.09 4.80
N LEU D 58 15.60 22.81 4.57
CA LEU D 58 16.28 22.75 3.25
C LEU D 58 16.57 21.30 2.83
N GLU D 59 16.89 20.48 3.83
CA GLU D 59 17.20 19.07 3.65
C GLU D 59 16.01 18.21 3.23
N TYR D 60 14.80 18.76 3.29
CA TYR D 60 13.63 18.00 2.91
C TYR D 60 12.81 18.73 1.86
N LYS D 61 13.48 19.63 1.13
CA LYS D 61 12.86 20.41 0.06
C LYS D 61 13.79 20.33 -1.16
N THR D 62 13.41 19.58 -2.20
CA THR D 62 14.31 19.47 -3.34
C THR D 62 14.41 20.71 -4.18
N GLN D 63 15.57 20.86 -4.79
CA GLN D 63 15.85 21.98 -5.69
C GLN D 63 15.32 21.46 -7.01
N VAL D 64 14.36 22.16 -7.61
CA VAL D 64 13.83 21.74 -8.88
C VAL D 64 13.31 20.31 -8.83
N LEU D 65 12.06 20.09 -9.21
CA LEU D 65 11.51 18.74 -9.22
C LEU D 65 11.40 18.14 -7.82
N PRO D 66 10.19 18.08 -7.27
CA PRO D 66 9.97 17.52 -5.93
C PRO D 66 10.04 16.00 -5.90
N ASP D 71 14.93 11.38 -7.49
CA ASP D 71 15.94 10.70 -6.70
C ASP D 71 17.35 11.27 -6.88
N TYR D 72 17.71 11.54 -8.13
CA TYR D 72 19.02 12.08 -8.46
C TYR D 72 18.92 13.59 -8.35
N TYR D 73 17.78 14.06 -7.86
CA TYR D 73 17.55 15.49 -7.70
C TYR D 73 18.08 15.89 -6.34
N ARG D 74 18.93 16.91 -6.31
CA ARG D 74 19.51 17.36 -5.07
C ARG D 74 18.53 18.23 -4.28
N THR D 75 18.71 18.25 -2.97
CA THR D 75 17.86 19.04 -2.11
C THR D 75 18.31 20.48 -2.14
N ARG D 76 17.55 21.35 -1.46
CA ARG D 76 17.92 22.75 -1.39
C ARG D 76 19.10 22.89 -0.44
N LEU D 77 19.27 21.92 0.45
CA LEU D 77 20.39 22.00 1.37
C LEU D 77 21.71 21.82 0.62
N THR D 78 21.75 20.83 -0.26
CA THR D 78 22.93 20.54 -1.10
C THR D 78 23.21 21.77 -1.95
N HIS D 79 22.16 22.31 -2.57
CA HIS D 79 22.30 23.49 -3.40
C HIS D 79 22.92 24.61 -2.60
N THR D 80 22.39 24.83 -1.40
CA THR D 80 22.88 25.88 -0.56
C THR D 80 24.32 25.68 -0.18
N LEU D 81 24.72 24.43 0.01
CA LEU D 81 26.10 24.16 0.36
C LEU D 81 26.98 24.43 -0.88
N GLU D 82 26.47 24.13 -2.07
CA GLU D 82 27.23 24.38 -3.31
C GLU D 82 27.35 25.90 -3.49
N VAL D 83 26.28 26.63 -3.17
CA VAL D 83 26.32 28.09 -3.27
C VAL D 83 27.35 28.64 -2.28
N ALA D 84 27.41 28.03 -1.10
CA ALA D 84 28.34 28.50 -0.06
C ALA D 84 29.80 28.24 -0.46
N GLN D 85 30.03 27.16 -1.19
CA GLN D 85 31.37 26.82 -1.62
C GLN D 85 31.85 27.75 -2.74
N VAL D 86 31.04 27.92 -3.78
CA VAL D 86 31.41 28.80 -4.88
C VAL D 86 31.62 30.21 -4.36
N SER D 87 30.66 30.72 -3.59
CA SER D 87 30.73 32.06 -3.00
C SER D 87 31.96 32.26 -2.16
N ARG D 88 32.28 31.26 -1.35
CA ARG D 88 33.44 31.42 -0.48
C ARG D 88 34.74 31.40 -1.25
N SER D 89 34.80 30.63 -2.33
CA SER D 89 36.01 30.55 -3.13
C SER D 89 36.28 31.91 -3.76
N ILE D 90 35.23 32.48 -4.34
CA ILE D 90 35.30 33.76 -5.01
C ILE D 90 35.62 34.89 -4.03
N ALA D 91 35.00 34.85 -2.84
CA ALA D 91 35.24 35.91 -1.88
C ALA D 91 36.66 35.88 -1.32
N ARG D 92 37.18 34.69 -1.07
CA ARG D 92 38.52 34.63 -0.52
C ARG D 92 39.50 35.21 -1.53
N ALA D 93 39.32 34.85 -2.79
CA ALA D 93 40.19 35.33 -3.84
C ALA D 93 40.15 36.85 -3.99
N LEU D 94 39.00 37.46 -3.70
CA LEU D 94 38.86 38.91 -3.83
C LEU D 94 39.08 39.65 -2.52
N GLY D 95 39.52 38.92 -1.49
CA GLY D 95 39.76 39.54 -0.18
C GLY D 95 38.54 40.10 0.54
N LEU D 96 37.38 39.49 0.33
CA LEU D 96 36.11 39.92 0.94
C LEU D 96 35.80 39.14 2.23
N ASN D 97 34.89 39.67 3.06
CA ASN D 97 34.55 38.97 4.31
C ASN D 97 33.88 37.61 4.03
N GLU D 98 34.60 36.54 4.31
CA GLU D 98 34.11 35.20 4.05
C GLU D 98 32.95 34.80 4.96
N ASP D 99 33.02 35.14 6.25
CA ASP D 99 31.92 34.81 7.18
C ASP D 99 30.65 35.50 6.66
N LEU D 100 30.73 36.78 6.28
CA LEU D 100 29.52 37.46 5.78
C LEU D 100 28.97 36.74 4.57
N THR D 101 29.87 36.45 3.63
CA THR D 101 29.50 35.75 2.40
C THR D 101 28.80 34.43 2.69
N GLU D 102 29.45 33.58 3.50
CA GLU D 102 28.86 32.29 3.88
C GLU D 102 27.50 32.52 4.57
N ALA D 103 27.48 33.37 5.59
CA ALA D 103 26.23 33.68 6.31
C ALA D 103 25.09 34.00 5.35
N ILE D 104 25.39 34.80 4.33
CA ILE D 104 24.37 35.17 3.35
C ILE D 104 23.97 33.96 2.52
N ALA D 105 24.94 33.19 2.05
CA ALA D 105 24.68 31.99 1.25
C ALA D 105 23.85 30.92 1.99
N LEU D 106 24.09 30.77 3.28
CA LEU D 106 23.32 29.79 4.03
C LEU D 106 21.87 30.27 4.20
N SER D 107 21.67 31.58 4.16
CA SER D 107 20.36 32.13 4.38
C SER D 107 19.48 32.59 3.21
N HIS D 108 20.08 32.90 2.07
CA HIS D 108 19.31 33.45 0.95
C HIS D 108 18.17 32.61 0.42
N ASP D 109 18.25 31.30 0.59
CA ASP D 109 17.18 30.44 0.08
C ASP D 109 16.24 29.87 1.11
N LEU D 110 16.32 30.37 2.34
CA LEU D 110 15.45 29.87 3.42
C LEU D 110 13.97 30.08 3.16
N GLY D 111 13.62 31.21 2.54
CA GLY D 111 12.22 31.54 2.26
C GLY D 111 11.43 30.82 1.19
N HIS D 112 11.99 29.77 0.58
CA HIS D 112 11.24 29.04 -0.43
C HIS D 112 10.19 28.14 0.17
N PRO D 113 9.05 28.01 -0.50
CA PRO D 113 7.97 27.15 0.01
C PRO D 113 8.30 25.74 -0.48
N PRO D 114 7.52 24.73 -0.07
CA PRO D 114 7.87 23.40 -0.58
C PRO D 114 7.76 23.44 -2.09
N PHE D 115 8.41 22.50 -2.75
CA PHE D 115 8.44 22.40 -4.20
C PHE D 115 9.43 23.43 -4.75
N GLY D 116 9.37 23.78 -6.04
CA GLY D 116 10.43 24.68 -6.52
C GLY D 116 10.12 26.16 -6.60
N HIS D 117 10.74 26.81 -7.59
CA HIS D 117 10.50 28.23 -7.87
C HIS D 117 9.04 28.11 -8.29
N THR D 118 8.64 26.86 -8.49
CA THR D 118 7.28 26.55 -8.87
C THR D 118 6.48 27.06 -7.67
N GLY D 119 6.83 26.54 -6.49
CA GLY D 119 6.17 26.93 -5.26
C GLY D 119 5.98 28.42 -5.10
N GLU D 120 7.05 29.19 -5.27
CA GLU D 120 6.96 30.63 -5.12
C GLU D 120 6.02 31.26 -6.13
N HIS D 121 5.90 30.65 -7.31
CA HIS D 121 5.04 31.17 -8.38
C HIS D 121 3.56 31.06 -8.05
N VAL D 122 3.11 29.85 -7.77
CA VAL D 122 1.70 29.64 -7.42
C VAL D 122 1.39 30.42 -6.16
N LEU D 123 2.28 30.35 -5.17
CA LEU D 123 2.05 31.06 -3.92
C LEU D 123 1.84 32.54 -4.15
N ASN D 124 2.63 33.13 -5.05
CA ASN D 124 2.47 34.55 -5.34
C ASN D 124 1.14 34.81 -6.03
N ALA D 125 0.80 33.98 -7.01
CA ALA D 125 -0.47 34.12 -7.71
C ALA D 125 -1.55 34.17 -6.62
N LEU D 126 -1.73 33.07 -5.88
CA LEU D 126 -2.68 33.08 -4.77
C LEU D 126 -1.97 34.18 -4.00
N GLN D 128 -1.98 37.34 -4.77
CA GLN D 128 -1.81 38.56 -5.55
C GLN D 128 -2.70 39.67 -4.96
N ASP D 129 -3.82 39.26 -4.36
CA ASP D 129 -4.71 40.22 -3.75
C ASP D 129 -4.48 40.39 -2.25
N HIS D 130 -3.40 39.82 -1.74
CA HIS D 130 -3.09 39.96 -0.33
C HIS D 130 -1.64 40.27 -0.01
N GLY D 131 -1.00 41.06 -0.88
CA GLY D 131 0.39 41.43 -0.64
C GLY D 131 1.44 40.59 -1.35
N GLY D 132 1.04 39.51 -1.99
CA GLY D 132 1.97 38.68 -2.72
C GLY D 132 2.93 37.79 -1.92
N PHE D 133 3.75 37.06 -2.65
CA PHE D 133 4.74 36.19 -2.04
C PHE D 133 6.01 36.21 -2.88
N GLU D 134 7.13 36.55 -2.26
CA GLU D 134 8.43 36.57 -2.92
C GLU D 134 9.35 35.84 -1.93
N HIS D 135 10.21 34.93 -2.43
CA HIS D 135 11.08 34.14 -1.56
C HIS D 135 12.16 34.86 -0.76
N ASN D 136 12.70 35.98 -1.28
CA ASN D 136 13.71 36.72 -0.51
C ASN D 136 13.10 37.45 0.70
N ALA D 137 11.93 38.06 0.50
CA ALA D 137 11.26 38.75 1.59
C ALA D 137 10.78 37.67 2.58
N GLN D 138 10.30 36.54 2.08
CA GLN D 138 9.89 35.48 3.02
C GLN D 138 11.08 35.08 3.88
N ALA D 139 12.29 35.16 3.30
CA ALA D 139 13.50 34.81 4.04
C ALA D 139 13.71 35.79 5.19
N LEU D 140 13.52 37.07 4.89
CA LEU D 140 13.69 38.11 5.91
C LEU D 140 12.56 38.00 6.94
N ARG D 141 11.37 37.64 6.48
CA ARG D 141 10.22 37.50 7.38
C ARG D 141 10.55 36.42 8.41
N ILE D 142 11.09 35.31 7.92
CA ILE D 142 11.48 34.19 8.76
C ILE D 142 12.53 34.56 9.83
N LEU D 143 13.58 35.28 9.39
CA LEU D 143 14.70 35.66 10.26
C LEU D 143 14.47 36.84 11.18
N THR D 144 13.37 37.55 10.96
CA THR D 144 13.13 38.69 11.82
C THR D 144 11.80 38.58 12.56
N HIS D 145 10.97 37.61 12.22
CA HIS D 145 9.65 37.52 12.82
C HIS D 145 9.11 36.10 13.06
N LEU D 146 9.18 35.24 12.05
CA LEU D 146 8.61 33.90 12.18
C LEU D 146 9.27 32.88 13.12
N GLU D 147 10.60 32.83 13.13
CA GLU D 147 11.26 31.90 14.04
C GLU D 147 11.46 32.50 15.42
N VAL D 148 10.96 31.81 16.43
CA VAL D 148 11.11 32.26 17.81
C VAL D 148 12.05 31.25 18.45
N ARG D 149 13.32 31.62 18.62
CA ARG D 149 14.30 30.71 19.18
C ARG D 149 15.00 31.39 20.36
N TYR D 150 14.67 32.66 20.57
CA TYR D 150 15.26 33.46 21.65
C TYR D 150 14.19 34.25 22.40
N PRO D 151 14.23 34.20 23.74
CA PRO D 151 13.23 34.96 24.48
C PRO D 151 13.66 36.43 24.36
N GLY D 152 12.72 37.35 24.46
CA GLY D 152 13.10 38.75 24.37
C GLY D 152 12.90 39.35 23.00
N PHE D 153 12.75 38.51 21.99
CA PHE D 153 12.53 38.98 20.61
C PHE D 153 12.26 37.86 19.62
N ARG D 154 11.49 38.18 18.57
CA ARG D 154 11.17 37.22 17.53
C ARG D 154 12.29 37.27 16.48
N GLY D 155 12.45 36.20 15.71
CA GLY D 155 13.48 36.17 14.69
C GLY D 155 14.86 35.87 15.26
N LEU D 156 15.90 36.12 14.47
CA LEU D 156 17.26 35.84 14.91
C LEU D 156 18.09 37.00 15.38
N ASN D 157 17.60 38.22 15.18
CA ASN D 157 18.33 39.42 15.58
C ASN D 157 19.68 39.50 14.84
N LEU D 158 19.67 39.16 13.56
CA LEU D 158 20.88 39.17 12.74
C LEU D 158 21.43 40.58 12.48
N THR D 159 22.72 40.64 12.17
CA THR D 159 23.42 41.88 11.86
C THR D 159 22.75 42.52 10.65
N TYR D 160 22.93 43.81 10.52
CA TYR D 160 22.37 44.56 9.40
C TYR D 160 22.86 44.04 8.03
N GLU D 161 24.15 43.80 7.93
CA GLU D 161 24.75 43.36 6.65
C GLU D 161 24.23 42.04 6.11
N VAL D 162 23.91 41.10 6.98
CA VAL D 162 23.37 39.82 6.54
C VAL D 162 21.92 40.02 6.04
N LEU D 163 21.13 40.75 6.81
CA LEU D 163 19.76 40.99 6.38
C LEU D 163 19.86 41.78 5.06
N GLU D 164 20.67 42.83 5.05
CA GLU D 164 20.84 43.63 3.83
C GLU D 164 21.16 42.76 2.63
N GLY D 165 22.04 41.80 2.85
CA GLY D 165 22.44 40.91 1.78
C GLY D 165 21.32 40.12 1.17
N ILE D 166 20.44 39.58 2.03
CA ILE D 166 19.30 38.79 1.57
C ILE D 166 18.38 39.69 0.77
N ALA D 167 18.23 40.94 1.22
CA ALA D 167 17.35 41.88 0.55
C ALA D 167 17.94 42.45 -0.75
N THR D 168 19.22 42.84 -0.72
CA THR D 168 19.85 43.42 -1.92
C THR D 168 20.36 42.46 -3.00
N HIS D 169 21.05 41.40 -2.59
CA HIS D 169 21.64 40.45 -3.54
C HIS D 169 20.73 40.07 -4.72
N TYR D 181 15.45 47.55 1.58
CA TYR D 181 16.86 47.84 1.84
C TYR D 181 17.57 48.55 0.69
N GLU D 182 18.41 49.50 1.10
CA GLU D 182 19.31 50.27 0.22
C GLU D 182 19.15 50.14 -1.27
N GLY D 183 20.32 50.24 -1.90
CA GLY D 183 20.50 50.10 -3.32
C GLY D 183 21.48 48.95 -3.39
N GLN D 184 22.57 49.10 -4.14
CA GLN D 184 23.57 48.05 -4.25
C GLN D 184 23.92 47.59 -2.84
N GLY D 185 24.26 46.31 -2.67
CA GLY D 185 24.63 45.83 -1.35
C GLY D 185 26.14 45.68 -1.26
N THR D 186 26.63 44.85 -0.33
CA THR D 186 28.06 44.66 -0.20
C THR D 186 28.52 43.75 -1.33
N LEU D 187 29.82 43.78 -1.65
CA LEU D 187 30.35 42.90 -2.69
C LEU D 187 30.10 41.45 -2.28
N GLU D 188 30.20 41.16 -0.98
CA GLU D 188 29.93 39.82 -0.48
C GLU D 188 28.53 39.35 -0.91
N ALA D 189 27.54 40.22 -0.77
CA ALA D 189 26.16 39.87 -1.13
C ALA D 189 26.03 39.67 -2.63
N GLN D 190 26.66 40.56 -3.38
CA GLN D 190 26.62 40.45 -4.83
C GLN D 190 27.30 39.14 -5.24
N VAL D 191 28.38 38.78 -4.58
CA VAL D 191 29.04 37.54 -4.95
C VAL D 191 28.11 36.35 -4.73
N VAL D 192 27.38 36.32 -3.62
CA VAL D 192 26.47 35.19 -3.42
C VAL D 192 25.45 35.01 -4.55
N ASP D 193 24.83 36.09 -5.02
CA ASP D 193 23.84 35.91 -6.11
C ASP D 193 24.48 35.29 -7.36
N LEU D 194 25.61 35.82 -7.77
CA LEU D 194 26.30 35.29 -8.93
C LEU D 194 26.66 33.83 -8.66
N SER D 195 27.06 33.51 -7.43
CA SER D 195 27.43 32.13 -7.11
C SER D 195 26.22 31.19 -7.25
N ASP D 196 25.07 31.67 -6.82
CA ASP D 196 23.83 30.91 -6.92
C ASP D 196 23.54 30.56 -8.38
N ALA D 197 23.77 31.51 -9.26
CA ALA D 197 23.55 31.28 -10.70
C ALA D 197 24.50 30.23 -11.23
N ILE D 198 25.78 30.40 -10.95
CA ILE D 198 26.80 29.45 -11.37
C ILE D 198 26.47 28.05 -10.79
N ALA D 199 26.12 28.03 -9.51
CA ALA D 199 25.81 26.78 -8.83
C ALA D 199 24.61 26.06 -9.41
N TYR D 200 23.52 26.80 -9.57
CA TYR D 200 22.28 26.29 -10.11
C TYR D 200 22.56 25.61 -11.46
N ALA D 201 23.30 26.34 -12.29
CA ALA D 201 23.66 25.91 -13.62
C ALA D 201 24.47 24.62 -13.68
N ALA D 202 25.60 24.59 -13.02
CA ALA D 202 26.42 23.40 -13.08
C ALA D 202 25.74 22.16 -12.49
N HIS D 203 25.02 22.33 -11.39
CA HIS D 203 24.38 21.20 -10.74
C HIS D 203 23.04 20.76 -11.31
N ASP D 204 22.33 21.65 -11.98
CA ASP D 204 21.07 21.22 -12.57
C ASP D 204 21.41 20.42 -13.83
N LEU D 205 22.57 20.76 -14.43
CA LEU D 205 23.05 20.08 -15.63
C LEU D 205 23.47 18.68 -15.18
N ASP D 206 24.21 18.62 -14.07
CA ASP D 206 24.62 17.32 -13.54
C ASP D 206 23.38 16.46 -13.19
N ASP D 207 22.46 17.00 -12.40
CA ASP D 207 21.25 16.25 -12.04
C ASP D 207 20.43 15.88 -13.27
N GLY D 208 20.36 16.77 -14.26
CA GLY D 208 19.60 16.49 -15.47
C GLY D 208 20.13 15.24 -16.18
N PHE D 209 21.44 15.07 -16.15
CA PHE D 209 22.06 13.94 -16.80
C PHE D 209 21.89 12.70 -15.96
N ARG D 210 22.07 12.83 -14.66
CA ARG D 210 21.94 11.69 -13.78
C ARG D 210 20.53 11.11 -13.89
N ALA D 211 19.53 11.99 -13.98
CA ALA D 211 18.13 11.58 -14.10
C ALA D 211 17.79 11.05 -15.49
N GLY D 212 18.78 11.04 -16.38
CA GLY D 212 18.56 10.54 -17.72
C GLY D 212 17.57 11.39 -18.49
N LEU D 213 17.53 12.69 -18.17
CA LEU D 213 16.62 13.63 -18.84
C LEU D 213 17.34 14.39 -19.92
N LEU D 214 18.61 14.67 -19.68
CA LEU D 214 19.42 15.37 -20.66
C LEU D 214 20.26 14.29 -21.31
N HIS D 215 20.43 14.37 -22.61
CA HIS D 215 21.24 13.35 -23.26
C HIS D 215 22.57 13.89 -23.78
N PRO D 216 23.63 13.06 -23.70
CA PRO D 216 25.00 13.38 -24.15
C PRO D 216 25.03 13.51 -25.66
N GLU D 217 24.57 14.65 -26.16
CA GLU D 217 24.50 14.93 -27.58
C GLU D 217 23.81 16.28 -27.71
N GLU D 218 23.13 16.68 -26.63
CA GLU D 218 22.45 17.96 -26.59
C GLU D 218 23.50 18.95 -26.07
N LEU D 219 24.66 18.40 -25.69
CA LEU D 219 25.77 19.21 -25.18
C LEU D 219 26.23 20.24 -26.22
N LYS D 220 26.06 19.90 -27.49
CA LYS D 220 26.44 20.78 -28.57
C LYS D 220 25.52 22.00 -28.71
N GLU D 221 24.37 21.97 -28.03
CA GLU D 221 23.41 23.08 -28.10
C GLU D 221 23.94 24.34 -27.40
N VAL D 222 24.97 24.18 -26.58
CA VAL D 222 25.58 25.32 -25.88
C VAL D 222 27.10 25.24 -26.09
N GLU D 223 27.66 26.27 -26.73
CA GLU D 223 29.09 26.29 -27.06
C GLU D 223 30.06 25.96 -25.93
N LEU D 224 29.83 26.52 -24.74
CA LEU D 224 30.75 26.25 -23.62
C LEU D 224 30.81 24.76 -23.29
N LEU D 225 29.66 24.10 -23.23
CA LEU D 225 29.59 22.67 -22.95
C LEU D 225 30.29 21.83 -24.01
N GLN D 226 29.99 22.12 -25.28
CA GLN D 226 30.58 21.43 -26.44
C GLN D 226 32.10 21.62 -26.39
N ALA D 227 32.51 22.86 -26.17
CA ALA D 227 33.92 23.21 -26.09
C ALA D 227 34.65 22.49 -24.97
N LEU D 228 34.08 22.52 -23.76
CA LEU D 228 34.70 21.87 -22.62
C LEU D 228 34.80 20.38 -22.82
N ALA D 229 33.76 19.76 -23.37
CA ALA D 229 33.74 18.32 -23.60
C ALA D 229 34.72 17.87 -24.67
N LEU D 230 34.84 18.66 -25.74
CA LEU D 230 35.75 18.31 -26.82
C LEU D 230 37.19 18.48 -26.35
N GLU D 231 37.45 19.56 -25.63
CA GLU D 231 38.78 19.87 -25.13
C GLU D 231 39.34 18.87 -24.12
N GLU D 232 38.50 17.97 -23.61
CA GLU D 232 38.96 17.01 -22.62
C GLU D 232 38.85 15.58 -23.08
N GLY D 233 38.33 15.40 -24.29
CA GLY D 233 38.18 14.07 -24.85
C GLY D 233 37.07 13.25 -24.24
N LEU D 234 36.01 13.92 -23.80
CA LEU D 234 34.88 13.23 -23.19
C LEU D 234 34.04 12.45 -24.20
N ASP D 235 33.53 11.31 -23.78
CA ASP D 235 32.69 10.47 -24.62
C ASP D 235 31.32 11.12 -24.86
N LEU D 236 31.27 12.06 -25.79
CA LEU D 236 30.06 12.80 -26.14
C LEU D 236 28.88 11.97 -26.62
N LEU D 237 29.00 10.66 -26.63
CA LEU D 237 27.91 9.80 -27.07
C LEU D 237 27.20 9.13 -25.91
N ARG D 238 27.94 8.76 -24.88
CA ARG D 238 27.36 8.09 -23.72
C ARG D 238 27.86 8.69 -22.40
N LEU D 239 28.21 9.98 -22.43
CA LEU D 239 28.72 10.71 -21.27
C LEU D 239 28.76 9.92 -19.97
N PRO D 240 29.73 9.01 -19.83
CA PRO D 240 29.81 8.21 -18.60
C PRO D 240 30.08 9.06 -17.35
N GLU D 241 29.74 8.48 -16.21
CA GLU D 241 29.90 9.10 -14.90
C GLU D 241 31.17 9.92 -14.71
N LEU D 242 32.32 9.30 -14.91
CA LEU D 242 33.58 9.99 -14.75
C LEU D 242 33.68 11.19 -15.67
N ASP D 243 33.16 11.06 -16.90
CA ASP D 243 33.20 12.14 -17.85
C ASP D 243 32.28 13.27 -17.43
N ARG D 244 31.10 12.94 -16.91
CA ARG D 244 30.18 13.98 -16.46
C ARG D 244 30.83 14.75 -15.31
N ARG D 245 31.41 14.01 -14.37
CA ARG D 245 32.06 14.65 -13.24
C ARG D 245 33.17 15.58 -13.68
N VAL D 246 33.93 15.18 -14.70
CA VAL D 246 35.00 16.02 -15.21
C VAL D 246 34.38 17.32 -15.77
N LEU D 247 33.33 17.19 -16.57
CA LEU D 247 32.66 18.33 -17.18
C LEU D 247 32.07 19.32 -16.15
N VAL D 248 31.34 18.78 -15.17
CA VAL D 248 30.75 19.62 -14.15
C VAL D 248 31.84 20.41 -13.44
N ARG D 249 32.92 19.72 -13.10
CA ARG D 249 34.04 20.37 -12.43
C ARG D 249 34.64 21.49 -13.29
N GLN D 250 34.92 21.21 -14.57
CA GLN D 250 35.50 22.24 -15.43
C GLN D 250 34.54 23.44 -15.56
N LEU D 251 33.24 23.13 -15.65
CA LEU D 251 32.20 24.15 -15.76
C LEU D 251 32.30 25.10 -14.55
N LEU D 252 32.27 24.53 -13.35
CA LEU D 252 32.37 25.34 -12.12
C LEU D 252 33.70 26.07 -12.14
N GLY D 253 34.73 25.41 -12.66
CA GLY D 253 36.06 26.02 -12.71
C GLY D 253 36.08 27.25 -13.60
N TYR D 254 35.51 27.11 -14.78
CA TYR D 254 35.44 28.19 -15.76
C TYR D 254 34.72 29.43 -15.24
N PHE D 255 33.50 29.26 -14.73
CA PHE D 255 32.73 30.39 -14.24
C PHE D 255 33.32 31.00 -13.00
N ILE D 256 33.93 30.16 -12.16
CA ILE D 256 34.49 30.72 -10.96
C ILE D 256 35.66 31.60 -11.29
N THR D 257 36.47 31.22 -12.27
CA THR D 257 37.62 32.03 -12.64
C THR D 257 37.13 33.34 -13.25
N ALA D 258 36.18 33.25 -14.16
CA ALA D 258 35.62 34.44 -14.82
C ALA D 258 35.18 35.46 -13.78
N ALA D 259 34.36 35.01 -12.83
CA ALA D 259 33.83 35.87 -11.78
C ALA D 259 34.94 36.55 -11.00
N ILE D 260 35.99 35.83 -10.66
CA ILE D 260 37.09 36.41 -9.90
C ILE D 260 37.82 37.50 -10.66
N GLU D 261 38.08 37.22 -11.93
CA GLU D 261 38.79 38.13 -12.80
C GLU D 261 37.98 39.36 -13.18
N ALA D 262 36.78 39.12 -13.68
CA ALA D 262 35.91 40.22 -14.11
C ALA D 262 35.53 41.15 -12.95
N THR D 263 35.31 40.56 -11.78
CA THR D 263 34.94 41.36 -10.61
C THR D 263 36.12 42.14 -10.13
N HIS D 264 37.29 41.54 -10.22
CA HIS D 264 38.48 42.27 -9.82
C HIS D 264 38.58 43.51 -10.73
N ARG D 265 38.36 43.32 -12.02
CA ARG D 265 38.46 44.42 -12.95
C ARG D 265 37.48 45.55 -12.64
N ARG D 266 36.20 45.20 -12.51
CA ARG D 266 35.17 46.16 -12.18
C ARG D 266 35.57 46.93 -10.94
N VAL D 267 35.88 46.21 -9.89
CA VAL D 267 36.29 46.83 -8.65
C VAL D 267 37.47 47.80 -8.84
N GLU D 268 38.49 47.39 -9.60
CA GLU D 268 39.61 48.29 -9.84
C GLU D 268 39.11 49.53 -10.62
N GLU D 269 38.37 49.29 -11.69
CA GLU D 269 37.84 50.40 -12.47
C GLU D 269 37.10 51.40 -11.59
N ALA D 270 36.14 50.89 -10.83
CA ALA D 270 35.33 51.71 -9.92
C ALA D 270 36.15 52.55 -8.93
N GLY D 271 37.22 52.00 -8.39
CA GLY D 271 38.03 52.73 -7.44
C GLY D 271 37.44 52.75 -6.03
N VAL D 272 36.38 51.96 -5.81
CA VAL D 272 35.76 51.94 -4.50
C VAL D 272 36.77 51.41 -3.49
N GLN D 273 36.87 52.08 -2.35
CA GLN D 273 37.82 51.70 -1.32
C GLN D 273 37.17 51.27 -0.02
N SER D 274 35.89 50.93 -0.08
CA SER D 274 35.19 50.51 1.12
C SER D 274 33.89 49.82 0.76
N ALA D 275 33.31 49.13 1.73
CA ALA D 275 32.05 48.44 1.53
C ALA D 275 30.98 49.53 1.31
N GLU D 276 31.07 50.62 2.07
CA GLU D 276 30.11 51.72 1.92
C GLU D 276 30.12 52.17 0.46
N ALA D 277 31.32 52.23 -0.10
CA ALA D 277 31.52 52.63 -1.49
C ALA D 277 30.80 51.64 -2.40
N VAL D 278 30.87 50.36 -2.07
CA VAL D 278 30.21 49.35 -2.86
C VAL D 278 28.68 49.46 -2.83
N ARG D 279 28.10 49.71 -1.67
CA ARG D 279 26.63 49.81 -1.54
C ARG D 279 26.07 51.00 -2.30
N ARG D 280 26.75 52.13 -2.21
CA ARG D 280 26.27 53.35 -2.84
C ARG D 280 26.73 53.53 -4.28
N HIS D 281 27.45 52.54 -4.82
CA HIS D 281 27.94 52.65 -6.21
C HIS D 281 26.79 52.57 -7.21
N PRO D 282 26.84 53.37 -8.28
CA PRO D 282 25.78 53.36 -9.29
C PRO D 282 25.35 51.98 -9.75
N SER D 283 26.30 51.05 -9.81
CA SER D 283 25.95 49.71 -10.26
C SER D 283 26.58 48.60 -9.43
N ARG D 284 26.19 47.39 -9.78
CA ARG D 284 26.72 46.18 -9.13
C ARG D 284 28.13 46.01 -9.68
N LEU D 285 29.05 45.55 -8.86
CA LEU D 285 30.41 45.35 -9.33
C LEU D 285 30.68 43.89 -9.70
N ALA D 286 30.12 42.95 -8.94
CA ALA D 286 30.32 41.52 -9.21
C ALA D 286 29.92 41.17 -10.64
N ALA D 287 30.84 40.57 -11.41
CA ALA D 287 30.55 40.22 -12.80
C ALA D 287 31.32 39.00 -13.28
N LEU D 288 30.83 38.42 -14.37
CA LEU D 288 31.44 37.25 -14.97
C LEU D 288 32.20 37.67 -16.22
N GLY D 289 31.93 38.88 -16.68
CA GLY D 289 32.58 39.38 -17.87
C GLY D 289 31.84 38.96 -19.13
N GLU D 290 31.94 39.80 -20.15
CA GLU D 290 31.31 39.60 -21.45
C GLU D 290 31.09 38.16 -21.87
N GLU D 291 32.18 37.43 -22.03
CA GLU D 291 32.13 36.06 -22.48
C GLU D 291 31.43 35.05 -21.57
N ALA D 292 31.79 35.04 -20.30
CA ALA D 292 31.16 34.11 -19.36
C ALA D 292 29.69 34.50 -19.19
N GLU D 293 29.42 35.79 -19.09
CA GLU D 293 28.03 36.23 -18.94
C GLU D 293 27.21 35.64 -20.08
N LYS D 294 27.83 35.56 -21.26
CA LYS D 294 27.19 35.02 -22.45
C LYS D 294 26.95 33.52 -22.36
N ALA D 295 27.97 32.75 -22.00
CA ALA D 295 27.80 31.32 -21.90
C ALA D 295 26.75 30.95 -20.81
N LEU D 296 26.79 31.63 -19.66
CA LEU D 296 25.82 31.35 -18.58
C LEU D 296 24.40 31.52 -19.09
N LYS D 297 24.16 32.60 -19.84
CA LYS D 297 22.85 32.86 -20.41
C LYS D 297 22.41 31.69 -21.29
N ALA D 298 23.25 31.34 -22.25
CA ALA D 298 22.94 30.27 -23.17
C ALA D 298 22.62 29.00 -22.41
N LEU D 299 23.44 28.69 -21.41
CA LEU D 299 23.26 27.49 -20.59
C LEU D 299 21.91 27.48 -19.85
N LYS D 300 21.61 28.55 -19.14
CA LYS D 300 20.36 28.65 -18.40
C LYS D 300 19.20 28.43 -19.38
N ALA D 301 19.28 29.06 -20.55
CA ALA D 301 18.26 28.93 -21.59
C ALA D 301 18.11 27.47 -22.01
N PHE D 302 19.24 26.79 -22.23
CA PHE D 302 19.21 25.39 -22.63
C PHE D 302 18.55 24.56 -21.50
N LEU D 303 18.97 24.78 -20.28
CA LEU D 303 18.39 24.08 -19.14
C LEU D 303 16.87 24.33 -19.03
N GLU D 305 14.74 24.98 -21.41
CA GLU D 305 14.13 24.19 -22.47
C GLU D 305 14.19 22.68 -22.35
N ARG D 306 15.36 22.13 -22.10
CA ARG D 306 15.50 20.69 -22.04
C ARG D 306 15.33 20.03 -20.68
N PHE D 307 15.48 20.79 -19.60
CA PHE D 307 15.35 20.20 -18.28
C PHE D 307 14.04 20.58 -17.59
N TYR D 308 13.94 21.83 -17.17
CA TYR D 308 12.74 22.28 -16.47
C TYR D 308 11.45 22.01 -17.23
N ARG D 309 11.46 22.22 -18.55
CA ARG D 309 10.29 22.00 -19.39
C ARG D 309 10.22 20.60 -19.99
N HIS D 310 11.04 19.70 -19.48
CA HIS D 310 11.01 18.33 -19.97
C HIS D 310 9.66 17.80 -19.48
N PRO D 311 8.94 17.04 -20.32
CA PRO D 311 7.64 16.48 -19.94
C PRO D 311 7.52 15.91 -18.51
N GLU D 312 8.41 15.00 -18.12
CA GLU D 312 8.33 14.42 -16.78
C GLU D 312 8.41 15.51 -15.70
N VAL D 313 9.36 16.42 -15.86
CA VAL D 313 9.52 17.50 -14.93
C VAL D 313 8.23 18.32 -14.85
N LEU D 314 7.61 18.60 -15.99
CA LEU D 314 6.37 19.36 -16.00
C LEU D 314 5.20 18.60 -15.36
N ARG D 315 5.29 17.27 -15.35
CA ARG D 315 4.25 16.46 -14.74
C ARG D 315 4.31 16.73 -13.25
N GLU D 316 5.52 16.75 -12.71
CA GLU D 316 5.67 16.98 -11.30
C GLU D 316 5.36 18.43 -10.95
N ARG D 317 5.60 19.33 -11.89
CA ARG D 317 5.30 20.75 -11.68
C ARG D 317 3.79 20.87 -11.44
N ARG D 318 3.04 20.18 -12.28
CA ARG D 318 1.58 20.15 -12.26
C ARG D 318 1.06 19.75 -10.87
N LYS D 319 1.57 18.62 -10.39
CA LYS D 319 1.18 18.08 -9.09
C LYS D 319 1.50 19.02 -7.93
N ALA D 320 2.62 19.72 -8.01
CA ALA D 320 3.00 20.64 -6.97
C ALA D 320 1.99 21.78 -6.94
N GLU D 321 1.72 22.36 -8.10
CA GLU D 321 0.75 23.45 -8.19
C GLU D 321 -0.56 23.03 -7.53
N ALA D 322 -0.95 21.77 -7.73
CA ALA D 322 -2.19 21.22 -7.20
C ALA D 322 -2.16 21.06 -5.67
N VAL D 323 -1.02 20.67 -5.12
CA VAL D 323 -0.88 20.51 -3.68
C VAL D 323 -0.94 21.88 -2.97
N LEU D 324 -0.18 22.83 -3.49
CA LEU D 324 -0.16 24.14 -2.89
C LEU D 324 -1.52 24.82 -3.01
N GLU D 325 -2.18 24.66 -4.16
CA GLU D 325 -3.48 25.28 -4.37
C GLU D 325 -4.59 24.63 -3.53
N GLY D 326 -4.46 23.33 -3.29
CA GLY D 326 -5.45 22.61 -2.51
C GLY D 326 -5.37 23.02 -1.06
N LEU D 327 -4.15 23.08 -0.53
CA LEU D 327 -3.95 23.48 0.86
C LEU D 327 -4.38 24.92 1.09
N PHE D 328 -4.03 25.81 0.15
CA PHE D 328 -4.35 27.21 0.33
C PHE D 328 -5.85 27.42 0.36
N ALA D 329 -6.55 26.81 -0.58
CA ALA D 329 -8.00 26.91 -0.64
C ALA D 329 -8.65 26.28 0.61
N ALA D 330 -8.13 25.14 1.06
CA ALA D 330 -8.68 24.45 2.22
C ALA D 330 -8.61 25.28 3.50
N TYR D 331 -7.40 25.71 3.87
CA TYR D 331 -7.18 26.47 5.09
C TYR D 331 -7.76 27.86 5.00
N THR D 332 -7.97 28.32 3.77
CA THR D 332 -8.52 29.65 3.54
C THR D 332 -10.04 29.59 3.61
N ARG D 333 -10.59 28.52 3.07
CA ARG D 333 -12.02 28.31 3.08
C ARG D 333 -12.48 27.76 4.45
N TYR D 334 -11.57 27.09 5.17
CA TYR D 334 -11.87 26.54 6.49
C TYR D 334 -10.67 26.70 7.40
N PRO D 335 -10.53 27.87 8.02
CA PRO D 335 -9.41 28.15 8.93
C PRO D 335 -9.38 27.19 10.10
N GLU D 336 -10.55 26.62 10.41
CA GLU D 336 -10.68 25.71 11.53
C GLU D 336 -9.91 24.42 11.30
N LEU D 337 -9.45 24.21 10.07
CA LEU D 337 -8.68 23.02 9.77
C LEU D 337 -7.20 23.21 10.13
N LEU D 338 -6.82 24.45 10.36
CA LEU D 338 -5.44 24.78 10.72
C LEU D 338 -5.08 24.46 12.15
N PRO D 339 -3.80 24.15 12.41
CA PRO D 339 -3.40 23.85 13.78
C PRO D 339 -3.79 25.08 14.60
N ARG D 340 -4.12 24.89 15.88
CA ARG D 340 -4.51 26.00 16.74
C ARG D 340 -3.44 27.08 16.83
N GLU D 341 -2.19 26.66 16.76
CA GLU D 341 -1.06 27.58 16.82
C GLU D 341 -1.02 28.52 15.61
N VAL D 342 -1.48 28.04 14.46
CA VAL D 342 -1.49 28.89 13.29
C VAL D 342 -2.73 29.76 13.38
N GLN D 343 -3.86 29.16 13.73
CA GLN D 343 -5.09 29.91 13.86
C GLN D 343 -4.86 31.10 14.78
N ALA D 344 -4.01 30.89 15.78
CA ALA D 344 -3.70 31.92 16.75
C ALA D 344 -2.92 33.11 16.15
N LYS D 345 -2.25 32.92 15.02
CA LYS D 345 -1.48 34.01 14.42
C LYS D 345 -2.32 34.85 13.46
N ILE D 346 -3.50 34.33 13.11
CA ILE D 346 -4.43 34.99 12.18
C ILE D 346 -4.81 36.42 12.60
N PRO D 347 -5.06 36.65 13.89
CA PRO D 347 -5.42 38.00 14.30
C PRO D 347 -4.37 39.06 13.91
N GLU D 348 -3.12 38.81 14.26
CA GLU D 348 -2.02 39.73 13.98
C GLU D 348 -1.53 39.71 12.52
N GLU D 349 -1.67 38.59 11.85
CA GLU D 349 -1.18 38.47 10.49
C GLU D 349 -2.22 38.55 9.38
N GLY D 350 -3.45 38.14 9.67
CA GLY D 350 -4.48 38.12 8.64
C GLY D 350 -4.60 36.67 8.24
N LEU D 351 -5.77 36.24 7.77
CA LEU D 351 -5.95 34.85 7.40
C LEU D 351 -4.94 34.45 6.34
N GLU D 352 -5.07 35.04 5.14
CA GLU D 352 -4.18 34.73 4.02
C GLU D 352 -2.66 34.69 4.30
N ARG D 353 -2.14 35.70 4.98
CA ARG D 353 -0.71 35.70 5.26
C ARG D 353 -0.34 34.58 6.23
N ALA D 354 -1.14 34.39 7.28
CA ALA D 354 -0.87 33.34 8.26
C ALA D 354 -0.93 31.99 7.56
N VAL D 355 -1.87 31.85 6.65
CA VAL D 355 -2.01 30.61 5.91
C VAL D 355 -0.82 30.47 4.93
N CYS D 356 -0.35 31.58 4.38
CA CYS D 356 0.78 31.54 3.44
C CYS D 356 2.05 31.14 4.18
N ASP D 357 2.28 31.74 5.34
CA ASP D 357 3.47 31.44 6.13
C ASP D 357 3.54 29.97 6.47
N TYR D 358 2.40 29.41 6.87
CA TYR D 358 2.28 28.01 7.25
C TYR D 358 2.65 27.07 6.11
N ILE D 359 2.02 27.25 4.96
CA ILE D 359 2.33 26.41 3.82
C ILE D 359 3.79 26.56 3.42
N ALA D 360 4.25 27.80 3.25
CA ALA D 360 5.63 28.08 2.84
C ALA D 360 6.64 27.45 3.77
N GLY D 361 6.28 27.31 5.04
CA GLY D 361 7.22 26.70 5.97
C GLY D 361 7.21 25.17 5.93
N THR D 363 7.75 21.22 4.48
CA THR D 363 8.74 20.42 3.77
C THR D 363 7.94 19.86 2.62
N ASP D 364 8.57 19.22 1.65
CA ASP D 364 7.81 18.69 0.50
C ASP D 364 6.84 17.58 0.89
N ARG D 365 7.33 16.63 1.68
CA ARG D 365 6.52 15.49 2.10
C ARG D 365 5.41 15.89 3.08
N PHE D 366 5.70 16.79 4.01
CA PHE D 366 4.65 17.21 4.93
C PHE D 366 3.52 17.81 4.09
N ALA D 367 3.86 18.72 3.18
CA ALA D 367 2.85 19.35 2.33
C ALA D 367 2.03 18.32 1.55
N LEU D 368 2.71 17.36 0.94
CA LEU D 368 2.02 16.33 0.16
C LEU D 368 1.10 15.49 1.04
N GLU D 369 1.57 15.16 2.24
CA GLU D 369 0.78 14.35 3.17
C GLU D 369 -0.41 15.17 3.64
N ALA D 370 -0.17 16.42 4.01
CA ALA D 370 -1.25 17.28 4.47
C ALA D 370 -2.35 17.34 3.41
N TYR D 371 -1.97 17.59 2.17
CA TYR D 371 -2.94 17.67 1.08
C TYR D 371 -3.70 16.33 0.95
N ARG D 372 -3.00 15.23 1.16
CA ARG D 372 -3.63 13.94 1.04
C ARG D 372 -4.67 13.74 2.14
N ARG D 373 -4.31 14.12 3.35
CA ARG D 373 -5.21 13.99 4.50
C ARG D 373 -6.51 14.78 4.37
N LEU D 374 -6.56 15.75 3.45
CA LEU D 374 -7.78 16.56 3.29
C LEU D 374 -8.84 15.82 2.52
N SER D 375 -8.44 14.71 1.90
CA SER D 375 -9.36 13.92 1.08
C SER D 375 -9.65 12.52 1.61
N PRO D 376 -10.89 12.03 1.38
CA PRO D 376 -11.40 10.72 1.80
C PRO D 376 -10.55 9.56 1.28
N ARG E 2 9.40 -28.51 -51.55
CA ARG E 2 9.47 -27.12 -51.14
C ARG E 2 8.41 -26.31 -51.88
N PHE E 3 7.27 -26.07 -51.21
CA PHE E 3 6.16 -25.31 -51.78
C PHE E 3 6.40 -23.79 -51.77
N SER E 4 6.88 -23.29 -52.90
CA SER E 4 7.17 -21.86 -53.07
C SER E 4 5.92 -20.98 -53.10
N ARG E 5 6.13 -19.67 -53.09
CA ARG E 5 5.00 -18.73 -53.15
C ARG E 5 4.10 -19.06 -54.32
N GLU E 6 4.70 -19.15 -55.51
CA GLU E 6 3.94 -19.44 -56.71
C GLU E 6 3.19 -20.77 -56.65
N ALA E 7 3.81 -21.77 -56.04
CA ALA E 7 3.20 -23.09 -55.92
C ALA E 7 1.97 -23.06 -55.00
N LEU E 8 2.10 -22.34 -53.90
CA LEU E 8 1.01 -22.22 -52.90
C LEU E 8 -0.18 -21.58 -53.60
N LEU E 9 0.11 -20.47 -54.28
CA LEU E 9 -0.92 -19.75 -55.01
C LEU E 9 -1.66 -20.70 -55.91
N GLU E 10 -0.93 -21.51 -56.67
CA GLU E 10 -1.58 -22.47 -57.55
C GLU E 10 -2.45 -23.45 -56.73
N LEU E 11 -1.95 -23.96 -55.61
CA LEU E 11 -2.73 -24.88 -54.78
C LEU E 11 -4.06 -24.25 -54.38
N GLU E 12 -4.01 -23.01 -53.91
CA GLU E 12 -5.23 -22.29 -53.53
C GLU E 12 -6.20 -22.27 -54.70
N ALA E 13 -5.70 -21.85 -55.85
CA ALA E 13 -6.54 -21.72 -57.05
C ALA E 13 -7.39 -22.97 -57.27
N ARG E 15 -8.65 -25.72 -55.47
CA ARG E 15 -8.84 -26.08 -54.06
C ARG E 15 -9.92 -25.25 -53.37
N LEU E 16 -9.72 -23.94 -53.33
CA LEU E 16 -10.69 -23.03 -52.72
C LEU E 16 -11.75 -22.73 -53.75
N ALA E 17 -12.00 -21.43 -53.91
CA ALA E 17 -12.94 -20.93 -54.89
C ALA E 17 -14.32 -21.56 -54.74
N PRO E 18 -15.27 -21.16 -55.59
CA PRO E 18 -15.08 -20.16 -56.65
C PRO E 18 -15.27 -18.76 -56.07
N TYR E 19 -16.20 -18.65 -55.14
CA TYR E 19 -16.52 -17.40 -54.49
C TYR E 19 -15.45 -17.00 -53.46
N ALA E 20 -14.53 -17.90 -53.18
CA ALA E 20 -13.46 -17.63 -52.22
C ALA E 20 -12.39 -16.74 -52.87
N GLN E 21 -11.80 -15.88 -52.05
CA GLN E 21 -10.75 -14.97 -52.50
C GLN E 21 -9.44 -15.71 -52.66
N LYS E 22 -8.82 -15.61 -53.83
CA LYS E 22 -7.54 -16.27 -54.05
C LYS E 22 -6.49 -15.19 -53.97
N ALA E 23 -5.40 -15.48 -53.26
CA ALA E 23 -4.33 -14.51 -53.10
C ALA E 23 -3.64 -14.09 -54.41
N ARG E 24 -3.87 -14.83 -55.50
CA ARG E 24 -3.25 -14.48 -56.77
C ARG E 24 -4.00 -13.35 -57.46
N ASP E 25 -5.27 -13.18 -57.09
CA ASP E 25 -6.09 -12.12 -57.68
C ASP E 25 -6.04 -10.84 -56.84
N THR E 26 -5.21 -10.81 -55.81
CA THR E 26 -5.11 -9.64 -54.96
C THR E 26 -4.80 -8.38 -55.79
N ARG E 27 -5.01 -7.21 -55.18
CA ARG E 27 -4.74 -5.94 -55.85
C ARG E 27 -3.39 -5.42 -55.40
N GLY E 28 -2.71 -6.22 -54.58
CA GLY E 28 -1.38 -5.84 -54.12
C GLY E 28 -1.32 -4.89 -52.95
N ARG E 29 -0.11 -4.48 -52.62
CA ARG E 29 0.19 -3.57 -51.52
C ARG E 29 0.32 -2.14 -52.05
N ALA E 30 0.26 -1.16 -51.15
CA ALA E 30 0.36 0.23 -51.56
C ALA E 30 1.69 0.54 -52.23
N HIS E 31 2.77 0.23 -51.53
CA HIS E 31 4.10 0.48 -52.05
C HIS E 31 4.82 -0.80 -52.49
N PRO E 32 5.85 -0.65 -53.34
CA PRO E 32 6.67 -1.73 -53.90
C PRO E 32 7.50 -2.53 -52.91
N GLU E 33 7.45 -3.85 -53.04
CA GLU E 33 8.20 -4.78 -52.20
C GLU E 33 8.48 -6.05 -52.99
N PRO E 34 9.68 -6.63 -52.83
CA PRO E 34 9.94 -7.86 -53.58
C PRO E 34 9.03 -8.98 -53.06
N GLU E 35 8.65 -9.91 -53.93
CA GLU E 35 7.76 -10.98 -53.49
C GLU E 35 8.45 -12.01 -52.60
N SER E 36 7.65 -12.66 -51.76
CA SER E 36 8.13 -13.69 -50.85
C SER E 36 8.37 -14.98 -51.62
N LEU E 37 9.44 -15.69 -51.28
CA LEU E 37 9.74 -16.94 -51.95
C LEU E 37 8.86 -18.08 -51.41
N TYR E 38 8.65 -18.08 -50.09
CA TYR E 38 7.87 -19.14 -49.47
C TYR E 38 6.50 -18.82 -48.89
N ARG E 39 6.04 -17.58 -49.00
CA ARG E 39 4.74 -17.24 -48.42
C ARG E 39 3.74 -16.63 -49.40
N THR E 40 2.48 -16.96 -49.19
CA THR E 40 1.42 -16.40 -50.00
C THR E 40 1.32 -14.98 -49.42
N PRO E 41 0.69 -14.05 -50.14
CA PRO E 41 0.59 -12.69 -49.59
C PRO E 41 -0.16 -12.64 -48.24
N TYR E 42 -1.26 -13.38 -48.11
CA TYR E 42 -1.98 -13.35 -46.84
C TYR E 42 -1.20 -13.97 -45.69
N GLN E 43 -0.24 -14.84 -45.98
CA GLN E 43 0.59 -15.46 -44.92
C GLN E 43 1.49 -14.38 -44.35
N LYS E 44 2.13 -13.68 -45.27
CA LYS E 44 3.03 -12.60 -44.92
C LYS E 44 2.25 -11.56 -44.09
N ASP E 45 1.01 -11.27 -44.50
CA ASP E 45 0.18 -10.31 -43.78
C ASP E 45 -0.03 -10.78 -42.34
N ARG E 46 -0.46 -12.03 -42.18
CA ARG E 46 -0.66 -12.61 -40.85
C ARG E 46 0.63 -12.41 -40.06
N ASP E 47 1.76 -12.79 -40.67
CA ASP E 47 3.07 -12.64 -40.03
C ASP E 47 3.33 -11.18 -39.59
N ARG E 48 3.00 -10.22 -40.45
CA ARG E 48 3.21 -8.81 -40.11
C ARG E 48 2.23 -8.32 -39.05
N ILE E 49 1.04 -8.93 -38.97
CA ILE E 49 0.08 -8.48 -37.97
C ILE E 49 0.48 -8.93 -36.57
N LEU E 50 0.88 -10.19 -36.43
CA LEU E 50 1.28 -10.74 -35.14
C LEU E 50 2.43 -10.00 -34.45
N HIS E 51 3.43 -9.62 -35.24
CA HIS E 51 4.59 -8.92 -34.71
C HIS E 51 4.36 -7.42 -34.54
N THR E 52 3.10 -7.02 -34.62
CA THR E 52 2.73 -5.64 -34.46
C THR E 52 2.64 -5.30 -32.97
N THR E 53 2.98 -4.06 -32.63
CA THR E 53 2.91 -3.58 -31.26
C THR E 53 1.47 -3.61 -30.74
N ALA E 54 0.53 -3.23 -31.60
CA ALA E 54 -0.87 -3.19 -31.20
C ALA E 54 -1.37 -4.61 -30.93
N PHE E 55 -0.89 -5.57 -31.71
CA PHE E 55 -1.33 -6.93 -31.50
C PHE E 55 -0.83 -7.41 -30.14
N ARG E 56 0.35 -6.95 -29.79
CA ARG E 56 1.02 -7.30 -28.54
C ARG E 56 0.22 -6.68 -27.38
N ARG E 57 -0.35 -5.50 -27.63
CA ARG E 57 -1.14 -4.85 -26.62
C ARG E 57 -2.43 -5.58 -26.31
N LEU E 58 -2.94 -6.38 -27.25
CA LEU E 58 -4.16 -7.13 -27.05
C LEU E 58 -4.09 -7.99 -25.77
N GLU E 59 -2.89 -8.43 -25.42
CA GLU E 59 -2.63 -9.29 -24.27
C GLU E 59 -2.76 -8.53 -22.96
N TYR E 60 -2.69 -7.21 -23.04
CA TYR E 60 -2.79 -6.38 -21.86
C TYR E 60 -3.96 -5.40 -21.93
N LYS E 61 -5.00 -5.78 -22.68
CA LYS E 61 -6.21 -4.96 -22.81
C LYS E 61 -7.39 -5.89 -22.70
N THR E 62 -8.27 -5.67 -21.72
CA THR E 62 -9.42 -6.55 -21.58
C THR E 62 -10.52 -6.26 -22.60
N GLN E 63 -11.23 -7.32 -22.95
CA GLN E 63 -12.31 -7.25 -23.93
C GLN E 63 -13.49 -6.45 -23.40
N LEU E 65 -14.71 -4.96 -19.22
CA LEU E 65 -14.28 -4.55 -17.88
C LEU E 65 -12.82 -4.92 -17.70
N PRO E 66 -12.00 -3.98 -17.19
CA PRO E 66 -10.57 -4.12 -16.94
C PRO E 66 -10.13 -5.27 -16.03
N GLY E 67 -8.84 -5.56 -16.05
CA GLY E 67 -8.28 -6.66 -15.24
C GLY E 67 -8.20 -6.30 -13.75
N ASP E 71 -9.22 -11.97 -12.11
CA ASP E 71 -10.41 -11.57 -12.86
C ASP E 71 -10.72 -12.74 -13.79
N TYR E 72 -11.99 -12.84 -14.18
CA TYR E 72 -12.40 -13.90 -15.08
C TYR E 72 -12.72 -13.25 -16.41
N TYR E 73 -12.32 -11.99 -16.55
CA TYR E 73 -12.55 -11.23 -17.77
C TYR E 73 -11.46 -11.51 -18.82
N ARG E 74 -11.84 -12.07 -19.96
CA ARG E 74 -10.86 -12.37 -21.00
C ARG E 74 -10.21 -11.12 -21.61
N THR E 75 -8.92 -11.21 -21.88
CA THR E 75 -8.19 -10.11 -22.53
C THR E 75 -8.66 -10.06 -23.99
N ARG E 76 -8.28 -9.02 -24.72
CA ARG E 76 -8.65 -8.96 -26.12
C ARG E 76 -7.85 -10.01 -26.88
N LEU E 77 -6.65 -10.36 -26.40
CA LEU E 77 -5.87 -11.37 -27.11
C LEU E 77 -6.65 -12.67 -27.07
N THR E 78 -7.16 -13.03 -25.89
CA THR E 78 -7.92 -14.28 -25.80
C THR E 78 -9.16 -14.22 -26.71
N HIS E 79 -9.85 -13.09 -26.73
CA HIS E 79 -11.02 -13.00 -27.60
C HIS E 79 -10.66 -13.14 -29.10
N THR E 80 -9.61 -12.44 -29.53
CA THR E 80 -9.17 -12.49 -30.93
C THR E 80 -8.83 -13.91 -31.35
N LEU E 81 -8.21 -14.66 -30.44
CA LEU E 81 -7.88 -16.03 -30.77
C LEU E 81 -9.15 -16.82 -30.99
N GLU E 82 -10.17 -16.61 -30.17
CA GLU E 82 -11.43 -17.33 -30.38
C GLU E 82 -12.06 -16.92 -31.70
N VAL E 83 -11.97 -15.64 -32.05
CA VAL E 83 -12.56 -15.21 -33.32
C VAL E 83 -11.79 -15.81 -34.49
N ALA E 84 -10.48 -15.97 -34.32
CA ALA E 84 -9.69 -16.52 -35.40
C ALA E 84 -10.01 -17.99 -35.65
N GLN E 85 -10.17 -18.73 -34.57
CA GLN E 85 -10.46 -20.16 -34.66
C GLN E 85 -11.85 -20.44 -35.12
N VAL E 86 -12.81 -19.66 -34.64
CA VAL E 86 -14.18 -19.86 -35.05
C VAL E 86 -14.31 -19.50 -36.55
N SER E 87 -13.67 -18.42 -36.98
CA SER E 87 -13.73 -18.00 -38.40
C SER E 87 -12.96 -18.93 -39.32
N ARG E 88 -11.80 -19.41 -38.87
CA ARG E 88 -11.05 -20.33 -39.71
C ARG E 88 -11.84 -21.61 -39.90
N SER E 89 -12.55 -22.02 -38.85
CA SER E 89 -13.32 -23.24 -38.94
C SER E 89 -14.49 -23.09 -39.92
N ILE E 90 -15.25 -22.01 -39.79
CA ILE E 90 -16.36 -21.79 -40.70
C ILE E 90 -15.81 -21.61 -42.12
N ALA E 91 -14.74 -20.83 -42.26
CA ALA E 91 -14.15 -20.60 -43.55
C ALA E 91 -13.82 -21.93 -44.22
N ARG E 92 -13.09 -22.78 -43.51
CA ARG E 92 -12.72 -24.07 -44.08
C ARG E 92 -13.92 -24.87 -44.51
N ALA E 93 -14.98 -24.87 -43.72
CA ALA E 93 -16.15 -25.64 -44.08
C ALA E 93 -16.83 -25.07 -45.33
N LEU E 94 -16.46 -23.86 -45.72
CA LEU E 94 -17.05 -23.22 -46.89
C LEU E 94 -16.06 -23.12 -48.05
N GLY E 95 -14.86 -23.66 -47.87
CA GLY E 95 -13.88 -23.60 -48.92
C GLY E 95 -13.38 -22.18 -49.17
N LEU E 96 -13.28 -21.37 -48.11
CA LEU E 96 -12.80 -20.00 -48.25
C LEU E 96 -11.30 -19.85 -47.96
N ASN E 97 -10.72 -18.70 -48.31
CA ASN E 97 -9.30 -18.49 -48.06
C ASN E 97 -9.08 -18.32 -46.56
N GLU E 98 -8.58 -19.38 -45.92
CA GLU E 98 -8.36 -19.36 -44.49
C GLU E 98 -7.31 -18.35 -44.06
N ASP E 99 -6.22 -18.23 -44.82
CA ASP E 99 -5.21 -17.23 -44.46
C ASP E 99 -5.87 -15.83 -44.52
N LEU E 100 -6.72 -15.60 -45.51
CA LEU E 100 -7.40 -14.29 -45.61
C LEU E 100 -8.25 -14.07 -44.35
N THR E 101 -9.08 -15.06 -44.04
CA THR E 101 -9.97 -15.04 -42.88
C THR E 101 -9.18 -14.82 -41.59
N GLU E 102 -8.11 -15.58 -41.40
CA GLU E 102 -7.29 -15.47 -40.21
C GLU E 102 -6.64 -14.12 -40.06
N ALA E 103 -6.06 -13.61 -41.15
CA ALA E 103 -5.40 -12.32 -41.05
C ALA E 103 -6.41 -11.27 -40.57
N ILE E 104 -7.62 -11.29 -41.14
CA ILE E 104 -8.64 -10.32 -40.73
C ILE E 104 -9.03 -10.49 -39.26
N ALA E 105 -9.21 -11.73 -38.81
CA ALA E 105 -9.57 -11.99 -37.41
C ALA E 105 -8.47 -11.46 -36.49
N LEU E 106 -7.23 -11.65 -36.88
CA LEU E 106 -6.13 -11.18 -36.07
C LEU E 106 -5.97 -9.65 -36.00
N SER E 107 -6.48 -8.93 -37.00
CA SER E 107 -6.29 -7.50 -37.03
C SER E 107 -7.52 -6.59 -36.85
N HIS E 108 -8.72 -7.14 -36.88
CA HIS E 108 -9.89 -6.27 -36.79
C HIS E 108 -10.05 -5.50 -35.49
N ASP E 109 -9.58 -6.04 -34.37
CA ASP E 109 -9.72 -5.38 -33.09
C ASP E 109 -8.47 -4.67 -32.62
N LEU E 110 -7.50 -4.53 -33.50
CA LEU E 110 -6.27 -3.85 -33.13
C LEU E 110 -6.44 -2.39 -32.76
N GLY E 111 -7.55 -1.78 -33.18
CA GLY E 111 -7.78 -0.37 -32.89
C GLY E 111 -8.56 0.05 -31.65
N HIS E 112 -8.83 -0.89 -30.75
CA HIS E 112 -9.55 -0.55 -29.53
C HIS E 112 -8.65 0.15 -28.53
N PRO E 113 -9.15 1.18 -27.88
CA PRO E 113 -8.33 1.87 -26.88
C PRO E 113 -8.44 1.04 -25.59
N PRO E 114 -7.74 1.45 -24.52
CA PRO E 114 -7.88 0.64 -23.30
C PRO E 114 -9.31 0.71 -22.76
N PHE E 115 -9.66 -0.27 -21.93
CA PHE E 115 -10.99 -0.39 -21.27
C PHE E 115 -12.14 -0.95 -22.12
N GLY E 116 -13.34 -0.44 -21.90
CA GLY E 116 -14.51 -0.90 -22.63
C GLY E 116 -14.26 -1.50 -24.02
N THR E 118 -16.54 0.43 -24.20
CA THR E 118 -16.68 1.70 -23.50
C THR E 118 -15.55 2.65 -23.90
N GLY E 119 -14.44 2.09 -24.34
CA GLY E 119 -13.30 2.91 -24.72
C GLY E 119 -13.55 3.77 -25.95
N GLU E 120 -13.95 3.16 -27.06
CA GLU E 120 -14.16 3.94 -28.28
C GLU E 120 -15.26 4.99 -28.19
N HIS E 121 -16.32 4.70 -27.43
CA HIS E 121 -17.45 5.64 -27.28
C HIS E 121 -17.05 6.89 -26.50
N VAL E 122 -16.38 6.72 -25.37
CA VAL E 122 -15.91 7.87 -24.61
C VAL E 122 -14.95 8.65 -25.49
N LEU E 123 -13.98 7.95 -26.09
CA LEU E 123 -13.00 8.60 -26.95
C LEU E 123 -13.70 9.23 -28.16
N ASN E 124 -14.65 8.53 -28.77
CA ASN E 124 -15.33 9.10 -29.91
C ASN E 124 -16.08 10.34 -29.47
N ALA E 125 -16.59 10.31 -28.24
CA ALA E 125 -17.30 11.44 -27.68
C ALA E 125 -16.35 12.62 -27.61
N LEU E 126 -15.26 12.42 -26.88
CA LEU E 126 -14.26 13.48 -26.71
C LEU E 126 -13.80 14.03 -28.05
N ASP E 129 -16.61 18.76 -32.59
CA ASP E 129 -15.49 17.88 -32.30
C ASP E 129 -14.34 17.92 -33.33
N HIS E 130 -13.54 16.87 -33.35
CA HIS E 130 -12.37 16.82 -34.21
C HIS E 130 -12.16 15.59 -35.11
N GLY E 131 -13.24 15.01 -35.62
CA GLY E 131 -13.07 13.86 -36.49
C GLY E 131 -13.57 12.53 -35.94
N GLY E 132 -13.76 12.47 -34.64
CA GLY E 132 -14.26 11.25 -34.02
C GLY E 132 -13.24 10.15 -33.87
N PHE E 133 -13.68 9.03 -33.31
CA PHE E 133 -12.82 7.89 -33.11
C PHE E 133 -13.65 6.65 -33.29
N GLU E 134 -13.17 5.73 -34.10
CA GLU E 134 -13.88 4.50 -34.37
C GLU E 134 -12.82 3.39 -34.48
N HIS E 135 -13.02 2.28 -33.76
CA HIS E 135 -12.05 1.17 -33.73
C HIS E 135 -11.65 0.57 -35.07
N ASN E 136 -12.56 0.49 -36.03
CA ASN E 136 -12.18 -0.05 -37.32
C ASN E 136 -11.26 0.92 -38.07
N ALA E 137 -11.60 2.20 -38.10
CA ALA E 137 -10.75 3.19 -38.75
C ALA E 137 -9.38 3.21 -38.06
N GLN E 138 -9.37 3.08 -36.75
CA GLN E 138 -8.12 3.10 -36.00
C GLN E 138 -7.21 1.90 -36.35
N ALA E 139 -7.82 0.74 -36.58
CA ALA E 139 -7.08 -0.45 -36.93
C ALA E 139 -6.35 -0.15 -38.26
N LEU E 140 -7.09 0.40 -39.22
CA LEU E 140 -6.50 0.75 -40.51
C LEU E 140 -5.47 1.85 -40.29
N ARG E 141 -5.74 2.73 -39.36
CA ARG E 141 -4.81 3.83 -39.09
C ARG E 141 -3.51 3.28 -38.50
N ILE E 142 -3.62 2.24 -37.69
CA ILE E 142 -2.47 1.61 -37.08
C ILE E 142 -1.66 0.87 -38.15
N LEU E 143 -2.37 0.09 -38.95
CA LEU E 143 -1.76 -0.74 -39.98
C LEU E 143 -1.20 -0.03 -41.22
N THR E 144 -1.62 1.20 -41.46
CA THR E 144 -1.13 1.91 -42.64
C THR E 144 -0.32 3.15 -42.31
N HIS E 145 -0.31 3.56 -41.05
CA HIS E 145 0.41 4.77 -40.74
C HIS E 145 1.06 4.92 -39.36
N LEU E 146 0.42 4.42 -38.30
CA LEU E 146 0.96 4.58 -36.95
C LEU E 146 2.17 3.73 -36.54
N GLU E 147 2.19 2.47 -36.95
CA GLU E 147 3.35 1.65 -36.58
C GLU E 147 4.41 1.64 -37.64
N VAL E 148 5.61 2.06 -37.25
CA VAL E 148 6.72 2.09 -38.16
C VAL E 148 7.60 0.92 -37.79
N ARG E 149 7.57 -0.13 -38.59
CA ARG E 149 8.38 -1.31 -38.33
C ARG E 149 9.29 -1.60 -39.53
N TYR E 150 9.02 -0.93 -40.65
CA TYR E 150 9.85 -1.14 -41.84
C TYR E 150 10.46 0.16 -42.36
N PRO E 151 11.77 0.15 -42.60
CA PRO E 151 12.35 1.39 -43.12
C PRO E 151 11.83 1.50 -44.54
N GLY E 152 11.64 2.71 -45.04
CA GLY E 152 11.15 2.84 -46.40
C GLY E 152 9.68 3.25 -46.47
N PHE E 153 8.92 2.94 -45.42
CA PHE E 153 7.51 3.32 -45.38
C PHE E 153 6.93 3.25 -43.99
N ARG E 154 5.70 3.72 -43.88
CA ARG E 154 4.98 3.72 -42.63
C ARG E 154 3.95 2.60 -42.73
N GLY E 155 3.59 2.02 -41.60
CA GLY E 155 2.61 0.95 -41.66
C GLY E 155 3.20 -0.40 -42.03
N LEU E 156 2.31 -1.31 -42.38
CA LEU E 156 2.67 -2.67 -42.70
C LEU E 156 2.49 -3.02 -44.16
N ASN E 157 2.21 -2.03 -45.00
CA ASN E 157 2.01 -2.23 -46.42
C ASN E 157 1.31 -3.56 -46.73
N LEU E 158 0.23 -3.82 -46.00
CA LEU E 158 -0.56 -5.05 -46.14
C LEU E 158 -1.31 -5.14 -47.46
N THR E 159 -1.78 -6.34 -47.77
CA THR E 159 -2.54 -6.58 -48.99
C THR E 159 -3.89 -5.87 -48.95
N TYR E 160 -4.38 -5.53 -50.13
CA TYR E 160 -5.65 -4.84 -50.29
C TYR E 160 -6.81 -5.52 -49.56
N GLU E 161 -6.98 -6.81 -49.82
CA GLU E 161 -8.06 -7.59 -49.24
C GLU E 161 -8.07 -7.61 -47.70
N VAL E 162 -6.90 -7.61 -47.09
CA VAL E 162 -6.88 -7.61 -45.64
C VAL E 162 -7.42 -6.27 -45.13
N LEU E 163 -6.92 -5.16 -45.67
CA LEU E 163 -7.38 -3.85 -45.26
C LEU E 163 -8.88 -3.73 -45.55
N GLU E 164 -9.27 -4.14 -46.77
CA GLU E 164 -10.66 -4.11 -47.19
C GLU E 164 -11.51 -4.94 -46.22
N GLY E 165 -10.96 -6.08 -45.79
CA GLY E 165 -11.68 -6.91 -44.86
C GLY E 165 -11.99 -6.14 -43.59
N ILE E 166 -10.98 -5.46 -43.07
CA ILE E 166 -11.11 -4.66 -41.86
C ILE E 166 -12.08 -3.51 -42.07
N ALA E 167 -12.00 -2.87 -43.25
CA ALA E 167 -12.88 -1.75 -43.60
C ALA E 167 -14.31 -2.23 -43.78
N THR E 168 -14.47 -3.40 -44.37
CA THR E 168 -15.81 -3.93 -44.55
C THR E 168 -16.01 -4.87 -43.36
N HIS E 169 -16.60 -6.04 -43.54
CA HIS E 169 -16.84 -7.01 -42.46
C HIS E 169 -17.75 -6.45 -41.39
N GLU E 170 -17.53 -5.20 -40.98
CA GLU E 170 -18.42 -4.61 -39.99
C GLU E 170 -19.22 -3.58 -40.78
N ALA E 171 -20.38 -4.01 -41.27
CA ALA E 171 -21.29 -3.17 -42.06
C ALA E 171 -21.67 -1.91 -41.29
N ALA E 172 -20.67 -1.35 -40.61
CA ALA E 172 -20.80 -0.16 -39.78
C ALA E 172 -21.76 0.85 -40.37
N PRO E 179 -15.24 4.79 -49.92
CA PRO E 179 -14.80 4.98 -51.31
C PRO E 179 -13.76 3.96 -51.74
N LEU E 180 -12.60 4.03 -51.08
CA LEU E 180 -11.48 3.13 -51.36
C LEU E 180 -11.83 1.66 -51.14
N TYR E 181 -12.78 1.40 -50.24
CA TYR E 181 -13.19 0.04 -49.92
C TYR E 181 -14.70 -0.08 -50.06
N GLU E 182 -15.16 -0.62 -51.18
CA GLU E 182 -16.60 -0.73 -51.39
C GLU E 182 -17.08 -2.16 -51.48
N GLY E 183 -18.40 -2.29 -51.43
CA GLY E 183 -19.00 -3.60 -51.52
C GLY E 183 -19.17 -4.20 -50.15
N GLN E 184 -19.69 -5.42 -50.15
CA GLN E 184 -19.92 -6.18 -48.93
C GLN E 184 -18.64 -6.84 -48.44
N GLY E 185 -17.57 -6.69 -49.22
CA GLY E 185 -16.31 -7.33 -48.84
C GLY E 185 -16.36 -8.81 -49.18
N THR E 186 -15.27 -9.52 -48.91
CA THR E 186 -15.19 -10.95 -49.18
C THR E 186 -16.10 -11.75 -48.24
N LEU E 187 -16.43 -12.98 -48.61
CA LEU E 187 -17.24 -13.77 -47.71
C LEU E 187 -16.34 -13.98 -46.47
N GLU E 188 -15.03 -14.03 -46.72
CA GLU E 188 -14.07 -14.22 -45.64
C GLU E 188 -14.27 -13.12 -44.58
N ALA E 189 -14.20 -11.87 -45.00
CA ALA E 189 -14.41 -10.75 -44.08
C ALA E 189 -15.76 -10.90 -43.35
N GLN E 190 -16.78 -11.28 -44.10
CA GLN E 190 -18.08 -11.44 -43.50
C GLN E 190 -18.06 -12.53 -42.43
N VAL E 191 -17.41 -13.65 -42.72
CA VAL E 191 -17.31 -14.72 -41.76
C VAL E 191 -16.64 -14.23 -40.47
N VAL E 192 -15.62 -13.39 -40.59
CA VAL E 192 -14.97 -12.87 -39.39
C VAL E 192 -15.97 -12.14 -38.47
N ASP E 193 -16.74 -11.21 -39.02
CA ASP E 193 -17.71 -10.47 -38.24
C ASP E 193 -18.72 -11.38 -37.54
N LEU E 194 -19.28 -12.33 -38.30
CA LEU E 194 -20.25 -13.25 -37.74
C LEU E 194 -19.60 -14.07 -36.61
N SER E 195 -18.36 -14.50 -36.83
CA SER E 195 -17.61 -15.26 -35.84
C SER E 195 -17.33 -14.40 -34.61
N ASP E 196 -17.14 -13.11 -34.83
CA ASP E 196 -16.87 -12.20 -33.73
C ASP E 196 -18.10 -12.16 -32.81
N ALA E 197 -19.29 -12.12 -33.42
CA ALA E 197 -20.53 -12.09 -32.65
C ALA E 197 -20.71 -13.39 -31.88
N ILE E 198 -20.43 -14.52 -32.52
CA ILE E 198 -20.56 -15.82 -31.86
C ILE E 198 -19.61 -15.88 -30.68
N ALA E 199 -18.36 -15.55 -30.93
CA ALA E 199 -17.34 -15.57 -29.88
C ALA E 199 -17.79 -14.82 -28.64
N TYR E 200 -18.36 -13.63 -28.89
CA TYR E 200 -18.82 -12.74 -27.84
C TYR E 200 -19.83 -13.45 -26.96
N ALA E 201 -20.91 -13.87 -27.61
CA ALA E 201 -21.99 -14.55 -26.94
C ALA E 201 -21.48 -15.64 -26.01
N ALA E 202 -20.81 -16.62 -26.58
CA ALA E 202 -20.31 -17.74 -25.79
C ALA E 202 -19.35 -17.34 -24.67
N HIS E 203 -18.47 -16.38 -24.93
CA HIS E 203 -17.53 -15.99 -23.91
C HIS E 203 -18.02 -14.99 -22.88
N ASP E 204 -18.98 -14.14 -23.24
CA ASP E 204 -19.50 -13.20 -22.26
C ASP E 204 -20.23 -14.03 -21.21
N LEU E 205 -20.95 -15.02 -21.69
CA LEU E 205 -21.69 -15.95 -20.86
C LEU E 205 -20.70 -16.67 -19.93
N ASP E 206 -19.64 -17.26 -20.51
CA ASP E 206 -18.64 -17.96 -19.71
C ASP E 206 -17.99 -17.08 -18.66
N ASP E 207 -17.50 -15.90 -19.07
CA ASP E 207 -16.87 -15.04 -18.09
C ASP E 207 -17.88 -14.52 -17.06
N GLY E 208 -19.09 -14.19 -17.52
CA GLY E 208 -20.13 -13.70 -16.62
C GLY E 208 -20.40 -14.69 -15.50
N PHE E 209 -20.55 -15.97 -15.86
CA PHE E 209 -20.78 -17.00 -14.87
C PHE E 209 -19.59 -17.08 -13.92
N ARG E 210 -18.39 -17.15 -14.49
CA ARG E 210 -17.18 -17.23 -13.69
C ARG E 210 -16.98 -16.04 -12.78
N ALA E 211 -17.29 -14.85 -13.28
CA ALA E 211 -17.13 -13.65 -12.46
C ALA E 211 -18.18 -13.63 -11.35
N GLY E 212 -19.21 -14.45 -11.47
CA GLY E 212 -20.25 -14.49 -10.46
C GLY E 212 -21.39 -13.51 -10.69
N LEU E 213 -21.44 -12.90 -11.85
CA LEU E 213 -22.49 -11.93 -12.16
C LEU E 213 -23.68 -12.62 -12.76
N LEU E 214 -23.45 -13.79 -13.30
CA LEU E 214 -24.55 -14.52 -13.89
C LEU E 214 -24.87 -15.69 -12.98
N HIS E 215 -26.16 -15.94 -12.82
CA HIS E 215 -26.61 -17.04 -11.98
C HIS E 215 -27.38 -18.03 -12.81
N PRO E 216 -27.04 -19.33 -12.67
CA PRO E 216 -27.62 -20.48 -13.36
C PRO E 216 -29.13 -20.46 -13.49
N GLU E 217 -29.80 -19.87 -12.52
CA GLU E 217 -31.26 -19.83 -12.58
C GLU E 217 -31.77 -18.83 -13.64
N GLU E 218 -30.86 -18.02 -14.19
CA GLU E 218 -31.24 -17.06 -15.23
C GLU E 218 -31.07 -17.73 -16.60
N LEU E 219 -30.66 -19.00 -16.61
CA LEU E 219 -30.49 -19.74 -17.87
C LEU E 219 -31.84 -19.84 -18.54
N LYS E 220 -32.84 -20.16 -17.71
CA LYS E 220 -34.21 -20.27 -18.15
C LYS E 220 -34.58 -18.79 -18.24
N GLU E 221 -34.37 -18.20 -19.41
CA GLU E 221 -34.63 -16.80 -19.65
C GLU E 221 -34.25 -16.51 -21.10
N VAL E 222 -33.47 -17.44 -21.66
CA VAL E 222 -33.03 -17.39 -23.05
C VAL E 222 -33.25 -18.83 -23.50
N GLU E 223 -34.24 -19.03 -24.36
CA GLU E 223 -34.63 -20.37 -24.82
C GLU E 223 -33.49 -21.34 -25.16
N LEU E 224 -32.52 -20.89 -25.97
CA LEU E 224 -31.42 -21.77 -26.36
C LEU E 224 -30.62 -22.33 -25.17
N LEU E 225 -30.24 -21.48 -24.23
CA LEU E 225 -29.47 -21.94 -23.07
C LEU E 225 -30.22 -22.98 -22.24
N GLN E 226 -31.51 -22.75 -22.04
CA GLN E 226 -32.36 -23.66 -21.28
C GLN E 226 -32.51 -25.00 -22.00
N ALA E 227 -32.69 -24.94 -23.32
CA ALA E 227 -32.85 -26.15 -24.10
C ALA E 227 -31.60 -27.01 -23.94
N LEU E 228 -30.45 -26.38 -24.02
CA LEU E 228 -29.18 -27.08 -23.91
C LEU E 228 -28.93 -27.63 -22.52
N ALA E 229 -29.26 -26.86 -21.51
CA ALA E 229 -29.08 -27.25 -20.12
C ALA E 229 -29.92 -28.48 -19.75
N LEU E 230 -31.19 -28.46 -20.13
CA LEU E 230 -32.09 -29.58 -19.84
C LEU E 230 -31.68 -30.79 -20.68
N GLU E 231 -31.43 -30.53 -21.95
CA GLU E 231 -31.05 -31.53 -22.94
C GLU E 231 -29.85 -32.36 -22.49
N GLU E 232 -28.87 -31.69 -21.89
CA GLU E 232 -27.66 -32.34 -21.42
C GLU E 232 -27.75 -32.67 -19.93
N GLY E 233 -28.96 -32.56 -19.38
CA GLY E 233 -29.15 -32.85 -17.98
C GLY E 233 -28.18 -32.07 -17.11
N LEU E 234 -28.01 -30.80 -17.41
CA LEU E 234 -27.11 -29.96 -16.63
C LEU E 234 -27.77 -29.46 -15.34
N ASP E 235 -26.97 -29.40 -14.30
CA ASP E 235 -27.36 -28.90 -12.97
C ASP E 235 -27.53 -27.38 -13.08
N LEU E 236 -28.68 -26.94 -13.58
CA LEU E 236 -28.94 -25.52 -13.73
C LEU E 236 -29.51 -24.90 -12.47
N PRO E 240 -22.47 -26.42 -12.45
CA PRO E 240 -21.07 -26.41 -12.03
C PRO E 240 -20.11 -26.44 -13.22
N GLU E 241 -18.86 -26.03 -12.97
CA GLU E 241 -17.80 -25.98 -13.98
C GLU E 241 -17.92 -26.92 -15.20
N LEU E 242 -17.82 -28.23 -14.99
CA LEU E 242 -17.92 -29.18 -16.10
C LEU E 242 -19.17 -28.91 -16.91
N ASP E 243 -20.28 -28.70 -16.21
CA ASP E 243 -21.54 -28.42 -16.87
C ASP E 243 -21.44 -27.12 -17.67
N ARG E 244 -20.91 -26.09 -17.03
CA ARG E 244 -20.72 -24.79 -17.67
C ARG E 244 -19.88 -24.97 -18.94
N ARG E 245 -18.79 -25.74 -18.82
CA ARG E 245 -17.94 -25.97 -19.97
C ARG E 245 -18.70 -26.73 -21.04
N VAL E 246 -19.56 -27.66 -20.62
CA VAL E 246 -20.34 -28.44 -21.59
C VAL E 246 -21.33 -27.51 -22.28
N LEU E 247 -21.85 -26.56 -21.53
CA LEU E 247 -22.82 -25.60 -22.07
C LEU E 247 -22.18 -24.67 -23.12
N VAL E 248 -21.02 -24.08 -22.78
CA VAL E 248 -20.33 -23.17 -23.69
C VAL E 248 -19.99 -23.83 -25.01
N ARG E 249 -19.37 -25.00 -24.92
CA ARG E 249 -18.96 -25.79 -26.09
C ARG E 249 -20.16 -26.13 -27.01
N GLN E 250 -21.24 -26.61 -26.43
CA GLN E 250 -22.43 -26.96 -27.21
C GLN E 250 -22.95 -25.72 -27.92
N LEU E 251 -22.96 -24.62 -27.17
CA LEU E 251 -23.43 -23.35 -27.68
C LEU E 251 -22.59 -22.93 -28.88
N LEU E 252 -21.27 -23.01 -28.73
CA LEU E 252 -20.38 -22.66 -29.83
C LEU E 252 -20.69 -23.57 -31.01
N GLY E 253 -20.86 -24.86 -30.74
CA GLY E 253 -21.15 -25.81 -31.79
C GLY E 253 -22.44 -25.54 -32.52
N TYR E 254 -23.44 -25.06 -31.80
CA TYR E 254 -24.73 -24.76 -32.38
C TYR E 254 -24.66 -23.61 -33.38
N PHE E 255 -23.87 -22.60 -33.06
CA PHE E 255 -23.75 -21.43 -33.94
C PHE E 255 -22.77 -21.62 -35.09
N ILE E 256 -21.72 -22.40 -34.88
CA ILE E 256 -20.74 -22.63 -35.95
C ILE E 256 -21.45 -23.45 -37.02
N THR E 257 -22.23 -24.42 -36.56
CA THR E 257 -22.96 -25.26 -37.51
C THR E 257 -24.02 -24.45 -38.24
N ALA E 258 -24.77 -23.64 -37.52
CA ALA E 258 -25.81 -22.82 -38.13
C ALA E 258 -25.14 -21.91 -39.15
N ALA E 259 -24.06 -21.26 -38.76
CA ALA E 259 -23.35 -20.36 -39.66
C ALA E 259 -22.98 -21.06 -40.96
N ILE E 260 -22.29 -22.20 -40.84
CA ILE E 260 -21.88 -22.94 -42.03
C ILE E 260 -23.04 -23.31 -42.96
N GLU E 261 -24.13 -23.79 -42.37
CA GLU E 261 -25.29 -24.21 -43.14
C GLU E 261 -26.04 -23.07 -43.84
N ALA E 262 -26.35 -22.04 -43.07
CA ALA E 262 -27.07 -20.89 -43.60
C ALA E 262 -26.25 -20.12 -44.64
N THR E 263 -24.97 -19.92 -44.36
CA THR E 263 -24.13 -19.18 -45.29
C THR E 263 -23.97 -19.93 -46.60
N HIS E 264 -23.91 -21.26 -46.50
CA HIS E 264 -23.77 -22.12 -47.66
C HIS E 264 -25.00 -21.98 -48.55
N ARG E 265 -26.16 -22.07 -47.92
CA ARG E 265 -27.44 -21.96 -48.60
C ARG E 265 -27.58 -20.63 -49.34
N ARG E 266 -27.30 -19.53 -48.63
CA ARG E 266 -27.40 -18.21 -49.23
C ARG E 266 -26.36 -17.97 -50.31
N VAL E 267 -25.30 -18.75 -50.33
CA VAL E 267 -24.28 -18.60 -51.36
C VAL E 267 -24.73 -19.36 -52.60
N GLU E 268 -25.37 -20.50 -52.40
CA GLU E 268 -25.85 -21.24 -53.56
C GLU E 268 -27.04 -20.50 -54.13
N GLU E 269 -27.91 -19.99 -53.26
CA GLU E 269 -29.10 -19.25 -53.67
C GLU E 269 -28.75 -17.98 -54.43
N ALA E 270 -27.61 -17.38 -54.10
CA ALA E 270 -27.16 -16.17 -54.76
C ALA E 270 -26.42 -16.50 -56.05
N GLY E 271 -25.92 -17.72 -56.15
CA GLY E 271 -25.20 -18.12 -57.35
C GLY E 271 -23.88 -17.42 -57.54
N VAL E 272 -23.47 -16.64 -56.54
CA VAL E 272 -22.19 -15.93 -56.65
C VAL E 272 -21.13 -17.00 -56.87
N GLN E 273 -20.26 -16.75 -57.84
CA GLN E 273 -19.22 -17.70 -58.19
C GLN E 273 -17.87 -17.04 -58.28
N SER E 274 -17.74 -15.85 -57.71
CA SER E 274 -16.48 -15.11 -57.71
C SER E 274 -16.34 -14.31 -56.42
N ALA E 275 -15.11 -14.08 -55.99
CA ALA E 275 -14.87 -13.28 -54.79
C ALA E 275 -15.42 -11.88 -55.07
N GLU E 276 -15.34 -11.48 -56.34
CA GLU E 276 -15.84 -10.16 -56.74
C GLU E 276 -17.36 -10.18 -56.67
N ALA E 277 -17.95 -11.27 -57.15
CA ALA E 277 -19.40 -11.38 -57.14
C ALA E 277 -19.92 -11.14 -55.73
N VAL E 278 -19.27 -11.75 -54.74
CA VAL E 278 -19.69 -11.57 -53.34
C VAL E 278 -19.57 -10.09 -52.95
N ARG E 279 -18.45 -9.47 -53.33
CA ARG E 279 -18.22 -8.05 -53.03
C ARG E 279 -19.36 -7.17 -53.53
N ARG E 280 -19.75 -7.35 -54.79
CA ARG E 280 -20.81 -6.53 -55.37
C ARG E 280 -22.22 -7.09 -55.25
N HIS E 281 -22.41 -8.10 -54.43
CA HIS E 281 -23.73 -8.69 -54.25
C HIS E 281 -24.65 -7.77 -53.44
N PRO E 282 -25.93 -7.65 -53.83
CA PRO E 282 -26.89 -6.80 -53.13
C PRO E 282 -26.84 -6.90 -51.60
N SER E 283 -26.74 -8.11 -51.07
CA SER E 283 -26.69 -8.27 -49.62
C SER E 283 -25.52 -9.13 -49.18
N ARG E 284 -25.25 -9.11 -47.87
CA ARG E 284 -24.18 -9.92 -47.32
C ARG E 284 -24.67 -11.37 -47.31
N LEU E 285 -23.75 -12.31 -47.54
CA LEU E 285 -24.09 -13.73 -47.59
C LEU E 285 -23.82 -14.51 -46.30
N ALA E 286 -22.86 -14.08 -45.50
CA ALA E 286 -22.56 -14.78 -44.25
C ALA E 286 -23.76 -14.65 -43.35
N ALA E 287 -24.24 -15.76 -42.78
CA ALA E 287 -25.41 -15.70 -41.90
C ALA E 287 -25.62 -16.94 -41.06
N LEU E 288 -26.55 -16.86 -40.10
CA LEU E 288 -26.85 -17.97 -39.19
C LEU E 288 -28.22 -18.62 -39.35
N GLY E 289 -28.98 -18.19 -40.35
CA GLY E 289 -30.29 -18.79 -40.52
C GLY E 289 -31.22 -18.18 -39.48
N GLU E 290 -32.50 -18.16 -39.82
CA GLU E 290 -33.54 -17.60 -38.94
C GLU E 290 -33.53 -18.11 -37.49
N GLU E 291 -33.56 -19.42 -37.30
CA GLU E 291 -33.56 -20.03 -35.97
C GLU E 291 -32.40 -19.55 -35.07
N ALA E 292 -31.17 -19.81 -35.50
CA ALA E 292 -29.98 -19.41 -34.73
C ALA E 292 -29.92 -17.90 -34.57
N GLU E 293 -30.25 -17.21 -35.65
CA GLU E 293 -30.27 -15.75 -35.66
C GLU E 293 -31.11 -15.26 -34.50
N LYS E 294 -32.32 -15.80 -34.40
CA LYS E 294 -33.26 -15.42 -33.33
C LYS E 294 -32.65 -15.71 -31.97
N ALA E 295 -31.97 -16.86 -31.88
CA ALA E 295 -31.31 -17.30 -30.65
C ALA E 295 -30.18 -16.37 -30.22
N LEU E 296 -29.27 -16.08 -31.14
CA LEU E 296 -28.16 -15.21 -30.82
C LEU E 296 -28.70 -13.88 -30.29
N LYS E 297 -29.66 -13.30 -31.02
CA LYS E 297 -30.26 -12.03 -30.64
C LYS E 297 -30.78 -12.00 -29.20
N ALA E 298 -31.52 -13.05 -28.83
CA ALA E 298 -32.06 -13.18 -27.47
C ALA E 298 -30.93 -13.27 -26.47
N LEU E 299 -29.92 -14.08 -26.80
CA LEU E 299 -28.75 -14.27 -25.94
C LEU E 299 -28.08 -12.90 -25.76
N LYS E 300 -27.94 -12.19 -26.87
CA LYS E 300 -27.33 -10.88 -26.87
C LYS E 300 -28.08 -9.95 -25.91
N ALA E 301 -29.41 -9.97 -26.00
CA ALA E 301 -30.25 -9.13 -25.14
C ALA E 301 -30.03 -9.53 -23.69
N PHE E 302 -30.09 -10.83 -23.43
CA PHE E 302 -29.87 -11.33 -22.07
C PHE E 302 -28.55 -10.82 -21.50
N LEU E 303 -27.47 -10.92 -22.27
CA LEU E 303 -26.16 -10.49 -21.80
C LEU E 303 -26.11 -8.99 -21.56
N GLU E 305 -28.59 -7.02 -20.70
CA GLU E 305 -29.28 -6.68 -19.46
C GLU E 305 -28.60 -7.23 -18.22
N ARG E 306 -28.33 -8.53 -18.23
CA ARG E 306 -27.75 -9.20 -17.09
C ARG E 306 -26.26 -9.01 -16.85
N PHE E 307 -25.43 -9.08 -17.88
CA PHE E 307 -23.98 -8.92 -17.69
C PHE E 307 -23.58 -7.47 -17.68
N TYR E 308 -23.73 -6.82 -18.82
CA TYR E 308 -23.42 -5.40 -18.91
C TYR E 308 -24.60 -4.84 -18.13
N ARG E 309 -24.61 -3.55 -17.83
CA ARG E 309 -25.75 -3.01 -17.06
C ARG E 309 -25.79 -3.60 -15.64
N HIS E 310 -24.95 -4.57 -15.34
CA HIS E 310 -24.93 -5.11 -13.98
C HIS E 310 -24.36 -4.00 -13.10
N PRO E 311 -24.77 -3.96 -11.82
CA PRO E 311 -24.20 -2.89 -10.98
C PRO E 311 -22.67 -2.87 -10.95
N GLU E 312 -22.04 -4.03 -10.75
CA GLU E 312 -20.58 -4.12 -10.70
C GLU E 312 -19.97 -3.62 -12.02
N VAL E 313 -20.59 -4.05 -13.11
CA VAL E 313 -20.17 -3.69 -14.45
C VAL E 313 -20.27 -2.19 -14.75
N LEU E 314 -21.41 -1.60 -14.47
CA LEU E 314 -21.56 -0.17 -14.73
C LEU E 314 -20.64 0.66 -13.88
N ARG E 315 -20.31 0.16 -12.69
CA ARG E 315 -19.42 0.91 -11.81
C ARG E 315 -18.07 1.02 -12.49
N GLU E 316 -17.58 -0.09 -13.03
CA GLU E 316 -16.30 -0.05 -13.70
C GLU E 316 -16.34 0.91 -14.89
N ARG E 317 -17.36 0.79 -15.74
CA ARG E 317 -17.47 1.70 -16.90
C ARG E 317 -17.26 3.15 -16.43
N ARG E 318 -17.93 3.51 -15.35
CA ARG E 318 -17.82 4.86 -14.79
C ARG E 318 -16.34 5.23 -14.61
N LYS E 319 -15.58 4.33 -13.97
CA LYS E 319 -14.17 4.57 -13.71
C LYS E 319 -13.32 4.71 -14.98
N ALA E 320 -13.68 3.99 -16.03
CA ALA E 320 -12.92 4.08 -17.26
C ALA E 320 -13.18 5.43 -17.92
N GLU E 321 -14.43 5.85 -17.92
CA GLU E 321 -14.83 7.12 -18.52
C GLU E 321 -13.99 8.23 -17.92
N ALA E 322 -13.81 8.17 -16.59
CA ALA E 322 -13.07 9.17 -15.86
C ALA E 322 -11.58 9.18 -16.19
N VAL E 323 -10.98 7.99 -16.33
CA VAL E 323 -9.56 7.91 -16.65
C VAL E 323 -9.28 8.46 -18.05
N LEU E 324 -10.07 8.01 -19.02
CA LEU E 324 -9.90 8.45 -20.38
C LEU E 324 -10.15 9.94 -20.53
N GLU E 325 -11.22 10.44 -19.89
CA GLU E 325 -11.52 11.87 -19.98
C GLU E 325 -10.46 12.67 -19.26
N GLY E 326 -10.00 12.19 -18.12
CA GLY E 326 -8.98 12.93 -17.40
C GLY E 326 -7.73 13.07 -18.25
N LEU E 327 -7.37 11.99 -18.93
CA LEU E 327 -6.17 11.98 -19.76
C LEU E 327 -6.32 12.93 -20.93
N PHE E 328 -7.40 12.74 -21.69
CA PHE E 328 -7.66 13.57 -22.86
C PHE E 328 -7.65 15.04 -22.48
N ALA E 329 -8.29 15.33 -21.37
CA ALA E 329 -8.37 16.69 -20.85
C ALA E 329 -7.00 17.29 -20.52
N ALA E 330 -6.15 16.53 -19.83
CA ALA E 330 -4.83 17.03 -19.45
C ALA E 330 -3.87 17.31 -20.64
N TYR E 331 -3.78 16.36 -21.56
CA TYR E 331 -2.87 16.49 -22.69
C TYR E 331 -3.37 17.49 -23.74
N THR E 332 -4.69 17.66 -23.80
CA THR E 332 -5.28 18.61 -24.72
C THR E 332 -5.06 20.04 -24.21
N ARG E 333 -5.27 20.25 -22.91
CA ARG E 333 -5.08 21.56 -22.31
C ARG E 333 -3.62 21.86 -22.04
N TYR E 334 -2.84 20.82 -21.75
CA TYR E 334 -1.42 21.00 -21.48
C TYR E 334 -0.60 20.06 -22.36
N PRO E 335 -0.47 20.42 -23.65
CA PRO E 335 0.27 19.64 -24.66
C PRO E 335 1.65 19.28 -24.15
N GLU E 336 2.22 20.19 -23.37
CA GLU E 336 3.56 20.06 -22.80
C GLU E 336 3.76 18.86 -21.89
N LEU E 337 2.67 18.24 -21.49
CA LEU E 337 2.73 17.08 -20.61
C LEU E 337 2.99 15.79 -21.38
N LEU E 338 2.78 15.84 -22.69
CA LEU E 338 2.98 14.65 -23.54
C LEU E 338 4.45 14.29 -23.73
N PRO E 339 4.72 12.98 -23.90
CA PRO E 339 6.10 12.50 -24.11
C PRO E 339 6.61 13.31 -25.31
N ARG E 340 7.90 13.56 -25.38
CA ARG E 340 8.42 14.37 -26.50
C ARG E 340 8.10 13.80 -27.88
N GLU E 341 8.11 12.48 -28.01
CA GLU E 341 7.82 11.86 -29.29
C GLU E 341 6.39 12.10 -29.77
N VAL E 342 5.47 12.40 -28.84
CA VAL E 342 4.10 12.65 -29.24
C VAL E 342 3.93 14.12 -29.59
N GLN E 343 4.56 15.01 -28.84
CA GLN E 343 4.42 16.42 -29.17
C GLN E 343 4.93 16.65 -30.60
N ALA E 344 5.97 15.90 -30.97
CA ALA E 344 6.55 16.04 -32.31
C ALA E 344 5.56 15.66 -33.43
N LYS E 345 4.53 14.90 -33.07
CA LYS E 345 3.52 14.47 -34.05
C LYS E 345 2.35 15.43 -34.16
N ILE E 346 2.24 16.37 -33.23
CA ILE E 346 1.13 17.33 -33.24
C ILE E 346 1.08 18.15 -34.53
N PRO E 347 2.24 18.65 -35.01
CA PRO E 347 2.29 19.44 -36.24
C PRO E 347 1.62 18.75 -37.41
N GLU E 348 1.92 17.47 -37.58
CA GLU E 348 1.37 16.70 -38.69
C GLU E 348 -0.07 16.24 -38.46
N GLU E 349 -0.29 15.60 -37.33
CA GLU E 349 -1.61 15.05 -37.00
C GLU E 349 -2.60 16.05 -36.39
N GLY E 350 -2.09 17.14 -35.84
CA GLY E 350 -2.96 18.09 -35.17
C GLY E 350 -2.95 17.64 -33.70
N LEU E 351 -3.26 18.56 -32.79
CA LEU E 351 -3.25 18.26 -31.36
C LEU E 351 -4.20 17.18 -30.88
N GLU E 352 -5.48 17.26 -31.27
CA GLU E 352 -6.43 16.25 -30.81
C GLU E 352 -6.16 14.84 -31.33
N ARG E 353 -5.83 14.72 -32.62
CA ARG E 353 -5.56 13.41 -33.19
C ARG E 353 -4.32 12.81 -32.54
N ALA E 354 -3.30 13.63 -32.36
CA ALA E 354 -2.07 13.17 -31.74
C ALA E 354 -2.38 12.59 -30.36
N VAL E 355 -3.14 13.32 -29.56
CA VAL E 355 -3.48 12.88 -28.21
C VAL E 355 -4.31 11.62 -28.23
N CYS E 356 -5.31 11.60 -29.12
CA CYS E 356 -6.18 10.44 -29.27
C CYS E 356 -5.41 9.17 -29.67
N ASP E 357 -4.48 9.24 -30.63
CA ASP E 357 -3.69 8.07 -31.05
C ASP E 357 -2.91 7.53 -29.85
N TYR E 358 -2.33 8.45 -29.08
CA TYR E 358 -1.53 8.15 -27.90
C TYR E 358 -2.35 7.39 -26.83
N ILE E 359 -3.53 7.93 -26.50
CA ILE E 359 -4.42 7.31 -25.52
C ILE E 359 -4.89 5.93 -26.00
N ALA E 360 -5.46 5.88 -27.20
CA ALA E 360 -5.97 4.64 -27.79
C ALA E 360 -4.90 3.55 -27.93
N GLY E 361 -3.63 3.94 -27.98
CA GLY E 361 -2.57 2.95 -28.08
C GLY E 361 -2.05 2.49 -26.72
N THR E 363 -2.06 0.46 -22.95
CA THR E 363 -2.59 -0.79 -22.43
C THR E 363 -3.50 -0.34 -21.25
N ASP E 364 -4.24 -1.24 -20.64
CA ASP E 364 -5.12 -0.87 -19.50
C ASP E 364 -4.35 -0.32 -18.29
N ARG E 365 -3.32 -1.04 -17.89
CA ARG E 365 -2.54 -0.61 -16.74
C ARG E 365 -1.81 0.70 -17.01
N PHE E 366 -1.27 0.86 -18.22
CA PHE E 366 -0.56 2.08 -18.53
C PHE E 366 -1.48 3.29 -18.45
N ALA E 367 -2.66 3.20 -19.04
CA ALA E 367 -3.60 4.33 -18.99
C ALA E 367 -3.94 4.65 -17.53
N LEU E 368 -4.18 3.60 -16.73
CA LEU E 368 -4.49 3.82 -15.31
C LEU E 368 -3.32 4.50 -14.62
N GLU E 369 -2.11 3.98 -14.79
CA GLU E 369 -0.91 4.60 -14.19
C GLU E 369 -0.71 6.03 -14.67
N ALA E 370 -0.87 6.26 -15.96
CA ALA E 370 -0.67 7.61 -16.49
C ALA E 370 -1.70 8.56 -15.87
N TYR E 371 -2.95 8.11 -15.78
CA TYR E 371 -4.00 8.95 -15.21
C TYR E 371 -3.67 9.30 -13.75
N ARG E 372 -3.21 8.30 -13.01
CA ARG E 372 -2.89 8.51 -11.62
C ARG E 372 -1.71 9.45 -11.43
N ARG E 373 -0.70 9.35 -12.29
CA ARG E 373 0.48 10.20 -12.18
C ARG E 373 0.19 11.67 -12.46
N LEU E 374 -1.02 12.00 -12.90
CA LEU E 374 -1.36 13.39 -13.19
C LEU E 374 -1.86 14.17 -11.98
N SER E 375 -2.21 13.44 -10.92
CA SER E 375 -2.69 14.03 -9.67
C SER E 375 -1.72 13.72 -8.54
N PRO E 376 -1.72 14.54 -7.48
CA PRO E 376 -0.84 14.39 -6.30
C PRO E 376 -1.12 13.09 -5.53
N ARG F 2 -39.66 -22.97 37.55
CA ARG F 2 -39.75 -22.36 36.24
C ARG F 2 -40.69 -21.19 36.21
N PHE F 3 -40.12 -19.98 36.14
CA PHE F 3 -40.92 -18.77 36.08
C PHE F 3 -41.52 -18.49 34.71
N SER F 4 -42.80 -18.72 34.57
CA SER F 4 -43.50 -18.48 33.31
C SER F 4 -43.60 -16.98 33.06
N ARG F 5 -44.02 -16.60 31.86
CA ARG F 5 -44.22 -15.20 31.53
C ARG F 5 -45.26 -14.66 32.53
N GLU F 6 -46.43 -15.31 32.56
CA GLU F 6 -47.49 -14.91 33.49
C GLU F 6 -46.87 -14.63 34.83
N ALA F 7 -46.04 -15.56 35.27
CA ALA F 7 -45.35 -15.44 36.54
C ALA F 7 -44.52 -14.15 36.61
N LEU F 8 -43.68 -13.92 35.60
CA LEU F 8 -42.83 -12.72 35.60
C LEU F 8 -43.70 -11.46 35.60
N LEU F 9 -44.75 -11.45 34.78
CA LEU F 9 -45.66 -10.31 34.71
C LEU F 9 -46.23 -9.97 36.09
N GLU F 10 -46.64 -11.01 36.82
CA GLU F 10 -47.20 -10.82 38.14
C GLU F 10 -46.14 -10.25 39.06
N LEU F 11 -44.94 -10.80 39.02
CA LEU F 11 -43.87 -10.31 39.88
C LEU F 11 -43.59 -8.84 39.64
N GLU F 12 -43.40 -8.50 38.37
CA GLU F 12 -43.11 -7.14 37.96
C GLU F 12 -44.17 -6.21 38.54
N ALA F 13 -45.43 -6.55 38.29
CA ALA F 13 -46.57 -5.73 38.73
C ALA F 13 -46.57 -5.36 40.22
N SER F 14 -45.95 -6.19 41.05
CA SER F 14 -45.92 -5.90 42.48
C SER F 14 -44.60 -5.33 42.94
N ARG F 15 -43.55 -5.44 42.13
CA ARG F 15 -42.25 -4.91 42.56
C ARG F 15 -41.92 -3.50 42.06
N LEU F 16 -42.33 -3.15 40.85
CA LEU F 16 -42.01 -1.83 40.32
C LEU F 16 -42.82 -0.67 40.91
N ALA F 17 -42.26 0.53 40.87
CA ALA F 17 -42.94 1.72 41.35
C ALA F 17 -44.25 1.85 40.60
N PRO F 18 -45.26 2.46 41.23
CA PRO F 18 -46.55 2.61 40.57
C PRO F 18 -46.44 3.32 39.24
N TYR F 19 -45.61 4.37 39.20
CA TYR F 19 -45.43 5.15 37.98
C TYR F 19 -44.55 4.51 36.92
N ALA F 20 -44.16 3.25 37.15
CA ALA F 20 -43.32 2.53 36.21
C ALA F 20 -44.23 1.86 35.21
N GLN F 21 -43.70 1.58 34.02
CA GLN F 21 -44.48 0.92 32.98
C GLN F 21 -44.48 -0.59 33.26
N LYS F 22 -45.66 -1.19 33.28
CA LYS F 22 -45.78 -2.62 33.54
C LYS F 22 -46.04 -3.27 32.19
N ALA F 23 -45.37 -4.39 31.91
CA ALA F 23 -45.52 -5.09 30.65
C ALA F 23 -46.91 -5.68 30.50
N ARG F 24 -47.58 -5.84 31.64
CA ARG F 24 -48.94 -6.37 31.70
C ARG F 24 -49.87 -5.38 30.97
N ASP F 25 -49.58 -4.09 31.10
CA ASP F 25 -50.41 -3.05 30.48
C ASP F 25 -49.96 -2.59 29.10
N THR F 26 -49.14 -3.39 28.41
CA THR F 26 -48.69 -2.99 27.09
C THR F 26 -49.88 -2.77 26.17
N ARG F 27 -49.73 -1.92 25.17
CA ARG F 27 -50.80 -1.67 24.23
C ARG F 27 -50.77 -2.66 23.07
N GLY F 28 -49.87 -3.64 23.12
CA GLY F 28 -49.84 -4.63 22.04
C GLY F 28 -48.69 -4.55 21.05
N ARG F 29 -48.76 -5.38 20.01
CA ARG F 29 -47.71 -5.48 19.00
C ARG F 29 -48.06 -5.18 17.54
N ALA F 30 -49.14 -4.48 17.26
CA ALA F 30 -49.47 -4.21 15.87
C ALA F 30 -49.86 -5.50 15.14
N HIS F 31 -48.89 -6.40 14.95
CA HIS F 31 -49.16 -7.67 14.28
C HIS F 31 -49.42 -8.77 15.32
N PRO F 32 -50.43 -9.63 15.05
CA PRO F 32 -50.79 -10.72 15.96
C PRO F 32 -49.67 -11.77 15.95
N GLU F 33 -49.31 -12.26 17.12
CA GLU F 33 -48.22 -13.22 17.22
C GLU F 33 -48.33 -14.09 18.48
N PRO F 34 -47.94 -15.38 18.39
CA PRO F 34 -48.01 -16.29 19.54
C PRO F 34 -46.88 -16.06 20.55
N SER F 36 -43.11 -15.75 24.67
CA SER F 36 -44.51 -15.98 24.98
C SER F 36 -44.69 -16.92 26.18
N LEU F 37 -43.92 -17.99 26.19
CA LEU F 37 -43.98 -18.96 27.29
C LEU F 37 -43.19 -18.48 28.52
N TYR F 38 -41.91 -18.18 28.32
CA TYR F 38 -41.03 -17.73 29.41
C TYR F 38 -40.67 -16.24 29.45
N ARG F 39 -40.65 -15.59 28.29
CA ARG F 39 -40.26 -14.19 28.20
C ARG F 39 -41.37 -13.15 28.38
N THR F 40 -41.02 -12.00 28.94
CA THR F 40 -41.99 -10.93 29.09
C THR F 40 -41.94 -10.20 27.72
N PRO F 41 -42.92 -9.31 27.46
CA PRO F 41 -42.91 -8.59 26.19
C PRO F 41 -41.65 -7.79 25.86
N TYR F 42 -41.09 -7.11 26.86
CA TYR F 42 -39.91 -6.30 26.65
C TYR F 42 -38.64 -7.18 26.60
N GLN F 43 -38.71 -8.35 27.21
CA GLN F 43 -37.58 -9.27 27.17
C GLN F 43 -37.44 -9.66 25.70
N LYS F 44 -38.55 -10.08 25.12
CA LYS F 44 -38.58 -10.52 23.73
C LYS F 44 -38.14 -9.37 22.81
N ASP F 45 -38.48 -8.14 23.18
CA ASP F 45 -38.12 -6.96 22.41
C ASP F 45 -36.61 -6.78 22.48
N ARG F 46 -36.05 -6.83 23.68
CA ARG F 46 -34.61 -6.70 23.84
C ARG F 46 -33.93 -7.75 22.95
N ASP F 47 -34.34 -9.00 23.10
CA ASP F 47 -33.79 -10.11 22.33
C ASP F 47 -33.81 -9.84 20.82
N ARG F 48 -34.98 -9.52 20.30
CA ARG F 48 -35.16 -9.23 18.89
C ARG F 48 -34.22 -8.12 18.39
N ILE F 49 -34.10 -7.07 19.18
CA ILE F 49 -33.25 -5.93 18.84
C ILE F 49 -31.76 -6.27 18.67
N LEU F 50 -31.22 -7.04 19.62
CA LEU F 50 -29.81 -7.41 19.58
C LEU F 50 -29.44 -8.21 18.35
N HIS F 51 -30.43 -8.86 17.76
CA HIS F 51 -30.21 -9.67 16.58
C HIS F 51 -30.43 -8.94 15.24
N THR F 52 -30.73 -7.65 15.28
CA THR F 52 -30.95 -6.94 14.04
C THR F 52 -29.61 -6.58 13.37
N THR F 53 -29.63 -6.53 12.05
CA THR F 53 -28.43 -6.16 11.32
C THR F 53 -27.99 -4.77 11.77
N ALA F 54 -28.96 -3.91 12.10
CA ALA F 54 -28.63 -2.57 12.54
C ALA F 54 -27.89 -2.55 13.86
N PHE F 55 -28.28 -3.42 14.79
CA PHE F 55 -27.61 -3.43 16.08
C PHE F 55 -26.18 -3.89 15.83
N ARG F 56 -26.08 -4.94 15.04
CA ARG F 56 -24.81 -5.56 14.66
C ARG F 56 -23.86 -4.49 14.04
N ARG F 57 -24.41 -3.61 13.21
CA ARG F 57 -23.60 -2.58 12.55
C ARG F 57 -23.14 -1.47 13.45
N LEU F 58 -23.69 -1.41 14.66
CA LEU F 58 -23.29 -0.41 15.63
C LEU F 58 -21.82 -0.69 15.96
N GLU F 59 -21.42 -1.93 15.78
CA GLU F 59 -20.05 -2.35 16.06
C GLU F 59 -19.05 -1.84 15.01
N TYR F 60 -19.55 -1.43 13.85
CA TYR F 60 -18.66 -0.95 12.80
C TYR F 60 -19.01 0.46 12.37
N LYS F 61 -19.64 1.20 13.29
CA LYS F 61 -20.01 2.58 13.08
C LYS F 61 -19.54 3.34 14.30
N THR F 62 -18.57 4.24 14.13
CA THR F 62 -18.06 4.98 15.26
C THR F 62 -18.96 6.11 15.78
N GLN F 63 -18.68 6.50 17.01
CA GLN F 63 -19.37 7.57 17.72
C GLN F 63 -18.41 8.75 17.57
N VAL F 64 -18.93 9.88 17.08
CA VAL F 64 -18.12 11.07 16.86
C VAL F 64 -17.41 11.01 15.51
N LEU F 65 -16.17 10.53 15.49
CA LEU F 65 -15.41 10.44 14.24
C LEU F 65 -15.58 9.16 13.46
N PRO F 66 -15.56 9.26 12.13
CA PRO F 66 -15.70 8.12 11.21
C PRO F 66 -14.72 6.99 11.51
N ASP F 71 -6.77 3.97 16.75
CA ASP F 71 -7.60 5.11 17.13
C ASP F 71 -8.29 4.86 18.46
N TYR F 72 -8.52 5.94 19.20
CA TYR F 72 -9.15 5.86 20.50
C TYR F 72 -10.54 6.48 20.47
N TYR F 73 -11.34 6.09 19.48
CA TYR F 73 -12.69 6.60 19.35
C TYR F 73 -13.63 5.41 19.48
N ARG F 74 -14.56 5.50 20.43
CA ARG F 74 -15.47 4.39 20.68
C ARG F 74 -16.49 4.18 19.57
N THR F 75 -16.89 2.92 19.39
CA THR F 75 -17.87 2.56 18.38
C THR F 75 -19.23 2.94 18.92
N ARG F 76 -20.23 2.91 18.05
CA ARG F 76 -21.57 3.20 18.49
C ARG F 76 -22.09 2.05 19.37
N LEU F 77 -21.51 0.84 19.24
CA LEU F 77 -21.98 -0.28 20.07
C LEU F 77 -21.55 -0.03 21.52
N THR F 78 -20.29 0.38 21.71
CA THR F 78 -19.77 0.64 23.03
C THR F 78 -20.54 1.75 23.72
N HIS F 79 -20.88 2.79 22.98
CA HIS F 79 -21.67 3.90 23.52
C HIS F 79 -23.04 3.40 24.01
N THR F 80 -23.66 2.57 23.19
CA THR F 80 -24.96 2.00 23.46
C THR F 80 -24.96 1.13 24.71
N LEU F 81 -23.89 0.37 24.90
CA LEU F 81 -23.74 -0.50 26.05
C LEU F 81 -23.64 0.38 27.30
N GLU F 82 -22.96 1.50 27.18
CA GLU F 82 -22.85 2.41 28.31
C GLU F 82 -24.19 3.09 28.63
N VAL F 83 -24.93 3.49 27.60
CA VAL F 83 -26.24 4.14 27.80
C VAL F 83 -27.18 3.12 28.43
N ALA F 84 -27.03 1.86 28.03
CA ALA F 84 -27.84 0.79 28.55
C ALA F 84 -27.55 0.60 30.03
N GLN F 85 -26.26 0.56 30.38
CA GLN F 85 -25.83 0.41 31.77
C GLN F 85 -26.22 1.59 32.64
N VAL F 86 -26.06 2.80 32.10
CA VAL F 86 -26.42 3.98 32.88
C VAL F 86 -27.96 4.07 33.00
N SER F 87 -28.65 3.74 31.93
CA SER F 87 -30.10 3.72 31.89
C SER F 87 -30.64 2.76 32.95
N ARG F 88 -30.19 1.51 32.88
CA ARG F 88 -30.61 0.49 33.80
C ARG F 88 -30.35 0.84 35.27
N SER F 89 -29.23 1.50 35.55
CA SER F 89 -28.91 1.87 36.94
C SER F 89 -29.89 2.89 37.49
N ILE F 90 -30.17 3.91 36.68
CA ILE F 90 -31.11 4.95 37.07
C ILE F 90 -32.46 4.28 37.28
N ALA F 91 -32.92 3.57 36.26
CA ALA F 91 -34.20 2.88 36.30
C ALA F 91 -34.40 2.08 37.58
N ARG F 92 -33.63 1.00 37.75
CA ARG F 92 -33.73 0.16 38.93
C ARG F 92 -33.85 0.97 40.20
N ALA F 93 -32.95 1.94 40.34
CA ALA F 93 -32.95 2.81 41.50
C ALA F 93 -34.29 3.55 41.68
N LEU F 94 -35.04 3.72 40.61
CA LEU F 94 -36.31 4.43 40.67
C LEU F 94 -37.50 3.49 40.58
N GLY F 95 -37.21 2.20 40.50
CA GLY F 95 -38.24 1.19 40.40
C GLY F 95 -38.95 1.11 39.06
N LEU F 96 -38.28 1.55 38.00
CA LEU F 96 -38.86 1.53 36.67
C LEU F 96 -38.65 0.19 35.99
N ASN F 97 -39.33 -0.02 34.86
CA ASN F 97 -39.16 -1.26 34.13
C ASN F 97 -37.75 -1.22 33.48
N GLU F 98 -36.86 -2.07 33.97
CA GLU F 98 -35.50 -2.14 33.49
C GLU F 98 -35.44 -2.73 32.06
N ASP F 99 -36.32 -3.69 31.78
CA ASP F 99 -36.37 -4.33 30.45
C ASP F 99 -36.80 -3.33 29.35
N LEU F 100 -37.75 -2.46 29.70
CA LEU F 100 -38.22 -1.47 28.74
C LEU F 100 -37.09 -0.47 28.54
N THR F 101 -36.48 -0.06 29.65
CA THR F 101 -35.39 0.88 29.62
C THR F 101 -34.27 0.34 28.73
N GLU F 102 -33.83 -0.89 29.00
CA GLU F 102 -32.78 -1.54 28.24
C GLU F 102 -33.15 -1.60 26.77
N ALA F 103 -34.32 -2.15 26.45
CA ALA F 103 -34.75 -2.25 25.06
C ALA F 103 -34.70 -0.92 24.29
N ILE F 104 -34.97 0.18 24.98
CA ILE F 104 -34.95 1.48 24.33
C ILE F 104 -33.52 1.99 24.15
N ALA F 105 -32.71 1.76 25.18
CA ALA F 105 -31.32 2.17 25.18
C ALA F 105 -30.54 1.45 24.07
N LEU F 106 -30.93 0.20 23.80
CA LEU F 106 -30.28 -0.62 22.79
C LEU F 106 -30.74 -0.35 21.35
N SER F 107 -31.91 0.26 21.18
CA SER F 107 -32.42 0.51 19.85
C SER F 107 -32.51 1.98 19.42
N HIS F 108 -32.42 2.90 20.36
CA HIS F 108 -32.58 4.30 20.04
C HIS F 108 -31.57 4.88 19.06
N ASP F 109 -30.37 4.34 19.02
CA ASP F 109 -29.35 4.87 18.12
C ASP F 109 -29.15 4.00 16.88
N LEU F 110 -30.13 3.17 16.57
CA LEU F 110 -30.06 2.29 15.42
C LEU F 110 -30.10 2.97 14.03
N GLY F 111 -30.75 4.12 13.94
CA GLY F 111 -30.89 4.82 12.68
C GLY F 111 -29.84 5.86 12.29
N HIS F 112 -28.71 5.85 12.96
CA HIS F 112 -27.66 6.80 12.60
C HIS F 112 -26.97 6.28 11.34
N PRO F 113 -26.61 7.18 10.42
CA PRO F 113 -25.92 6.73 9.21
C PRO F 113 -24.45 6.60 9.55
N PRO F 114 -23.62 6.12 8.61
CA PRO F 114 -22.19 6.00 8.93
C PRO F 114 -21.64 7.39 9.23
N PHE F 115 -20.54 7.41 9.98
CA PHE F 115 -19.86 8.65 10.33
C PHE F 115 -20.58 9.49 11.38
N HIS F 117 -23.21 10.86 13.49
CA HIS F 117 -22.87 12.12 14.14
C HIS F 117 -23.22 13.29 13.21
N THR F 118 -22.24 13.72 12.42
CA THR F 118 -22.38 14.80 11.46
C THR F 118 -22.90 14.14 10.18
N GLY F 119 -23.47 12.96 10.34
CA GLY F 119 -23.98 12.23 9.20
C GLY F 119 -25.45 12.42 8.99
N GLU F 120 -26.21 12.58 10.07
CA GLU F 120 -27.63 12.76 9.89
C GLU F 120 -27.89 14.12 9.30
N HIS F 121 -27.09 15.10 9.71
CA HIS F 121 -27.23 16.47 9.21
C HIS F 121 -26.95 16.52 7.72
N VAL F 122 -25.94 15.78 7.28
CA VAL F 122 -25.58 15.74 5.88
C VAL F 122 -26.69 15.12 5.04
N LEU F 123 -27.21 13.98 5.48
CA LEU F 123 -28.29 13.32 4.76
C LEU F 123 -29.59 14.14 4.79
N ASN F 124 -29.88 14.77 5.93
CA ASN F 124 -31.11 15.56 6.03
C ASN F 124 -31.07 16.70 5.04
N ALA F 125 -30.01 17.49 5.09
CA ALA F 125 -29.87 18.61 4.15
C ALA F 125 -30.09 18.05 2.75
N LEU F 126 -29.53 17.05 2.28
CA LEU F 126 -29.62 16.37 0.99
C LEU F 126 -31.06 15.94 0.78
N GLN F 128 -33.77 17.67 1.66
CA GLN F 128 -34.48 18.90 1.97
C GLN F 128 -35.87 18.79 1.34
N ASP F 129 -35.89 18.29 0.11
CA ASP F 129 -37.12 18.18 -0.66
C ASP F 129 -37.71 16.77 -0.77
N HIS F 130 -37.21 15.81 0.00
CA HIS F 130 -37.78 14.48 -0.13
C HIS F 130 -38.15 13.78 1.17
N GLY F 131 -38.42 14.57 2.20
CA GLY F 131 -38.80 14.00 3.48
C GLY F 131 -37.81 14.29 4.57
N GLY F 132 -36.59 14.66 4.20
CA GLY F 132 -35.58 14.95 5.20
C GLY F 132 -35.08 13.64 5.80
N PHE F 133 -34.17 13.74 6.77
CA PHE F 133 -33.66 12.55 7.42
C PHE F 133 -33.40 12.88 8.87
N GLU F 134 -33.94 12.05 9.75
CA GLU F 134 -33.80 12.25 11.19
C GLU F 134 -33.57 10.84 11.78
N HIS F 135 -32.53 10.68 12.61
CA HIS F 135 -32.20 9.35 13.13
C HIS F 135 -33.24 8.61 13.94
N ASN F 136 -33.94 9.29 14.84
CA ASN F 136 -34.95 8.59 15.61
C ASN F 136 -36.00 8.04 14.63
N ALA F 137 -36.38 8.82 13.63
CA ALA F 137 -37.35 8.32 12.66
C ALA F 137 -36.74 7.16 11.86
N GLN F 138 -35.44 7.22 11.57
CA GLN F 138 -34.79 6.12 10.85
C GLN F 138 -34.80 4.84 11.71
N ALA F 139 -34.55 4.98 13.00
CA ALA F 139 -34.56 3.80 13.86
C ALA F 139 -35.92 3.12 13.81
N LEU F 140 -36.98 3.93 13.80
CA LEU F 140 -38.33 3.39 13.74
C LEU F 140 -38.65 2.76 12.39
N ARG F 141 -38.14 3.38 11.31
CA ARG F 141 -38.38 2.88 9.96
C ARG F 141 -37.71 1.52 9.80
N ILE F 142 -36.55 1.37 10.43
CA ILE F 142 -35.81 0.12 10.38
C ILE F 142 -36.57 -0.97 11.14
N LEU F 143 -37.03 -0.63 12.34
CA LEU F 143 -37.71 -1.58 13.20
C LEU F 143 -39.13 -1.97 12.83
N THR F 144 -39.77 -1.21 11.95
CA THR F 144 -41.15 -1.53 11.53
C THR F 144 -41.25 -1.78 10.02
N HIS F 145 -40.19 -1.49 9.28
CA HIS F 145 -40.28 -1.63 7.85
C HIS F 145 -39.08 -2.25 7.13
N LEU F 146 -37.90 -1.69 7.38
CA LEU F 146 -36.65 -2.12 6.74
C LEU F 146 -36.10 -3.51 7.08
N GLU F 147 -35.89 -3.80 8.36
CA GLU F 147 -35.37 -5.13 8.69
C GLU F 147 -36.47 -6.18 8.49
N VAL F 148 -36.08 -7.28 7.86
CA VAL F 148 -36.98 -8.40 7.61
C VAL F 148 -36.30 -9.62 8.24
N ARG F 149 -36.74 -10.01 9.43
CA ARG F 149 -36.16 -11.17 10.12
C ARG F 149 -37.22 -12.25 10.37
N TYR F 150 -38.46 -11.99 9.98
CA TYR F 150 -39.54 -12.96 10.18
C TYR F 150 -40.41 -13.07 8.92
N PRO F 151 -40.69 -14.29 8.48
CA PRO F 151 -41.51 -14.54 7.28
C PRO F 151 -42.90 -13.92 7.30
N GLY F 152 -43.49 -13.84 8.49
CA GLY F 152 -44.83 -13.30 8.62
C GLY F 152 -45.09 -11.81 8.49
N PHE F 153 -44.05 -10.99 8.36
CA PHE F 153 -44.25 -9.54 8.26
C PHE F 153 -42.93 -8.77 8.16
N ARG F 154 -43.02 -7.46 7.91
CA ARG F 154 -41.84 -6.61 7.82
C ARG F 154 -41.56 -5.93 9.15
N GLY F 155 -40.30 -5.89 9.53
CA GLY F 155 -39.94 -5.27 10.80
C GLY F 155 -39.78 -6.29 11.91
N LEU F 156 -39.74 -5.81 13.15
CA LEU F 156 -39.58 -6.65 14.31
C LEU F 156 -40.87 -6.85 15.12
N ASN F 157 -41.93 -6.16 14.73
CA ASN F 157 -43.20 -6.29 15.43
C ASN F 157 -43.01 -6.03 16.93
N LEU F 158 -42.36 -4.91 17.23
CA LEU F 158 -42.09 -4.55 18.62
C LEU F 158 -43.33 -4.05 19.35
N THR F 159 -43.25 -4.05 20.68
CA THR F 159 -44.35 -3.59 21.50
C THR F 159 -44.48 -2.09 21.34
N TYR F 160 -45.68 -1.60 21.62
CA TYR F 160 -45.98 -0.18 21.52
C TYR F 160 -45.02 0.69 22.34
N GLU F 161 -44.79 0.34 23.60
CA GLU F 161 -43.89 1.18 24.38
C GLU F 161 -42.40 1.21 24.04
N VAL F 162 -41.88 0.27 23.24
CA VAL F 162 -40.47 0.41 22.87
C VAL F 162 -40.46 1.52 21.79
N LEU F 163 -41.34 1.35 20.80
CA LEU F 163 -41.47 2.31 19.70
C LEU F 163 -41.73 3.71 20.23
N GLU F 164 -42.71 3.86 21.11
CA GLU F 164 -43.04 5.15 21.69
C GLU F 164 -41.81 5.75 22.34
N GLY F 165 -41.07 4.90 23.03
CA GLY F 165 -39.86 5.38 23.71
C GLY F 165 -38.84 5.96 22.72
N ILE F 166 -38.65 5.25 21.62
CA ILE F 166 -37.73 5.68 20.58
C ILE F 166 -38.29 7.02 20.07
N ALA F 167 -39.58 7.05 19.74
CA ALA F 167 -40.21 8.27 19.25
C ALA F 167 -40.36 9.44 20.23
N THR F 168 -40.44 9.18 21.54
CA THR F 168 -40.63 10.29 22.49
C THR F 168 -39.43 10.69 23.33
N HIS F 169 -38.50 9.76 23.55
CA HIS F 169 -37.35 10.03 24.39
C HIS F 169 -36.55 11.30 24.05
N GLU F 170 -36.47 11.66 22.78
CA GLU F 170 -35.76 12.89 22.40
C GLU F 170 -36.80 13.94 22.03
N ALA F 171 -36.35 15.12 21.58
CA ALA F 171 -37.30 16.17 21.20
C ALA F 171 -36.79 17.08 20.09
N LEU F 180 -47.79 9.20 14.48
CA LEU F 180 -46.86 9.57 15.53
C LEU F 180 -47.31 9.02 16.89
N TYR F 181 -46.51 9.26 17.91
CA TYR F 181 -46.78 8.83 19.26
C TYR F 181 -46.90 10.06 20.11
N GLU F 182 -48.11 10.36 20.57
CA GLU F 182 -48.33 11.54 21.38
C GLU F 182 -47.95 11.32 22.85
N GLY F 183 -47.79 12.41 23.60
CA GLY F 183 -47.43 12.30 24.99
C GLY F 183 -46.00 12.67 25.36
N GLN F 184 -45.53 12.14 26.47
CA GLN F 184 -44.19 12.43 26.92
C GLN F 184 -43.37 11.15 27.04
N GLY F 185 -44.01 10.02 26.72
CA GLY F 185 -43.35 8.73 26.83
C GLY F 185 -43.22 8.27 28.28
N THR F 186 -42.89 7.00 28.47
CA THR F 186 -42.71 6.47 29.80
C THR F 186 -41.51 7.17 30.43
N LEU F 187 -41.43 7.16 31.75
CA LEU F 187 -40.30 7.79 32.44
C LEU F 187 -39.05 6.96 32.05
N GLU F 188 -39.29 5.72 31.64
CA GLU F 188 -38.20 4.84 31.23
C GLU F 188 -37.51 5.45 30.00
N ALA F 189 -38.30 5.83 29.00
CA ALA F 189 -37.78 6.41 27.78
C ALA F 189 -37.07 7.71 28.10
N GLN F 190 -37.65 8.46 29.03
CA GLN F 190 -37.03 9.73 29.41
C GLN F 190 -35.69 9.49 30.08
N VAL F 191 -35.57 8.41 30.83
CA VAL F 191 -34.32 8.11 31.50
C VAL F 191 -33.23 7.80 30.46
N VAL F 192 -33.58 7.03 29.45
CA VAL F 192 -32.65 6.68 28.37
C VAL F 192 -31.99 7.95 27.72
N ASP F 193 -32.78 8.98 27.43
CA ASP F 193 -32.18 10.15 26.84
C ASP F 193 -31.23 10.88 27.78
N LEU F 194 -31.57 10.94 29.07
CA LEU F 194 -30.69 11.60 30.03
C LEU F 194 -29.41 10.79 30.20
N SER F 195 -29.55 9.47 30.10
CA SER F 195 -28.42 8.58 30.26
C SER F 195 -27.51 8.68 29.03
N ASP F 196 -28.09 9.02 27.88
CA ASP F 196 -27.36 9.19 26.63
C ASP F 196 -26.42 10.38 26.85
N ALA F 197 -27.01 11.50 27.27
CA ALA F 197 -26.24 12.72 27.53
C ALA F 197 -25.11 12.50 28.54
N ILE F 198 -25.43 11.88 29.66
CA ILE F 198 -24.42 11.61 30.69
C ILE F 198 -23.31 10.78 30.04
N ALA F 199 -23.71 9.74 29.33
CA ALA F 199 -22.77 8.86 28.65
C ALA F 199 -21.88 9.61 27.65
N TYR F 200 -22.48 10.47 26.84
CA TYR F 200 -21.74 11.24 25.86
C TYR F 200 -20.62 12.00 26.50
N ALA F 201 -21.02 12.83 27.45
CA ALA F 201 -20.12 13.69 28.18
C ALA F 201 -18.93 12.97 28.78
N ALA F 202 -19.22 11.91 29.51
CA ALA F 202 -18.19 11.13 30.16
C ALA F 202 -17.21 10.44 29.20
N HIS F 203 -17.75 9.79 28.16
CA HIS F 203 -16.95 9.07 27.20
C HIS F 203 -16.22 9.95 26.20
N ASP F 204 -16.87 11.03 25.76
CA ASP F 204 -16.20 11.92 24.84
C ASP F 204 -14.95 12.39 25.54
N LEU F 205 -15.10 12.76 26.80
CA LEU F 205 -13.98 13.24 27.61
C LEU F 205 -12.87 12.17 27.68
N ASP F 206 -13.27 10.93 27.95
CA ASP F 206 -12.30 9.85 28.03
C ASP F 206 -11.61 9.70 26.69
N ASP F 207 -12.39 9.53 25.63
CA ASP F 207 -11.84 9.40 24.29
C ASP F 207 -11.01 10.64 23.92
N GLY F 208 -11.47 11.79 24.38
CA GLY F 208 -10.75 13.03 24.09
C GLY F 208 -9.33 12.99 24.61
N PHE F 209 -9.20 12.59 25.87
CA PHE F 209 -7.89 12.52 26.48
C PHE F 209 -7.05 11.43 25.88
N ARG F 210 -7.63 10.25 25.72
CA ARG F 210 -6.91 9.13 25.15
C ARG F 210 -6.32 9.49 23.80
N ALA F 211 -7.17 10.01 22.92
CA ALA F 211 -6.77 10.38 21.59
C ALA F 211 -5.69 11.46 21.61
N GLY F 212 -5.44 12.04 22.78
CA GLY F 212 -4.43 13.08 22.89
C GLY F 212 -4.91 14.44 22.38
N LEU F 213 -6.23 14.60 22.23
CA LEU F 213 -6.83 15.85 21.76
C LEU F 213 -7.18 16.82 22.89
N LEU F 214 -7.47 16.26 24.06
CA LEU F 214 -7.80 17.04 25.25
C LEU F 214 -6.56 17.02 26.15
N HIS F 215 -6.14 18.18 26.62
CA HIS F 215 -4.98 18.25 27.49
C HIS F 215 -5.33 18.46 28.96
N PRO F 216 -4.53 17.86 29.84
CA PRO F 216 -4.73 17.96 31.30
C PRO F 216 -4.25 19.33 31.75
N GLU F 217 -5.15 20.30 31.65
CA GLU F 217 -4.86 21.68 32.04
C GLU F 217 -6.12 22.40 31.64
N GLU F 218 -6.82 21.78 30.71
CA GLU F 218 -8.07 22.30 30.20
C GLU F 218 -9.21 21.84 31.13
N LEU F 219 -8.90 21.00 32.08
CA LEU F 219 -9.91 20.53 33.04
C LEU F 219 -10.41 21.70 33.85
N LYS F 220 -9.56 22.71 33.97
CA LYS F 220 -9.85 23.94 34.69
C LYS F 220 -11.03 24.71 34.07
N GLU F 221 -11.32 24.40 32.81
CA GLU F 221 -12.40 25.08 32.11
C GLU F 221 -13.78 24.59 32.52
N VAL F 222 -13.84 23.53 33.30
CA VAL F 222 -15.13 23.01 33.75
C VAL F 222 -15.06 22.84 35.25
N GLU F 223 -15.80 23.68 35.98
CA GLU F 223 -15.76 23.62 37.44
C GLU F 223 -15.91 22.21 37.98
N LEU F 224 -16.86 21.46 37.46
CA LEU F 224 -17.07 20.09 37.91
C LEU F 224 -15.81 19.26 37.69
N LEU F 225 -15.21 19.43 36.51
CA LEU F 225 -13.99 18.69 36.17
C LEU F 225 -12.89 19.02 37.17
N GLN F 226 -12.71 20.31 37.44
CA GLN F 226 -11.69 20.76 38.37
C GLN F 226 -11.97 20.29 39.80
N ALA F 227 -13.21 20.46 40.25
CA ALA F 227 -13.56 20.06 41.62
C ALA F 227 -13.29 18.58 41.88
N LEU F 228 -13.59 17.71 40.92
CA LEU F 228 -13.38 16.28 41.07
C LEU F 228 -11.90 15.95 41.09
N ALA F 229 -11.17 16.46 40.10
CA ALA F 229 -9.74 16.21 40.01
C ALA F 229 -9.02 16.72 41.26
N LEU F 230 -9.46 17.87 41.77
CA LEU F 230 -8.81 18.45 42.94
C LEU F 230 -9.22 17.69 44.20
N GLU F 231 -10.50 17.36 44.32
CA GLU F 231 -11.02 16.63 45.47
C GLU F 231 -10.39 15.23 45.64
N GLU F 232 -9.94 14.62 44.53
CA GLU F 232 -9.33 13.29 44.57
C GLU F 232 -7.81 13.36 44.49
N GLY F 233 -7.28 14.57 44.50
CA GLY F 233 -5.84 14.74 44.44
C GLY F 233 -5.24 14.25 43.12
N LEU F 234 -5.99 14.37 42.04
CA LEU F 234 -5.50 13.94 40.73
C LEU F 234 -4.30 14.74 40.25
N ASP F 235 -3.63 14.22 39.22
CA ASP F 235 -2.46 14.87 38.65
C ASP F 235 -2.93 15.77 37.50
N LEU F 236 -3.36 16.97 37.85
CA LEU F 236 -3.88 17.94 36.88
C LEU F 236 -2.86 18.55 35.90
N LEU F 237 -1.59 18.18 36.02
CA LEU F 237 -0.57 18.71 35.11
C LEU F 237 -0.37 17.71 33.99
N ARG F 238 -0.47 16.44 34.35
CA ARG F 238 -0.37 15.30 33.45
C ARG F 238 -1.37 14.33 34.04
N LEU F 239 -2.45 14.07 33.32
CA LEU F 239 -3.50 13.18 33.81
C LEU F 239 -3.20 11.73 33.46
N PRO F 240 -2.31 11.07 34.23
CA PRO F 240 -1.98 9.69 33.94
C PRO F 240 -3.18 8.77 33.87
N GLU F 241 -2.98 7.62 33.24
CA GLU F 241 -4.03 6.64 33.07
C GLU F 241 -4.94 6.44 34.28
N LEU F 242 -4.36 6.10 35.41
CA LEU F 242 -5.12 5.84 36.63
C LEU F 242 -6.01 7.02 37.01
N ASP F 243 -5.47 8.23 36.85
CA ASP F 243 -6.18 9.44 37.20
C ASP F 243 -7.36 9.75 36.29
N ARG F 244 -7.20 9.48 35.01
CA ARG F 244 -8.27 9.73 34.05
C ARG F 244 -9.42 8.79 34.36
N ARG F 245 -9.08 7.54 34.65
CA ARG F 245 -10.08 6.54 34.95
C ARG F 245 -10.84 6.90 36.19
N VAL F 246 -10.18 7.55 37.14
CA VAL F 246 -10.85 7.95 38.38
C VAL F 246 -11.77 9.13 38.05
N LEU F 247 -11.29 10.00 37.17
CA LEU F 247 -12.06 11.19 36.80
C LEU F 247 -13.35 10.81 36.08
N VAL F 248 -13.26 9.88 35.13
CA VAL F 248 -14.43 9.48 34.38
C VAL F 248 -15.44 8.77 35.27
N ARG F 249 -14.99 7.83 36.10
CA ARG F 249 -15.92 7.12 36.98
C ARG F 249 -16.60 8.08 37.96
N GLN F 250 -15.85 9.00 38.54
CA GLN F 250 -16.44 9.95 39.49
C GLN F 250 -17.45 10.87 38.80
N LEU F 251 -17.18 11.19 37.53
CA LEU F 251 -18.08 12.07 36.78
C LEU F 251 -19.39 11.33 36.54
N LEU F 252 -19.31 10.06 36.14
CA LEU F 252 -20.51 9.27 35.90
C LEU F 252 -21.36 9.16 37.18
N GLY F 253 -20.68 8.94 38.31
CA GLY F 253 -21.35 8.78 39.60
C GLY F 253 -22.04 10.05 40.02
N TYR F 254 -21.43 11.17 39.69
CA TYR F 254 -22.00 12.43 40.04
C TYR F 254 -23.31 12.61 39.29
N PHE F 255 -23.33 12.22 38.02
CA PHE F 255 -24.54 12.39 37.22
C PHE F 255 -25.58 11.33 37.47
N ILE F 256 -25.14 10.09 37.68
CA ILE F 256 -26.09 9.03 37.96
C ILE F 256 -26.85 9.37 39.25
N THR F 257 -26.11 9.83 40.25
CA THR F 257 -26.67 10.20 41.54
C THR F 257 -27.63 11.39 41.43
N ALA F 258 -27.18 12.48 40.80
CA ALA F 258 -27.99 13.67 40.64
C ALA F 258 -29.27 13.32 39.91
N ALA F 259 -29.14 12.49 38.88
CA ALA F 259 -30.28 12.04 38.11
C ALA F 259 -31.27 11.28 38.99
N ILE F 260 -30.74 10.38 39.84
CA ILE F 260 -31.64 9.61 40.68
C ILE F 260 -32.40 10.51 41.66
N GLU F 261 -31.65 11.33 42.39
CA GLU F 261 -32.26 12.20 43.37
C GLU F 261 -33.24 13.20 42.73
N ALA F 262 -32.77 14.01 41.79
CA ALA F 262 -33.64 15.01 41.17
C ALA F 262 -34.90 14.39 40.57
N THR F 263 -34.75 13.23 39.94
CA THR F 263 -35.91 12.60 39.33
C THR F 263 -36.89 12.09 40.37
N HIS F 264 -36.37 11.63 41.51
CA HIS F 264 -37.25 11.17 42.57
C HIS F 264 -38.05 12.40 43.00
N ARG F 265 -37.36 13.51 43.26
CA ARG F 265 -38.02 14.74 43.67
C ARG F 265 -39.16 15.09 42.71
N ARG F 266 -38.81 15.44 41.48
CA ARG F 266 -39.80 15.80 40.48
C ARG F 266 -40.90 14.78 40.30
N VAL F 267 -40.62 13.51 40.54
CA VAL F 267 -41.65 12.50 40.36
C VAL F 267 -42.60 12.55 41.57
N GLU F 268 -42.03 12.69 42.76
CA GLU F 268 -42.85 12.77 43.95
C GLU F 268 -43.70 14.03 43.87
N GLU F 269 -43.04 15.17 43.76
CA GLU F 269 -43.73 16.45 43.71
C GLU F 269 -44.80 16.57 42.62
N ALA F 270 -44.81 15.64 41.67
CA ALA F 270 -45.79 15.68 40.58
C ALA F 270 -46.95 14.74 40.90
N GLY F 271 -46.71 13.81 41.81
CA GLY F 271 -47.74 12.88 42.21
C GLY F 271 -48.17 11.81 41.23
N VAL F 272 -47.43 11.66 40.13
CA VAL F 272 -47.80 10.63 39.15
C VAL F 272 -47.92 9.27 39.86
N GLN F 273 -48.93 8.49 39.49
CA GLN F 273 -49.17 7.20 40.10
C GLN F 273 -49.26 6.08 39.07
N SER F 274 -48.91 6.40 37.82
CA SER F 274 -48.93 5.41 36.76
C SER F 274 -48.09 5.87 35.57
N ALA F 275 -47.74 4.91 34.72
CA ALA F 275 -46.94 5.20 33.54
C ALA F 275 -47.78 6.13 32.65
N GLU F 276 -49.09 5.94 32.69
CA GLU F 276 -49.98 6.71 31.88
C GLU F 276 -49.95 8.17 32.31
N ALA F 277 -49.80 8.40 33.61
CA ALA F 277 -49.74 9.76 34.12
C ALA F 277 -48.47 10.46 33.67
N VAL F 278 -47.34 9.75 33.69
CA VAL F 278 -46.06 10.32 33.27
C VAL F 278 -46.22 10.81 31.81
N ARG F 279 -46.86 10.00 30.98
CA ARG F 279 -47.11 10.33 29.57
C ARG F 279 -47.91 11.62 29.40
N ARG F 280 -49.05 11.71 30.07
CA ARG F 280 -49.91 12.86 29.96
C ARG F 280 -49.49 14.04 30.81
N HIS F 281 -48.31 13.97 31.41
CA HIS F 281 -47.84 15.08 32.26
C HIS F 281 -47.40 16.30 31.44
N PRO F 282 -47.83 17.49 31.85
CA PRO F 282 -47.47 18.74 31.13
C PRO F 282 -45.97 18.96 30.97
N SER F 283 -45.16 18.13 31.61
CA SER F 283 -43.71 18.28 31.50
C SER F 283 -43.00 16.96 31.69
N ARG F 284 -41.75 16.90 31.23
CA ARG F 284 -40.93 15.71 31.37
C ARG F 284 -40.47 15.64 32.83
N LEU F 285 -40.35 14.44 33.37
CA LEU F 285 -39.95 14.28 34.77
C LEU F 285 -38.48 13.88 35.02
N ALA F 286 -37.88 13.09 34.12
CA ALA F 286 -36.47 12.71 34.30
C ALA F 286 -35.61 13.97 34.30
N ALA F 287 -34.83 14.17 35.37
CA ALA F 287 -34.00 15.37 35.49
C ALA F 287 -32.72 15.15 36.25
N LEU F 288 -31.88 16.16 36.22
CA LEU F 288 -30.58 16.15 36.86
C LEU F 288 -30.51 17.09 38.06
N GLY F 289 -31.47 18.00 38.16
CA GLY F 289 -31.43 18.97 39.25
C GLY F 289 -30.67 20.15 38.72
N GLU F 290 -30.84 21.32 39.34
CA GLU F 290 -30.16 22.54 38.89
C GLU F 290 -28.64 22.48 38.79
N GLU F 291 -27.97 22.10 39.87
CA GLU F 291 -26.52 22.03 39.88
C GLU F 291 -25.93 21.14 38.79
N ALA F 292 -26.39 19.89 38.71
CA ALA F 292 -25.89 18.96 37.70
C ALA F 292 -26.27 19.41 36.30
N GLU F 293 -27.46 20.00 36.16
CA GLU F 293 -27.92 20.44 34.87
C GLU F 293 -26.97 21.44 34.20
N LYS F 294 -26.54 22.46 34.96
CA LYS F 294 -25.62 23.44 34.37
C LYS F 294 -24.21 22.88 34.25
N ALA F 295 -23.84 21.97 35.15
CA ALA F 295 -22.51 21.37 35.08
C ALA F 295 -22.40 20.62 33.77
N LEU F 296 -23.40 19.80 33.50
CA LEU F 296 -23.42 19.03 32.26
C LEU F 296 -23.42 19.99 31.06
N LYS F 297 -24.12 21.12 31.16
CA LYS F 297 -24.14 22.03 30.03
C LYS F 297 -22.75 22.61 29.79
N ALA F 298 -22.12 23.05 30.88
CA ALA F 298 -20.79 23.61 30.79
C ALA F 298 -19.82 22.57 30.23
N LEU F 299 -20.09 21.29 30.51
CA LEU F 299 -19.24 20.19 30.05
C LEU F 299 -19.46 19.93 28.56
N LYS F 300 -20.72 20.03 28.12
CA LYS F 300 -21.04 19.82 26.72
C LYS F 300 -20.48 20.96 25.87
N ALA F 301 -20.50 22.17 26.41
CA ALA F 301 -19.99 23.35 25.72
C ALA F 301 -18.47 23.23 25.55
N PHE F 302 -17.80 22.70 26.58
CA PHE F 302 -16.35 22.50 26.55
C PHE F 302 -15.93 21.38 25.57
N LEU F 303 -16.73 20.33 25.46
CA LEU F 303 -16.44 19.25 24.54
C LEU F 303 -16.68 19.72 23.09
N GLU F 305 -16.51 22.85 21.86
CA GLU F 305 -15.39 23.72 21.56
C GLU F 305 -14.01 23.03 21.43
N ARG F 306 -13.56 22.35 22.49
CA ARG F 306 -12.24 21.73 22.45
C ARG F 306 -12.05 20.40 21.74
N PHE F 307 -13.06 19.53 21.72
CA PHE F 307 -12.89 18.23 21.08
C PHE F 307 -13.51 18.14 19.69
N TYR F 308 -14.78 18.51 19.59
CA TYR F 308 -15.52 18.45 18.33
C TYR F 308 -15.01 19.43 17.28
N ARG F 309 -14.59 20.62 17.71
CA ARG F 309 -14.07 21.65 16.83
C ARG F 309 -12.55 21.60 16.82
N HIS F 310 -12.00 20.45 17.19
CA HIS F 310 -10.55 20.35 17.19
C HIS F 310 -10.15 20.23 15.72
N PRO F 311 -9.07 20.91 15.33
CA PRO F 311 -8.60 20.86 13.95
C PRO F 311 -8.60 19.45 13.37
N GLU F 312 -8.00 18.51 14.07
CA GLU F 312 -7.97 17.14 13.57
C GLU F 312 -9.34 16.50 13.47
N VAL F 313 -10.22 16.77 14.44
CA VAL F 313 -11.54 16.17 14.36
C VAL F 313 -12.33 16.83 13.23
N LEU F 314 -12.16 18.12 13.03
CA LEU F 314 -12.91 18.80 11.97
C LEU F 314 -12.51 18.30 10.59
N ARG F 315 -11.27 17.87 10.45
CA ARG F 315 -10.79 17.38 9.18
C ARG F 315 -11.44 16.06 8.79
N GLU F 316 -11.53 15.12 9.74
CA GLU F 316 -12.15 13.85 9.38
C GLU F 316 -13.65 14.02 9.14
N ARG F 317 -14.23 15.06 9.72
CA ARG F 317 -15.65 15.32 9.51
C ARG F 317 -15.87 15.76 8.06
N ARG F 318 -15.16 16.80 7.64
CA ARG F 318 -15.28 17.29 6.26
C ARG F 318 -15.17 16.12 5.30
N LYS F 319 -14.20 15.23 5.56
CA LYS F 319 -14.04 14.06 4.72
C LYS F 319 -15.27 13.16 4.72
N ALA F 320 -15.81 12.89 5.92
CA ALA F 320 -17.00 12.07 6.05
C ALA F 320 -18.13 12.74 5.26
N GLU F 321 -18.23 14.06 5.36
CA GLU F 321 -19.29 14.78 4.63
C GLU F 321 -19.15 14.52 3.13
N ALA F 322 -17.90 14.60 2.63
CA ALA F 322 -17.62 14.39 1.22
C ALA F 322 -18.05 13.01 0.75
N VAL F 323 -17.76 11.99 1.54
CA VAL F 323 -18.13 10.64 1.17
C VAL F 323 -19.64 10.52 0.98
N LEU F 324 -20.42 10.92 1.98
CA LEU F 324 -21.86 10.79 1.86
C LEU F 324 -22.44 11.59 0.70
N GLU F 325 -21.97 12.82 0.54
CA GLU F 325 -22.44 13.66 -0.55
C GLU F 325 -22.06 13.03 -1.88
N GLY F 326 -20.91 12.37 -1.90
CA GLY F 326 -20.45 11.72 -3.11
C GLY F 326 -21.33 10.53 -3.42
N LEU F 327 -21.64 9.74 -2.38
CA LEU F 327 -22.48 8.58 -2.56
C LEU F 327 -23.88 9.02 -3.01
N PHE F 328 -24.43 10.00 -2.32
CA PHE F 328 -25.77 10.48 -2.66
C PHE F 328 -25.89 10.94 -4.12
N ALA F 329 -25.01 11.85 -4.52
CA ALA F 329 -25.05 12.38 -5.88
C ALA F 329 -24.90 11.24 -6.89
N ALA F 330 -23.88 10.40 -6.67
CA ALA F 330 -23.65 9.28 -7.56
C ALA F 330 -24.86 8.34 -7.73
N TYR F 331 -25.46 7.89 -6.63
CA TYR F 331 -26.59 6.96 -6.74
C TYR F 331 -27.89 7.56 -7.24
N THR F 332 -28.13 8.84 -6.96
CA THR F 332 -29.38 9.42 -7.44
C THR F 332 -29.22 9.82 -8.90
N ARG F 333 -28.06 10.34 -9.28
CA ARG F 333 -27.85 10.72 -10.67
C ARG F 333 -27.76 9.45 -11.50
N TYR F 334 -27.10 8.42 -10.95
CA TYR F 334 -26.95 7.16 -11.66
C TYR F 334 -27.47 5.97 -10.82
N PRO F 335 -28.79 5.75 -10.84
CA PRO F 335 -29.47 4.67 -10.11
C PRO F 335 -28.94 3.28 -10.47
N GLU F 336 -28.58 3.14 -11.74
CA GLU F 336 -28.05 1.90 -12.31
C GLU F 336 -26.80 1.40 -11.56
N LEU F 337 -26.19 2.27 -10.79
CA LEU F 337 -25.00 1.95 -10.01
C LEU F 337 -25.38 1.25 -8.71
N LEU F 338 -26.66 1.31 -8.34
CA LEU F 338 -27.14 0.68 -7.10
C LEU F 338 -27.25 -0.83 -7.20
N PRO F 339 -27.20 -1.52 -6.04
CA PRO F 339 -27.32 -2.99 -6.06
C PRO F 339 -28.73 -3.25 -6.59
N ARG F 340 -28.94 -4.35 -7.31
CA ARG F 340 -30.27 -4.66 -7.85
C ARG F 340 -31.31 -4.63 -6.72
N GLU F 341 -30.93 -5.16 -5.55
CA GLU F 341 -31.81 -5.21 -4.39
C GLU F 341 -32.37 -3.84 -4.07
N VAL F 342 -31.50 -2.83 -4.05
CA VAL F 342 -31.93 -1.48 -3.74
C VAL F 342 -32.70 -0.85 -4.89
N GLN F 343 -32.28 -1.12 -6.12
CA GLN F 343 -32.96 -0.58 -7.30
C GLN F 343 -34.44 -1.00 -7.27
N ALA F 344 -34.69 -2.22 -6.80
CA ALA F 344 -36.04 -2.75 -6.73
C ALA F 344 -36.95 -1.99 -5.74
N LYS F 345 -36.36 -1.36 -4.74
CA LYS F 345 -37.14 -0.65 -3.74
C LYS F 345 -37.53 0.76 -4.19
N ILE F 346 -37.00 1.19 -5.34
CA ILE F 346 -37.29 2.52 -5.83
C ILE F 346 -38.75 2.73 -6.20
N PRO F 347 -39.41 1.70 -6.76
CA PRO F 347 -40.82 1.94 -7.08
C PRO F 347 -41.62 2.18 -5.79
N GLU F 348 -41.38 1.33 -4.79
CA GLU F 348 -42.07 1.42 -3.51
C GLU F 348 -41.77 2.70 -2.71
N GLU F 349 -40.49 3.04 -2.58
CA GLU F 349 -40.07 4.19 -1.78
C GLU F 349 -39.66 5.46 -2.50
N GLY F 350 -39.42 5.36 -3.80
CA GLY F 350 -38.98 6.53 -4.54
C GLY F 350 -37.46 6.54 -4.50
N LEU F 351 -36.85 7.08 -5.57
CA LEU F 351 -35.41 7.14 -5.73
C LEU F 351 -34.63 7.69 -4.54
N GLU F 352 -34.96 8.93 -4.17
CA GLU F 352 -34.27 9.59 -3.07
C GLU F 352 -34.33 8.76 -1.78
N ARG F 353 -35.53 8.39 -1.37
CA ARG F 353 -35.69 7.59 -0.14
C ARG F 353 -34.94 6.26 -0.19
N ALA F 354 -35.08 5.54 -1.29
CA ALA F 354 -34.41 4.25 -1.43
C ALA F 354 -32.89 4.40 -1.28
N VAL F 355 -32.35 5.47 -1.87
CA VAL F 355 -30.91 5.75 -1.79
C VAL F 355 -30.51 6.16 -0.38
N CYS F 356 -31.34 6.98 0.26
CA CYS F 356 -31.06 7.45 1.62
C CYS F 356 -30.99 6.24 2.56
N ASP F 357 -31.96 5.33 2.45
CA ASP F 357 -32.01 4.15 3.28
C ASP F 357 -30.76 3.29 3.11
N TYR F 358 -30.30 3.19 1.86
CA TYR F 358 -29.13 2.39 1.53
C TYR F 358 -27.87 3.00 2.13
N ILE F 359 -27.74 4.31 2.00
CA ILE F 359 -26.58 4.96 2.57
C ILE F 359 -26.61 4.93 4.09
N ALA F 360 -27.78 5.19 4.68
CA ALA F 360 -27.92 5.21 6.13
C ALA F 360 -27.66 3.85 6.80
N GLY F 361 -27.96 2.76 6.09
CA GLY F 361 -27.75 1.44 6.66
C GLY F 361 -26.33 0.89 6.55
N THR F 363 -22.12 0.52 7.12
CA THR F 363 -21.09 0.59 8.14
C THR F 363 -20.11 1.65 7.62
N ASP F 364 -19.24 2.17 8.48
CA ASP F 364 -18.25 3.19 8.07
C ASP F 364 -17.30 2.72 6.99
N ARG F 365 -16.73 1.53 7.18
CA ARG F 365 -15.80 1.00 6.21
C ARG F 365 -16.45 0.77 4.84
N PHE F 366 -17.64 0.17 4.83
CA PHE F 366 -18.33 -0.09 3.58
C PHE F 366 -18.64 1.20 2.85
N ALA F 367 -19.01 2.24 3.59
CA ALA F 367 -19.33 3.52 2.99
C ALA F 367 -18.08 4.14 2.36
N LEU F 368 -16.98 4.03 3.06
CA LEU F 368 -15.72 4.58 2.56
C LEU F 368 -15.30 3.82 1.29
N GLU F 369 -15.32 2.49 1.37
CA GLU F 369 -14.94 1.67 0.23
C GLU F 369 -15.90 1.88 -0.92
N ALA F 370 -17.18 2.05 -0.62
CA ALA F 370 -18.14 2.24 -1.71
C ALA F 370 -17.80 3.53 -2.44
N TYR F 371 -17.43 4.54 -1.68
CA TYR F 371 -17.07 5.84 -2.25
C TYR F 371 -15.80 5.71 -3.08
N ARG F 372 -14.83 4.94 -2.58
CA ARG F 372 -13.58 4.80 -3.31
C ARG F 372 -13.77 4.09 -4.64
N ARG F 373 -14.68 3.13 -4.68
CA ARG F 373 -14.94 2.34 -5.87
C ARG F 373 -15.64 3.10 -7.00
N LEU F 374 -16.05 4.33 -6.72
CA LEU F 374 -16.73 5.16 -7.71
C LEU F 374 -15.71 5.97 -8.53
N SER F 375 -14.47 6.05 -8.05
CA SER F 375 -13.41 6.77 -8.74
C SER F 375 -12.28 5.83 -9.13
N PRO F 376 -11.55 6.16 -10.21
CA PRO F 376 -10.42 5.42 -10.77
C PRO F 376 -9.37 4.95 -9.77
#